data_7RW5
#
_entry.id   7RW5
#
_cell.length_a   68.237
_cell.length_b   103.990
_cell.length_c   113.972
_cell.angle_alpha   90.000
_cell.angle_beta   93.473
_cell.angle_gamma   90.000
#
_symmetry.space_group_name_H-M   'P 1 21 1'
#
loop_
_entity.id
_entity.type
_entity.pdbx_description
1 polymer 'S-adenosylmethionine synthase isoform type-2'
2 non-polymer S-ADENOSYLMETHIONINE
3 non-polymer "(3'R)-N-(cyclopropylmethyl)-1'-[(2-fluorophenyl)methyl]-4-methyl-5H,7H-spiro[pyrano[4,3-d]pyrimidine-8,3'-pyrrolidin]-2-amine"
4 water water
#
_entity_poly.entity_id   1
_entity_poly.type   'polypeptide(L)'
_entity_poly.pdbx_seq_one_letter_code
;SMNGQLNGFHEAFIEEGTFLFTSESVGEGHPDKICDQISDAVLDAHLQQDPDAKVACETVAKTGMILLAGEITSRAAVDY
QKVVREAVKHIGYDDSSKGFDYKTCNVLVALEQQSPDIAQGVHLDRNEEDIGAGDQGLMFGYATDETEECMPLTIVLAHK
LNAKLAELRRNGTLPWLRPDSKTQVTVQYMQDRGAVLPIRVHTIVISVQHDEEVCLDEMRDALKEKVIKAVVPAKYLDED
TIYHLQPSGRFVIGGPQGDAGLTGRKIIVDTYGGWGAHGGGAFSGKDYTKVDRSAAYAARWVAKSLVKGGLCRRVLVQVS
YAIGVSHPLSISIFHYGTSQKSERELLEIVKKNFDLRPGVIVRDLDLKKPIYQRTAAYGHFGRDSFPWEVPKKLKY
;
_entity_poly.pdbx_strand_id   A,B,C,D
#
loop_
_chem_comp.id
_chem_comp.type
_chem_comp.name
_chem_comp.formula
7U2 non-polymer (3'R)-N-(cyclopropylmethyl)-1'-[(2-fluorophenyl)methyl]-4-methyl-5H,7H-spiro[pyrano[4,3-d]pyrimidine-8,3'-pyrrolidin]-2-amine 'C22 H27 F N4 O'
SAM non-polymer S-ADENOSYLMETHIONINE 'C15 H22 N6 O5 S'
#
# COMPACT_ATOMS: atom_id res chain seq x y z
N GLU A 16 -1.83 45.15 -31.95
CA GLU A 16 -1.76 45.94 -30.73
C GLU A 16 -0.47 45.67 -29.96
N GLY A 17 -0.05 44.40 -29.93
CA GLY A 17 1.11 44.00 -29.17
C GLY A 17 0.84 43.65 -27.72
N THR A 18 -0.42 43.46 -27.36
CA THR A 18 -0.84 43.20 -25.99
C THR A 18 -1.41 41.79 -25.90
N PHE A 19 -1.00 41.03 -24.88
CA PHE A 19 -1.48 39.67 -24.69
C PHE A 19 -1.81 39.43 -23.23
N LEU A 20 -2.58 38.37 -22.99
CA LEU A 20 -2.92 37.93 -21.65
C LEU A 20 -2.12 36.69 -21.29
N PHE A 21 -1.80 36.55 -20.00
CA PHE A 21 -1.08 35.40 -19.52
C PHE A 21 -1.56 35.06 -18.12
N THR A 22 -1.66 33.77 -17.83
CA THR A 22 -2.17 33.28 -16.56
C THR A 22 -1.18 32.30 -15.96
N SER A 23 -1.01 32.40 -14.63
CA SER A 23 -0.23 31.43 -13.88
C SER A 23 -1.05 30.92 -12.71
N GLU A 24 -0.82 29.66 -12.35
CA GLU A 24 -1.55 28.98 -11.29
C GLU A 24 -0.62 28.73 -10.10
N SER A 25 -1.21 28.71 -8.91
CA SER A 25 -0.50 28.27 -7.71
C SER A 25 -1.51 27.62 -6.78
N VAL A 26 -1.06 26.58 -6.07
CA VAL A 26 -1.92 25.83 -5.15
C VAL A 26 -1.34 25.91 -3.75
N GLY A 27 -2.21 25.77 -2.76
CA GLY A 27 -1.80 25.83 -1.37
C GLY A 27 -1.24 24.50 -0.89
N GLU A 28 -0.77 24.52 0.37
CA GLU A 28 -0.13 23.34 0.94
C GLU A 28 -1.10 22.17 1.06
N GLY A 29 -2.40 22.45 1.15
CA GLY A 29 -3.40 21.41 1.30
C GLY A 29 -3.79 20.71 0.02
N HIS A 30 -3.40 21.24 -1.13
CA HIS A 30 -3.66 20.56 -2.39
C HIS A 30 -2.99 19.19 -2.37
N PRO A 31 -3.68 18.12 -2.80
CA PRO A 31 -3.10 16.78 -2.67
C PRO A 31 -1.76 16.61 -3.35
N ASP A 32 -1.56 17.27 -4.50
CA ASP A 32 -0.25 17.22 -5.16
C ASP A 32 0.81 17.87 -4.29
N LYS A 33 0.50 19.00 -3.67
CA LYS A 33 1.49 19.71 -2.87
C LYS A 33 1.73 19.03 -1.53
N ILE A 34 0.72 18.32 -1.00
CA ILE A 34 0.94 17.53 0.20
C ILE A 34 2.05 16.51 -0.04
N CYS A 35 2.02 15.85 -1.21
CA CYS A 35 3.04 14.86 -1.53
C CYS A 35 4.41 15.50 -1.70
N ASP A 36 4.46 16.68 -2.33
CA ASP A 36 5.74 17.37 -2.49
C ASP A 36 6.35 17.68 -1.12
N GLN A 37 5.55 18.22 -0.20
CA GLN A 37 6.11 18.63 1.07
C GLN A 37 6.50 17.43 1.94
N ILE A 38 5.71 16.36 1.88
CA ILE A 38 6.07 15.15 2.61
C ILE A 38 7.36 14.56 2.08
N SER A 39 7.52 14.54 0.74
CA SER A 39 8.73 14.01 0.14
C SER A 39 9.96 14.80 0.57
N ASP A 40 9.85 16.13 0.58
CA ASP A 40 10.97 16.95 1.04
C ASP A 40 11.14 16.90 2.56
N ALA A 41 10.07 16.60 3.29
CA ALA A 41 10.21 16.38 4.73
C ALA A 41 10.99 15.11 5.02
N VAL A 42 10.79 14.07 4.21
CA VAL A 42 11.60 12.86 4.33
C VAL A 42 13.04 13.14 3.95
N LEU A 43 13.25 13.93 2.90
CA LEU A 43 14.60 14.30 2.49
C LEU A 43 15.33 15.05 3.59
N ASP A 44 14.67 16.05 4.18
CA ASP A 44 15.30 16.83 5.24
C ASP A 44 15.64 15.96 6.45
N ALA A 45 14.79 14.98 6.75
CA ALA A 45 15.03 14.12 7.90
C ALA A 45 16.32 13.32 7.73
N HIS A 46 16.53 12.77 6.54
CA HIS A 46 17.78 12.05 6.28
C HIS A 46 18.97 12.99 6.27
N LEU A 47 18.83 14.16 5.65
CA LEU A 47 19.94 15.10 5.55
C LEU A 47 20.37 15.62 6.92
N GLN A 48 19.45 15.65 7.88
CA GLN A 48 19.81 16.09 9.23
C GLN A 48 20.80 15.16 9.89
N GLN A 49 20.70 13.86 9.61
CA GLN A 49 21.63 12.87 10.17
C GLN A 49 22.74 12.48 9.22
N ASP A 50 22.44 12.35 7.93
CA ASP A 50 23.43 11.96 6.92
C ASP A 50 23.42 13.00 5.80
N PRO A 51 24.36 13.93 5.80
CA PRO A 51 24.42 14.92 4.70
C PRO A 51 24.69 14.31 3.34
N ASP A 52 25.17 13.07 3.29
CA ASP A 52 25.47 12.40 2.03
C ASP A 52 24.41 11.39 1.64
N ALA A 53 23.22 11.47 2.22
CA ALA A 53 22.15 10.53 1.92
C ALA A 53 21.69 10.65 0.49
N LYS A 54 21.44 9.50 -0.15
CA LYS A 54 20.82 9.44 -1.46
C LYS A 54 19.33 9.19 -1.26
N VAL A 55 18.50 10.12 -1.72
CA VAL A 55 17.06 10.06 -1.50
C VAL A 55 16.34 10.28 -2.83
N ALA A 56 15.36 9.41 -3.11
CA ALA A 56 14.46 9.53 -4.26
C ALA A 56 13.09 9.02 -3.79
N CYS A 57 12.39 9.86 -3.02
CA CYS A 57 11.19 9.46 -2.30
C CYS A 57 9.96 10.07 -2.95
N GLU A 58 9.14 9.23 -3.58
CA GLU A 58 7.86 9.65 -4.13
C GLU A 58 6.76 9.43 -3.11
N THR A 59 5.73 10.28 -3.17
CA THR A 59 4.62 10.24 -2.23
C THR A 59 3.30 10.19 -2.98
N VAL A 60 2.38 9.37 -2.50
CA VAL A 60 1.03 9.27 -3.04
C VAL A 60 0.04 9.60 -1.93
N ALA A 61 -0.96 10.40 -2.25
CA ALA A 61 -1.98 10.81 -1.29
C ALA A 61 -3.36 10.60 -1.90
N LYS A 62 -4.18 9.79 -1.24
CA LYS A 62 -5.59 9.64 -1.58
C LYS A 62 -6.38 9.57 -0.28
N THR A 63 -7.65 9.20 -0.40
CA THR A 63 -8.55 9.08 0.75
C THR A 63 -7.91 8.27 1.87
N GLY A 64 -7.55 8.96 2.95
CA GLY A 64 -7.03 8.31 4.14
C GLY A 64 -5.72 7.57 3.97
N MET A 65 -4.92 7.90 2.96
CA MET A 65 -3.66 7.19 2.75
C MET A 65 -2.56 8.14 2.33
N ILE A 66 -1.38 7.93 2.91
CA ILE A 66 -0.12 8.44 2.40
C ILE A 66 0.78 7.24 2.14
N LEU A 67 1.30 7.13 0.91
CA LEU A 67 2.19 6.04 0.55
C LEU A 67 3.52 6.63 0.09
N LEU A 68 4.61 6.10 0.64
CA LEU A 68 5.96 6.47 0.26
C LEU A 68 6.58 5.32 -0.53
N ALA A 69 7.07 5.62 -1.73
CA ALA A 69 7.71 4.64 -2.58
C ALA A 69 8.93 5.27 -3.25
N GLY A 70 10.04 4.55 -3.25
CA GLY A 70 11.25 5.07 -3.85
C GLY A 70 12.48 4.33 -3.33
N GLU A 71 13.61 5.03 -3.40
CA GLU A 71 14.92 4.45 -3.12
C GLU A 71 15.69 5.40 -2.21
N ILE A 72 16.30 4.86 -1.16
CA ILE A 72 17.04 5.65 -0.18
C ILE A 72 18.30 4.89 0.22
N THR A 73 19.44 5.58 0.23
CA THR A 73 20.70 5.05 0.74
C THR A 73 21.22 6.05 1.75
N SER A 74 21.10 5.73 3.04
CA SER A 74 21.40 6.68 4.10
C SER A 74 21.82 5.93 5.36
N ARG A 75 22.70 6.56 6.13
CA ARG A 75 23.04 6.09 7.46
C ARG A 75 22.09 6.61 8.53
N ALA A 76 21.04 7.33 8.13
CA ALA A 76 20.11 7.91 9.09
C ALA A 76 19.04 6.90 9.49
N ALA A 77 18.61 7.01 10.75
CA ALA A 77 17.49 6.23 11.27
C ALA A 77 16.29 7.18 11.35
N VAL A 78 15.39 7.06 10.39
CA VAL A 78 14.26 7.98 10.23
C VAL A 78 12.97 7.24 10.56
N ASP A 79 12.13 7.85 11.39
CA ASP A 79 10.80 7.33 11.71
C ASP A 79 9.83 7.91 10.69
N TYR A 80 9.61 7.14 9.62
CA TYR A 80 8.77 7.64 8.53
C TYR A 80 7.34 7.89 8.99
N GLN A 81 6.83 7.06 9.91
CA GLN A 81 5.48 7.26 10.43
C GLN A 81 5.33 8.63 11.05
N LYS A 82 6.30 9.06 11.85
CA LYS A 82 6.19 10.35 12.52
C LYS A 82 6.60 11.50 11.61
N VAL A 83 7.56 11.30 10.70
CA VAL A 83 7.91 12.35 9.76
C VAL A 83 6.69 12.72 8.91
N VAL A 84 5.97 11.72 8.40
CA VAL A 84 4.80 11.99 7.58
C VAL A 84 3.70 12.65 8.41
N ARG A 85 3.39 12.08 9.57
CA ARG A 85 2.26 12.58 10.34
C ARG A 85 2.51 13.99 10.87
N GLU A 86 3.76 14.34 11.16
CA GLU A 86 4.06 15.71 11.57
C GLU A 86 3.92 16.68 10.39
N ALA A 87 4.27 16.23 9.18
CA ALA A 87 4.08 17.07 8.01
C ALA A 87 2.60 17.32 7.75
N VAL A 88 1.79 16.25 7.80
CA VAL A 88 0.35 16.41 7.63
C VAL A 88 -0.22 17.32 8.73
N LYS A 89 0.27 17.16 9.96
CA LYS A 89 -0.16 18.03 11.05
C LYS A 89 0.22 19.48 10.77
N HIS A 90 1.47 19.70 10.33
CA HIS A 90 1.90 21.05 10.00
C HIS A 90 1.04 21.66 8.89
N ILE A 91 0.69 20.87 7.87
CA ILE A 91 -0.17 21.35 6.81
C ILE A 91 -1.54 21.73 7.35
N GLY A 92 -2.04 21.00 8.35
CA GLY A 92 -3.24 21.41 9.05
C GLY A 92 -4.40 20.43 9.05
N TYR A 93 -4.17 19.20 8.61
CA TYR A 93 -5.25 18.22 8.51
C TYR A 93 -5.24 17.37 9.78
N ASP A 94 -6.18 17.66 10.68
CA ASP A 94 -6.21 17.04 12.00
C ASP A 94 -7.60 16.57 12.41
N ASP A 95 -8.53 16.42 11.47
CA ASP A 95 -9.87 16.00 11.82
C ASP A 95 -10.61 15.47 10.60
N SER A 96 -11.59 14.61 10.85
CA SER A 96 -12.44 14.11 9.77
C SER A 96 -13.23 15.23 9.10
N SER A 97 -13.59 16.27 9.86
CA SER A 97 -14.38 17.36 9.31
C SER A 97 -13.64 18.11 8.21
N LYS A 98 -12.31 17.98 8.16
CA LYS A 98 -11.51 18.59 7.10
C LYS A 98 -11.19 17.61 5.97
N GLY A 99 -11.53 16.33 6.13
CA GLY A 99 -11.27 15.33 5.12
C GLY A 99 -10.01 14.52 5.32
N PHE A 100 -9.17 14.90 6.29
CA PHE A 100 -7.91 14.21 6.53
C PHE A 100 -7.43 14.53 7.93
N ASP A 101 -6.84 13.54 8.60
CA ASP A 101 -6.37 13.70 9.97
C ASP A 101 -5.07 12.91 10.13
N TYR A 102 -4.00 13.61 10.53
CA TYR A 102 -2.71 12.96 10.66
C TYR A 102 -2.72 11.86 11.74
N LYS A 103 -3.61 11.99 12.72
CA LYS A 103 -3.62 11.04 13.84
C LYS A 103 -4.10 9.67 13.39
N THR A 104 -5.02 9.60 12.42
CA THR A 104 -5.69 8.36 12.09
C THR A 104 -5.55 7.95 10.63
N CYS A 105 -4.75 8.66 9.85
CA CYS A 105 -4.59 8.30 8.46
C CYS A 105 -3.67 7.08 8.32
N ASN A 106 -3.79 6.39 7.20
CA ASN A 106 -2.97 5.23 6.89
C ASN A 106 -1.68 5.69 6.23
N VAL A 107 -0.55 5.19 6.73
CA VAL A 107 0.77 5.52 6.19
C VAL A 107 1.43 4.21 5.78
N LEU A 108 1.73 4.08 4.49
CA LEU A 108 2.39 2.90 3.93
C LEU A 108 3.76 3.29 3.40
N VAL A 109 4.75 2.44 3.63
CA VAL A 109 6.14 2.72 3.30
C VAL A 109 6.66 1.60 2.40
N ALA A 110 7.14 1.97 1.21
CA ALA A 110 7.77 1.03 0.29
C ALA A 110 9.09 1.62 -0.21
N LEU A 111 10.01 1.86 0.72
CA LEU A 111 11.30 2.44 0.42
C LEU A 111 12.37 1.35 0.49
N GLU A 112 13.17 1.24 -0.57
CA GLU A 112 14.26 0.28 -0.67
C GLU A 112 15.59 1.02 -0.63
N GLN A 113 16.63 0.38 -1.15
CA GLN A 113 17.93 1.00 -1.35
C GLN A 113 18.08 1.39 -2.82
N GLN A 114 18.81 2.48 -3.05
CA GLN A 114 19.11 2.93 -4.41
C GLN A 114 19.72 1.78 -5.22
N SER A 115 19.38 1.75 -6.51
CA SER A 115 19.88 0.69 -7.37
C SER A 115 21.40 0.65 -7.34
N PRO A 116 22.02 -0.52 -7.19
CA PRO A 116 23.49 -0.59 -7.21
C PRO A 116 24.07 -0.35 -8.59
N ASP A 117 23.33 -0.68 -9.66
CA ASP A 117 23.76 -0.29 -11.00
C ASP A 117 23.79 1.23 -11.13
N ILE A 118 22.83 1.92 -10.51
CA ILE A 118 22.79 3.37 -10.55
C ILE A 118 23.92 3.96 -9.71
N ALA A 119 24.17 3.38 -8.53
CA ALA A 119 25.17 3.93 -7.62
C ALA A 119 26.57 3.82 -8.21
N GLN A 120 26.85 2.73 -8.93
CA GLN A 120 28.19 2.55 -9.49
C GLN A 120 28.43 3.48 -10.67
N GLY A 121 27.39 3.76 -11.46
CA GLY A 121 27.53 4.63 -12.61
C GLY A 121 27.06 6.04 -12.34
N ASP A 125 33.70 6.41 -5.25
CA ASP A 125 34.61 5.81 -6.22
C ASP A 125 35.38 6.88 -7.00
N ARG A 126 35.08 8.15 -6.71
CA ARG A 126 35.69 9.23 -7.48
C ARG A 126 35.63 10.52 -6.68
N ASN A 127 36.41 11.50 -7.13
CA ASN A 127 36.62 12.74 -6.40
C ASN A 127 35.36 13.62 -6.44
N GLU A 128 35.40 14.68 -5.62
CA GLU A 128 34.22 15.52 -5.37
C GLU A 128 33.91 16.45 -6.54
N GLU A 129 34.92 16.85 -7.31
CA GLU A 129 34.75 17.91 -8.30
C GLU A 129 34.23 17.43 -9.65
N ASP A 130 34.33 16.13 -9.93
CA ASP A 130 33.89 15.59 -11.21
C ASP A 130 33.03 14.35 -11.01
N ILE A 131 32.19 14.35 -9.97
CA ILE A 131 31.20 13.30 -9.81
C ILE A 131 30.22 13.39 -10.98
N GLY A 132 29.88 12.22 -11.54
CA GLY A 132 28.97 12.20 -12.67
C GLY A 132 27.54 12.50 -12.26
N ALA A 133 26.77 13.01 -13.21
CA ALA A 133 25.35 13.26 -12.95
C ALA A 133 24.62 11.96 -12.69
N GLY A 134 23.68 11.99 -11.74
CA GLY A 134 22.92 10.80 -11.41
C GLY A 134 21.90 10.38 -12.44
N ASP A 135 21.77 11.12 -13.53
CA ASP A 135 20.77 10.85 -14.55
C ASP A 135 21.03 11.78 -15.73
N GLN A 136 20.43 11.46 -16.87
CA GLN A 136 20.36 12.41 -17.97
C GLN A 136 19.23 13.40 -17.69
N GLY A 137 19.06 14.35 -18.58
CA GLY A 137 17.95 15.30 -18.48
C GLY A 137 18.34 16.68 -18.95
N LEU A 138 17.33 17.49 -19.22
CA LEU A 138 17.49 18.89 -19.58
C LEU A 138 16.78 19.75 -18.54
N MET A 139 17.38 20.90 -18.24
CA MET A 139 16.83 21.81 -17.24
C MET A 139 16.91 23.24 -17.76
N PHE A 140 15.95 24.06 -17.37
CA PHE A 140 15.87 25.44 -17.82
C PHE A 140 15.99 26.41 -16.65
N GLY A 141 16.56 27.58 -16.93
CA GLY A 141 16.58 28.67 -15.98
C GLY A 141 16.09 29.94 -16.65
N TYR A 142 15.41 30.77 -15.86
CA TYR A 142 14.71 31.92 -16.41
C TYR A 142 14.68 33.06 -15.40
N ALA A 143 14.78 34.29 -15.91
CA ALA A 143 14.69 35.49 -15.08
C ALA A 143 14.13 36.63 -15.93
N THR A 144 13.44 37.56 -15.26
CA THR A 144 12.84 38.71 -15.93
C THR A 144 12.75 39.87 -14.96
N ASP A 145 13.15 41.06 -15.41
CA ASP A 145 13.24 42.23 -14.54
C ASP A 145 11.89 42.86 -14.23
N GLU A 146 10.77 42.20 -14.54
CA GLU A 146 9.46 42.81 -14.31
C GLU A 146 9.10 42.90 -12.84
N THR A 147 9.72 42.10 -11.99
CA THR A 147 9.61 42.23 -10.54
C THR A 147 11.02 42.25 -9.96
N GLU A 148 11.13 42.71 -8.71
CA GLU A 148 12.44 42.71 -8.06
C GLU A 148 12.88 41.31 -7.68
N GLU A 149 11.94 40.36 -7.56
CA GLU A 149 12.30 38.97 -7.40
C GLU A 149 12.84 38.36 -8.69
N CYS A 150 12.78 39.09 -9.80
CA CYS A 150 13.21 38.61 -11.11
C CYS A 150 12.38 37.40 -11.57
N MET A 151 11.09 37.44 -11.27
CA MET A 151 10.15 36.39 -11.63
C MET A 151 8.94 37.01 -12.32
N PRO A 152 8.20 36.24 -13.12
CA PRO A 152 7.00 36.77 -13.76
C PRO A 152 5.97 37.20 -12.73
N LEU A 153 5.32 38.32 -13.00
CA LEU A 153 4.36 38.88 -12.03
C LEU A 153 3.19 37.95 -11.79
N THR A 154 2.82 37.15 -12.80
CA THR A 154 1.67 36.26 -12.65
C THR A 154 1.92 35.21 -11.56
N ILE A 155 3.07 34.54 -11.61
CA ILE A 155 3.34 33.47 -10.65
C ILE A 155 3.72 34.04 -9.29
N VAL A 156 4.36 35.21 -9.24
CA VAL A 156 4.66 35.84 -7.96
C VAL A 156 3.38 36.17 -7.21
N LEU A 157 2.43 36.80 -7.90
CA LEU A 157 1.16 37.14 -7.27
C LEU A 157 0.39 35.89 -6.86
N ALA A 158 0.36 34.87 -7.74
CA ALA A 158 -0.36 33.64 -7.41
C ALA A 158 0.24 32.97 -6.17
N HIS A 159 1.58 32.94 -6.08
CA HIS A 159 2.23 32.34 -4.92
C HIS A 159 1.93 33.11 -3.65
N LYS A 160 2.11 34.44 -3.70
CA LYS A 160 1.92 35.24 -2.49
C LYS A 160 0.47 35.21 -2.01
N LEU A 161 -0.49 34.96 -2.90
CA LEU A 161 -1.88 34.87 -2.49
C LEU A 161 -2.12 33.61 -1.67
N ASN A 162 -1.58 32.47 -2.12
CA ASN A 162 -1.70 31.24 -1.33
C ASN A 162 -0.95 31.36 -0.01
N ALA A 163 0.19 32.05 -0.02
CA ALA A 163 0.96 32.24 1.22
C ALA A 163 0.20 33.11 2.21
N LYS A 164 -0.53 34.12 1.72
CA LYS A 164 -1.31 34.96 2.62
C LYS A 164 -2.48 34.19 3.22
N LEU A 165 -3.07 33.28 2.45
CA LEU A 165 -4.17 32.47 2.97
C LEU A 165 -3.69 31.58 4.12
N ALA A 166 -2.56 30.90 3.94
CA ALA A 166 -2.03 30.05 5.00
C ALA A 166 -1.62 30.88 6.22
N GLU A 167 -1.05 32.07 5.99
CA GLU A 167 -0.65 32.93 7.09
C GLU A 167 -1.85 33.36 7.92
N LEU A 168 -2.92 33.83 7.26
CA LEU A 168 -4.11 34.24 7.98
C LEU A 168 -4.86 33.06 8.57
N ARG A 169 -4.68 31.86 8.01
CA ARG A 169 -5.26 30.67 8.62
C ARG A 169 -4.52 30.30 9.91
N ARG A 170 -3.19 30.43 9.89
CA ARG A 170 -2.38 29.95 11.01
C ARG A 170 -2.30 30.94 12.17
N ASN A 171 -2.51 32.23 11.93
CA ASN A 171 -2.57 33.19 13.03
C ASN A 171 -3.98 33.41 13.56
N GLY A 172 -4.95 32.61 13.10
CA GLY A 172 -6.29 32.64 13.63
C GLY A 172 -7.13 33.84 13.27
N THR A 173 -6.64 34.73 12.40
CA THR A 173 -7.43 35.91 12.04
C THR A 173 -8.54 35.57 11.06
N LEU A 174 -8.35 34.55 10.23
CA LEU A 174 -9.41 33.97 9.40
C LEU A 174 -9.54 32.51 9.82
N PRO A 175 -10.19 32.24 10.96
CA PRO A 175 -10.17 30.88 11.51
C PRO A 175 -10.94 29.86 10.69
N TRP A 176 -11.81 30.30 9.77
CA TRP A 176 -12.57 29.36 8.96
C TRP A 176 -11.78 28.81 7.78
N LEU A 177 -10.57 29.31 7.54
CA LEU A 177 -9.76 28.81 6.44
C LEU A 177 -9.25 27.39 6.71
N ARG A 178 -8.99 26.66 5.64
CA ARG A 178 -8.50 25.30 5.68
C ARG A 178 -7.38 25.15 4.66
N PRO A 179 -6.61 24.05 4.71
CA PRO A 179 -5.31 24.05 4.01
C PRO A 179 -5.38 24.05 2.48
N ASP A 180 -6.40 23.45 1.88
CA ASP A 180 -6.43 23.29 0.43
C ASP A 180 -6.86 24.59 -0.25
N SER A 181 -6.13 24.98 -1.29
CA SER A 181 -6.46 26.21 -2.02
C SER A 181 -5.81 26.19 -3.39
N LYS A 182 -6.37 27.00 -4.29
CA LYS A 182 -5.83 27.17 -5.64
C LYS A 182 -6.08 28.61 -6.08
N THR A 183 -5.07 29.24 -6.67
CA THR A 183 -5.15 30.61 -7.14
C THR A 183 -4.71 30.69 -8.59
N GLN A 184 -5.36 31.57 -9.36
CA GLN A 184 -5.00 31.85 -10.74
C GLN A 184 -5.02 33.35 -10.95
N VAL A 185 -3.94 33.88 -11.52
CA VAL A 185 -3.79 35.31 -11.76
C VAL A 185 -3.55 35.51 -13.26
N THR A 186 -4.40 36.31 -13.89
CA THR A 186 -4.25 36.68 -15.28
C THR A 186 -3.83 38.14 -15.37
N VAL A 187 -2.69 38.40 -16.00
CA VAL A 187 -2.15 39.74 -16.14
C VAL A 187 -2.08 40.09 -17.62
N GLN A 188 -2.43 41.33 -17.95
CA GLN A 188 -2.30 41.85 -19.30
C GLN A 188 -0.90 42.43 -19.49
N TYR A 189 -0.20 41.98 -20.52
CA TYR A 189 1.20 42.31 -20.74
C TYR A 189 1.38 43.13 -22.01
N MET A 190 2.47 43.91 -22.02
CA MET A 190 2.90 44.66 -23.19
C MET A 190 4.29 44.19 -23.59
N GLN A 191 4.50 44.05 -24.90
CA GLN A 191 5.81 43.64 -25.42
C GLN A 191 6.65 44.88 -25.71
N ASP A 192 7.97 44.72 -25.60
CA ASP A 192 8.89 45.82 -25.86
C ASP A 192 10.28 45.24 -26.11
N ARG A 193 10.58 44.97 -27.39
CA ARG A 193 11.88 44.48 -27.83
C ARG A 193 12.36 43.30 -26.99
N GLY A 194 11.46 42.34 -26.80
CA GLY A 194 11.76 41.15 -26.05
C GLY A 194 11.41 41.19 -24.58
N ALA A 195 11.28 42.39 -24.00
CA ALA A 195 10.87 42.52 -22.62
C ALA A 195 9.35 42.55 -22.52
N VAL A 196 8.85 42.22 -21.33
CA VAL A 196 7.42 42.17 -21.05
C VAL A 196 7.10 43.16 -19.96
N LEU A 197 6.08 43.99 -20.18
CA LEU A 197 5.66 44.99 -19.21
C LEU A 197 4.28 44.65 -18.69
N PRO A 198 4.13 44.33 -17.41
CA PRO A 198 2.80 44.11 -16.85
C PRO A 198 2.02 45.42 -16.82
N ILE A 199 0.83 45.41 -17.44
CA ILE A 199 -0.01 46.60 -17.48
C ILE A 199 -1.02 46.60 -16.34
N ARG A 200 -1.73 45.49 -16.16
CA ARG A 200 -2.81 45.42 -15.18
C ARG A 200 -3.10 43.96 -14.88
N VAL A 201 -3.73 43.73 -13.74
CA VAL A 201 -4.25 42.40 -13.42
C VAL A 201 -5.62 42.25 -14.07
N HIS A 202 -5.76 41.26 -14.94
CA HIS A 202 -7.01 41.07 -15.68
C HIS A 202 -8.03 40.29 -14.85
N THR A 203 -7.59 39.20 -14.22
CA THR A 203 -8.50 38.31 -13.51
C THR A 203 -7.77 37.65 -12.35
N ILE A 204 -8.45 37.57 -11.20
CA ILE A 204 -7.95 36.84 -10.05
C ILE A 204 -8.99 35.79 -9.68
N VAL A 205 -8.54 34.55 -9.56
CA VAL A 205 -9.39 33.44 -9.13
C VAL A 205 -8.80 32.87 -7.84
N ILE A 206 -9.64 32.70 -6.82
CA ILE A 206 -9.22 32.14 -5.54
C ILE A 206 -10.27 31.14 -5.08
N SER A 207 -9.85 29.90 -4.86
CA SER A 207 -10.68 28.88 -4.24
C SER A 207 -9.92 28.32 -3.06
N VAL A 208 -10.55 28.31 -1.88
CA VAL A 208 -9.90 27.85 -0.66
C VAL A 208 -10.89 27.04 0.16
N GLN A 209 -10.39 25.96 0.75
CA GLN A 209 -11.19 25.13 1.65
C GLN A 209 -11.55 25.92 2.91
N HIS A 210 -12.73 25.62 3.46
CA HIS A 210 -13.27 26.39 4.57
C HIS A 210 -14.14 25.48 5.42
N ASP A 211 -14.46 25.94 6.63
CA ASP A 211 -15.32 25.18 7.51
C ASP A 211 -16.78 25.37 7.12
N GLU A 212 -17.68 24.72 7.86
CA GLU A 212 -19.09 24.69 7.50
C GLU A 212 -19.88 25.89 8.03
N GLU A 213 -19.32 26.63 8.99
CA GLU A 213 -20.10 27.69 9.63
C GLU A 213 -20.07 28.99 8.85
N VAL A 214 -18.92 29.32 8.23
CA VAL A 214 -18.78 30.61 7.57
C VAL A 214 -19.66 30.66 6.33
N CYS A 215 -20.23 31.83 6.06
CA CYS A 215 -21.14 31.99 4.94
C CYS A 215 -20.38 32.50 3.71
N LEU A 216 -20.97 32.26 2.54
CA LEU A 216 -20.26 32.45 1.28
C LEU A 216 -19.87 33.90 1.07
N ASP A 217 -20.80 34.83 1.32
CA ASP A 217 -20.53 36.24 1.05
C ASP A 217 -19.44 36.79 1.97
N GLU A 218 -19.42 36.35 3.22
CA GLU A 218 -18.38 36.79 4.15
C GLU A 218 -17.00 36.34 3.68
N MET A 219 -16.92 35.14 3.11
CA MET A 219 -15.64 34.64 2.61
C MET A 219 -15.13 35.49 1.46
N ARG A 220 -16.00 35.78 0.49
CA ARG A 220 -15.57 36.49 -0.71
C ARG A 220 -15.10 37.90 -0.38
N ASP A 221 -15.77 38.58 0.55
CA ASP A 221 -15.31 39.90 0.96
C ASP A 221 -13.97 39.82 1.69
N ALA A 222 -13.81 38.83 2.56
CA ALA A 222 -12.55 38.67 3.28
C ALA A 222 -11.41 38.34 2.32
N LEU A 223 -11.71 37.55 1.28
CA LEU A 223 -10.69 37.21 0.30
C LEU A 223 -10.24 38.44 -0.49
N LYS A 224 -11.11 39.43 -0.65
CA LYS A 224 -10.75 40.63 -1.39
C LYS A 224 -10.07 41.67 -0.51
N GLU A 225 -10.64 41.94 0.67
CA GLU A 225 -10.11 43.00 1.52
C GLU A 225 -8.87 42.56 2.28
N LYS A 226 -8.86 41.32 2.78
CA LYS A 226 -7.79 40.86 3.66
C LYS A 226 -6.68 40.14 2.92
N VAL A 227 -6.94 39.59 1.74
CA VAL A 227 -5.97 38.78 1.00
C VAL A 227 -5.48 39.50 -0.25
N ILE A 228 -6.40 39.79 -1.19
CA ILE A 228 -6.00 40.39 -2.46
C ILE A 228 -5.40 41.77 -2.24
N LYS A 229 -6.14 42.64 -1.54
CA LYS A 229 -5.66 44.00 -1.30
C LYS A 229 -4.39 44.03 -0.46
N ALA A 230 -4.11 42.96 0.28
CA ALA A 230 -2.90 42.89 1.10
C ALA A 230 -1.70 42.35 0.35
N VAL A 231 -1.89 41.89 -0.89
CA VAL A 231 -0.84 41.22 -1.66
C VAL A 231 -0.60 41.92 -2.99
N VAL A 232 -1.66 42.22 -3.73
CA VAL A 232 -1.53 42.79 -5.07
C VAL A 232 -1.33 44.30 -4.94
N PRO A 233 -0.29 44.87 -5.53
CA PRO A 233 -0.13 46.33 -5.52
C PRO A 233 -1.30 47.03 -6.20
N ALA A 234 -1.72 48.16 -5.62
CA ALA A 234 -2.91 48.84 -6.09
C ALA A 234 -2.77 49.33 -7.53
N LYS A 235 -1.55 49.56 -8.01
CA LYS A 235 -1.38 50.06 -9.37
C LYS A 235 -1.65 49.00 -10.44
N TYR A 236 -1.87 47.75 -10.06
CA TYR A 236 -2.25 46.71 -11.00
C TYR A 236 -3.74 46.39 -10.98
N LEU A 237 -4.47 46.84 -9.96
CA LEU A 237 -5.90 46.61 -9.86
C LEU A 237 -6.66 47.87 -10.29
N ASP A 238 -7.73 47.68 -11.05
CA ASP A 238 -8.58 48.79 -11.46
C ASP A 238 -10.03 48.35 -11.39
N GLU A 239 -10.90 49.15 -12.01
CA GLU A 239 -12.33 48.95 -11.93
CA GLU A 239 -12.34 48.94 -11.93
C GLU A 239 -12.80 47.76 -12.79
N ASP A 240 -12.04 47.39 -13.81
CA ASP A 240 -12.43 46.31 -14.70
C ASP A 240 -11.84 44.97 -14.31
N THR A 241 -11.07 44.90 -13.22
CA THR A 241 -10.48 43.65 -12.79
C THR A 241 -11.57 42.67 -12.35
N ILE A 242 -11.49 41.44 -12.84
CA ILE A 242 -12.47 40.41 -12.54
C ILE A 242 -12.00 39.61 -11.33
N TYR A 243 -12.92 39.37 -10.39
CA TYR A 243 -12.64 38.59 -9.19
C TYR A 243 -13.55 37.38 -9.17
N HIS A 244 -12.96 36.19 -9.27
CA HIS A 244 -13.67 34.92 -9.18
C HIS A 244 -13.30 34.26 -7.85
N LEU A 245 -14.01 34.66 -6.79
CA LEU A 245 -13.69 34.25 -5.43
C LEU A 245 -14.67 33.14 -5.01
N GLN A 246 -14.12 31.99 -4.63
CA GLN A 246 -14.89 30.79 -4.34
C GLN A 246 -15.86 30.47 -5.48
N PRO A 247 -15.37 30.28 -6.71
CA PRO A 247 -16.28 30.18 -7.85
C PRO A 247 -17.12 28.90 -7.87
N SER A 248 -16.71 27.85 -7.16
CA SER A 248 -17.45 26.60 -7.15
C SER A 248 -18.38 26.49 -5.94
N GLY A 249 -18.67 27.60 -5.28
CA GLY A 249 -19.56 27.53 -4.13
C GLY A 249 -18.84 26.96 -2.92
N ARG A 250 -19.47 25.99 -2.27
CA ARG A 250 -18.92 25.42 -1.05
C ARG A 250 -17.65 24.63 -1.33
N PHE A 251 -16.80 24.53 -0.32
CA PHE A 251 -15.51 23.86 -0.39
C PHE A 251 -15.14 23.43 1.03
N VAL A 252 -16.02 22.67 1.66
CA VAL A 252 -15.85 22.32 3.06
C VAL A 252 -14.80 21.23 3.25
N ILE A 253 -14.67 20.31 2.30
CA ILE A 253 -13.73 19.20 2.41
C ILE A 253 -12.80 19.24 1.21
N GLY A 254 -11.50 19.17 1.47
CA GLY A 254 -10.49 19.15 0.44
C GLY A 254 -9.37 18.19 0.77
N GLY A 255 -8.16 18.47 0.29
CA GLY A 255 -7.04 17.59 0.52
C GLY A 255 -7.22 16.27 -0.21
N PRO A 256 -6.64 15.20 0.36
CA PRO A 256 -6.67 13.90 -0.34
C PRO A 256 -8.05 13.25 -0.40
N GLN A 257 -9.03 13.75 0.37
CA GLN A 257 -10.33 13.10 0.43
C GLN A 257 -11.03 13.16 -0.92
N GLY A 258 -11.42 11.99 -1.42
CA GLY A 258 -12.06 11.89 -2.72
C GLY A 258 -11.20 12.38 -3.87
N ASP A 259 -9.88 12.38 -3.69
CA ASP A 259 -8.97 12.95 -4.67
C ASP A 259 -7.71 12.09 -4.70
N ALA A 260 -6.75 12.48 -5.54
CA ALA A 260 -5.50 11.75 -5.65
C ALA A 260 -4.39 12.73 -5.99
N GLY A 261 -3.31 12.71 -5.21
CA GLY A 261 -2.18 13.58 -5.44
C GLY A 261 -0.89 12.78 -5.54
N LEU A 262 0.05 13.32 -6.31
CA LEU A 262 1.32 12.67 -6.53
C LEU A 262 2.44 13.71 -6.44
N THR A 263 3.61 13.25 -5.97
CA THR A 263 4.79 14.10 -5.96
C THR A 263 5.17 14.50 -7.37
N GLY A 264 5.50 15.78 -7.55
CA GLY A 264 5.99 16.25 -8.83
C GLY A 264 4.94 16.41 -9.89
N ARG A 265 3.70 16.71 -9.50
CA ARG A 265 2.63 16.98 -10.45
C ARG A 265 2.29 18.47 -10.52
N LYS A 266 3.11 19.32 -9.92
CA LYS A 266 2.95 20.77 -9.96
C LYS A 266 4.28 21.44 -10.29
N ILE A 267 4.96 20.93 -11.32
CA ILE A 267 6.32 21.39 -11.62
C ILE A 267 6.29 22.77 -12.28
N ILE A 268 5.22 23.11 -12.99
CA ILE A 268 5.11 24.45 -13.55
C ILE A 268 4.80 25.46 -12.45
N VAL A 269 3.98 25.06 -11.47
CA VAL A 269 3.77 25.87 -10.28
C VAL A 269 5.10 26.07 -9.54
N ASP A 270 5.93 25.02 -9.51
CA ASP A 270 7.18 25.07 -8.76
C ASP A 270 8.22 26.00 -9.39
N THR A 271 8.09 26.31 -10.68
CA THR A 271 9.14 27.01 -11.40
C THR A 271 8.63 28.38 -11.81
N TYR A 272 8.23 28.56 -13.08
CA TYR A 272 7.99 29.89 -13.62
C TYR A 272 6.54 30.09 -14.08
N GLY A 273 5.64 29.20 -13.67
CA GLY A 273 4.22 29.37 -13.95
C GLY A 273 3.87 29.47 -15.42
N GLY A 274 4.62 28.78 -16.29
CA GLY A 274 4.33 28.77 -17.70
C GLY A 274 5.27 29.61 -18.54
N TRP A 275 6.02 30.52 -17.91
CA TRP A 275 7.00 31.32 -18.63
C TRP A 275 8.28 30.52 -18.83
N GLY A 276 9.16 31.05 -19.68
CA GLY A 276 10.47 30.43 -19.85
C GLY A 276 10.29 29.10 -20.57
N ALA A 277 10.75 28.03 -19.92
CA ALA A 277 10.67 26.68 -20.45
C ALA A 277 10.93 25.70 -19.32
N HIS A 278 10.55 24.44 -19.53
CA HIS A 278 10.71 23.42 -18.52
C HIS A 278 11.20 22.13 -19.17
N GLY A 279 12.09 21.43 -18.47
CA GLY A 279 12.71 20.23 -18.99
C GLY A 279 12.04 18.93 -18.55
N GLY A 280 11.08 19.04 -17.62
CA GLY A 280 10.25 17.93 -17.23
C GLY A 280 10.56 17.35 -15.87
N GLY A 281 11.72 17.66 -15.29
CA GLY A 281 12.11 17.04 -14.04
C GLY A 281 11.45 17.70 -12.83
N ALA A 282 11.08 16.87 -11.86
CA ALA A 282 10.49 17.32 -10.61
C ALA A 282 11.56 17.46 -9.53
N PHE A 283 11.24 18.28 -8.52
CA PHE A 283 12.21 18.68 -7.50
C PHE A 283 12.10 17.87 -6.22
N SER A 284 10.90 17.77 -5.65
CA SER A 284 10.74 17.29 -4.28
C SER A 284 11.07 15.81 -4.16
N GLY A 285 11.67 15.44 -3.03
CA GLY A 285 12.05 14.08 -2.75
C GLY A 285 13.38 13.65 -3.34
N LYS A 286 14.11 14.55 -3.98
CA LYS A 286 15.37 14.23 -4.63
C LYS A 286 16.50 15.00 -3.97
N ASP A 287 17.57 14.31 -3.62
CA ASP A 287 18.73 14.97 -3.04
C ASP A 287 19.52 15.70 -4.12
N TYR A 288 20.62 16.33 -3.71
CA TYR A 288 21.36 17.22 -4.59
C TYR A 288 22.04 16.49 -5.75
N THR A 289 22.27 15.18 -5.63
CA THR A 289 22.89 14.47 -6.74
C THR A 289 21.95 14.28 -7.92
N LYS A 290 20.66 14.57 -7.75
CA LYS A 290 19.70 14.53 -8.85
C LYS A 290 19.76 15.86 -9.59
N VAL A 291 20.36 15.86 -10.79
CA VAL A 291 20.52 17.10 -11.54
C VAL A 291 19.19 17.73 -11.91
N ASP A 292 18.10 16.97 -11.87
CA ASP A 292 16.78 17.56 -12.04
C ASP A 292 16.56 18.72 -11.08
N ARG A 293 17.10 18.61 -9.87
CA ARG A 293 16.94 19.66 -8.86
C ARG A 293 18.15 20.60 -8.84
N SER A 294 19.35 20.05 -8.63
CA SER A 294 20.53 20.89 -8.41
C SER A 294 20.86 21.73 -9.62
N ALA A 295 20.74 21.16 -10.82
CA ALA A 295 21.03 21.93 -12.03
C ALA A 295 19.94 22.94 -12.35
N ALA A 296 18.68 22.65 -11.99
CA ALA A 296 17.62 23.62 -12.17
C ALA A 296 17.81 24.81 -11.23
N TYR A 297 18.21 24.55 -9.98
CA TYR A 297 18.52 25.64 -9.06
C TYR A 297 19.69 26.47 -9.58
N ALA A 298 20.70 25.81 -10.15
CA ALA A 298 21.86 26.54 -10.67
C ALA A 298 21.50 27.32 -11.93
N ALA A 299 20.62 26.77 -12.76
CA ALA A 299 20.20 27.49 -13.96
C ALA A 299 19.44 28.76 -13.61
N ARG A 300 18.59 28.69 -12.58
CA ARG A 300 17.96 29.89 -12.06
C ARG A 300 19.01 30.86 -11.50
N TRP A 301 20.02 30.32 -10.82
CA TRP A 301 21.10 31.14 -10.29
C TRP A 301 21.78 31.93 -11.40
N VAL A 302 22.06 31.27 -12.53
CA VAL A 302 22.74 31.93 -13.64
C VAL A 302 21.84 33.00 -14.25
N ALA A 303 20.58 32.65 -14.52
CA ALA A 303 19.67 33.60 -15.17
C ALA A 303 19.46 34.84 -14.30
N LYS A 304 19.25 34.66 -13.00
CA LYS A 304 19.04 35.80 -12.13
C LYS A 304 20.29 36.66 -12.04
N SER A 305 21.47 36.04 -12.01
CA SER A 305 22.71 36.81 -11.95
C SER A 305 22.94 37.62 -13.22
N LEU A 306 22.43 37.14 -14.36
CA LEU A 306 22.59 37.89 -15.60
C LEU A 306 21.67 39.10 -15.63
N VAL A 307 20.45 38.98 -15.10
CA VAL A 307 19.53 40.10 -15.10
C VAL A 307 19.89 41.10 -14.00
N LYS A 308 20.19 40.61 -12.80
CA LYS A 308 20.56 41.51 -11.72
C LYS A 308 21.87 42.23 -11.99
N GLY A 309 22.79 41.57 -12.68
CA GLY A 309 24.04 42.20 -13.06
C GLY A 309 23.95 43.23 -14.16
N GLY A 310 22.75 43.45 -14.70
CA GLY A 310 22.55 44.45 -15.74
C GLY A 310 22.86 43.99 -17.14
N LEU A 311 23.08 42.69 -17.36
CA LEU A 311 23.41 42.19 -18.67
C LEU A 311 22.19 41.91 -19.54
N CYS A 312 21.02 41.69 -18.94
CA CYS A 312 19.80 41.37 -19.68
CA CYS A 312 19.82 41.48 -19.72
C CYS A 312 18.60 41.86 -18.89
N ARG A 313 17.47 41.98 -19.58
CA ARG A 313 16.19 42.20 -18.92
C ARG A 313 15.40 40.90 -18.77
N ARG A 314 15.73 39.89 -19.57
CA ARG A 314 14.96 38.65 -19.63
C ARG A 314 15.83 37.62 -20.34
N VAL A 315 16.02 36.47 -19.70
CA VAL A 315 16.98 35.48 -20.20
C VAL A 315 16.49 34.08 -19.86
N LEU A 316 16.71 33.15 -20.80
CA LEU A 316 16.44 31.74 -20.63
C LEU A 316 17.73 30.95 -20.78
N VAL A 317 17.94 29.99 -19.88
CA VAL A 317 19.15 29.18 -19.86
C VAL A 317 18.75 27.72 -19.92
N GLN A 318 19.46 26.93 -20.73
CA GLN A 318 19.27 25.48 -20.76
C GLN A 318 20.60 24.78 -20.54
N VAL A 319 20.56 23.73 -19.72
CA VAL A 319 21.69 22.81 -19.55
C VAL A 319 21.15 21.39 -19.65
N SER A 320 22.05 20.46 -19.98
CA SER A 320 21.69 19.06 -20.09
C SER A 320 22.87 18.20 -19.65
N TYR A 321 22.57 16.97 -19.27
CA TYR A 321 23.57 16.07 -18.69
C TYR A 321 23.36 14.66 -19.20
N ALA A 322 24.36 13.82 -18.95
CA ALA A 322 24.28 12.39 -19.17
C ALA A 322 24.69 11.68 -17.89
N ILE A 323 24.04 10.56 -17.58
CA ILE A 323 24.32 9.86 -16.33
C ILE A 323 25.78 9.41 -16.32
N GLY A 324 26.46 9.71 -15.21
CA GLY A 324 27.86 9.36 -15.06
C GLY A 324 28.83 10.39 -15.59
N VAL A 325 28.37 11.36 -16.38
CA VAL A 325 29.23 12.40 -16.93
C VAL A 325 29.08 13.66 -16.08
N SER A 326 30.21 14.31 -15.79
CA SER A 326 30.20 15.46 -14.89
C SER A 326 29.95 16.77 -15.62
N HIS A 327 30.62 16.99 -16.75
CA HIS A 327 30.44 18.24 -17.49
C HIS A 327 29.08 18.26 -18.16
N PRO A 328 28.40 19.41 -18.17
CA PRO A 328 27.14 19.52 -18.91
C PRO A 328 27.34 19.21 -20.38
N LEU A 329 26.35 18.56 -20.98
CA LEU A 329 26.45 18.18 -22.39
C LEU A 329 26.17 19.36 -23.31
N SER A 330 25.31 20.29 -22.90
CA SER A 330 25.00 21.46 -23.70
C SER A 330 24.63 22.60 -22.77
N ILE A 331 24.98 23.81 -23.18
CA ILE A 331 24.63 25.03 -22.46
C ILE A 331 24.19 26.07 -23.49
N SER A 332 23.01 26.64 -23.28
CA SER A 332 22.44 27.60 -24.22
C SER A 332 21.86 28.78 -23.46
N ILE A 333 22.01 29.97 -24.05
CA ILE A 333 21.45 31.20 -23.50
C ILE A 333 20.59 31.86 -24.56
N PHE A 334 19.46 32.43 -24.14
CA PHE A 334 18.61 33.23 -25.01
C PHE A 334 18.11 34.43 -24.21
N HIS A 335 18.43 35.63 -24.70
CA HIS A 335 18.09 36.85 -23.98
C HIS A 335 16.90 37.59 -24.59
N TYR A 336 16.19 36.96 -25.52
CA TYR A 336 14.97 37.50 -26.12
C TYR A 336 15.20 38.83 -26.83
N GLY A 337 16.45 39.16 -27.14
CA GLY A 337 16.77 40.46 -27.70
C GLY A 337 16.82 41.59 -26.70
N THR A 338 16.89 41.28 -25.40
CA THR A 338 16.94 42.30 -24.35
C THR A 338 18.35 42.61 -23.89
N SER A 339 19.36 42.21 -24.67
CA SER A 339 20.74 42.45 -24.30
C SER A 339 21.50 43.01 -25.49
N GLN A 340 22.37 43.98 -25.21
CA GLN A 340 23.26 44.53 -26.24
C GLN A 340 24.26 43.50 -26.70
N LYS A 341 24.72 42.63 -25.79
CA LYS A 341 25.70 41.61 -26.12
C LYS A 341 25.02 40.41 -26.78
N SER A 342 25.76 39.77 -27.69
CA SER A 342 25.26 38.59 -28.37
C SER A 342 25.12 37.44 -27.39
N GLU A 343 24.45 36.37 -27.83
CA GLU A 343 24.22 35.23 -26.96
C GLU A 343 25.49 34.43 -26.72
N ARG A 344 26.39 34.37 -27.70
CA ARG A 344 27.61 33.58 -27.53
C ARG A 344 28.52 34.18 -26.47
N GLU A 345 28.60 35.51 -26.41
CA GLU A 345 29.45 36.12 -25.39
C GLU A 345 28.77 36.16 -24.03
N LEU A 346 27.43 36.15 -24.01
CA LEU A 346 26.73 35.86 -22.76
C LEU A 346 27.06 34.45 -22.29
N LEU A 347 27.19 33.51 -23.23
CA LEU A 347 27.56 32.14 -22.88
C LEU A 347 28.94 32.09 -22.26
N GLU A 348 29.88 32.89 -22.78
CA GLU A 348 31.24 32.87 -22.25
C GLU A 348 31.32 33.54 -20.89
N ILE A 349 30.58 34.62 -20.68
CA ILE A 349 30.51 35.24 -19.36
C ILE A 349 30.02 34.23 -18.34
N VAL A 350 29.10 33.35 -18.74
CA VAL A 350 28.61 32.30 -17.85
C VAL A 350 29.68 31.25 -17.62
N LYS A 351 30.36 30.82 -18.69
CA LYS A 351 31.37 29.77 -18.54
C LYS A 351 32.56 30.24 -17.71
N LYS A 352 32.80 31.55 -17.67
CA LYS A 352 33.89 32.09 -16.87
C LYS A 352 33.50 32.33 -15.42
N ASN A 353 32.20 32.46 -15.14
CA ASN A 353 31.73 32.74 -13.79
C ASN A 353 31.07 31.55 -13.10
N PHE A 354 30.67 30.53 -13.84
CA PHE A 354 29.94 29.41 -13.26
C PHE A 354 30.56 28.09 -13.68
N ASP A 355 30.61 27.16 -12.73
CA ASP A 355 31.05 25.78 -12.96
C ASP A 355 29.82 24.91 -12.75
N LEU A 356 29.20 24.47 -13.85
CA LEU A 356 27.91 23.79 -13.80
C LEU A 356 28.05 22.27 -13.68
N ARG A 357 29.17 21.78 -13.16
CA ARG A 357 29.27 20.38 -12.81
C ARG A 357 28.47 20.13 -11.53
N PRO A 358 27.76 19.00 -11.42
CA PRO A 358 26.90 18.79 -10.25
C PRO A 358 27.67 18.74 -8.94
N GLY A 359 28.92 18.26 -8.95
CA GLY A 359 29.71 18.25 -7.74
C GLY A 359 30.18 19.62 -7.30
N VAL A 360 30.22 20.58 -8.22
CA VAL A 360 30.59 21.95 -7.85
C VAL A 360 29.36 22.78 -7.47
N ILE A 361 28.21 22.48 -8.08
CA ILE A 361 26.98 23.21 -7.75
C ILE A 361 26.60 22.98 -6.29
N VAL A 362 26.68 21.73 -5.83
CA VAL A 362 26.33 21.42 -4.46
C VAL A 362 27.21 22.19 -3.48
N ARG A 363 28.49 22.34 -3.82
CA ARG A 363 29.39 23.11 -2.98
C ARG A 363 29.07 24.59 -3.03
N ASP A 364 28.84 25.13 -4.23
CA ASP A 364 28.60 26.56 -4.38
C ASP A 364 27.26 26.96 -3.81
N LEU A 365 26.23 26.14 -3.97
CA LEU A 365 24.89 26.47 -3.49
C LEU A 365 24.59 25.85 -2.13
N ASP A 366 25.53 25.14 -1.52
CA ASP A 366 25.38 24.59 -0.17
C ASP A 366 24.13 23.71 -0.08
N LEU A 367 24.05 22.74 -0.98
CA LEU A 367 22.82 21.96 -1.19
C LEU A 367 22.75 20.71 -0.33
N LYS A 368 23.61 20.55 0.65
CA LYS A 368 23.53 19.42 1.57
C LYS A 368 22.75 19.75 2.83
N LYS A 369 22.31 20.99 3.00
CA LYS A 369 21.55 21.41 4.16
C LYS A 369 20.10 20.93 4.05
N PRO A 370 19.47 20.59 5.18
CA PRO A 370 18.04 20.23 5.16
C PRO A 370 17.14 21.45 5.03
N ILE A 371 17.13 22.03 3.83
CA ILE A 371 16.41 23.27 3.54
C ILE A 371 15.24 23.03 2.60
N TYR A 372 14.94 21.79 2.26
CA TYR A 372 14.11 21.51 1.10
C TYR A 372 12.61 21.47 1.38
N GLN A 373 12.20 21.21 2.62
CA GLN A 373 10.77 21.26 2.93
C GLN A 373 10.22 22.67 2.74
N ARG A 374 11.06 23.68 2.92
CA ARG A 374 10.63 25.07 2.69
C ARG A 374 10.33 25.33 1.22
N THR A 375 11.00 24.61 0.32
CA THR A 375 10.86 24.87 -1.12
C THR A 375 9.62 24.22 -1.72
N ALA A 376 9.01 23.24 -1.03
CA ALA A 376 7.96 22.43 -1.61
C ALA A 376 6.63 23.16 -1.76
N ALA A 377 6.53 24.42 -1.34
CA ALA A 377 5.31 25.19 -1.50
C ALA A 377 5.66 26.64 -1.73
N TYR A 378 4.79 27.34 -2.45
CA TYR A 378 4.93 28.76 -2.79
C TYR A 378 6.12 29.03 -3.70
N GLY A 379 6.61 28.01 -4.39
CA GLY A 379 7.63 28.20 -5.40
C GLY A 379 9.05 27.99 -4.92
N HIS A 380 9.86 27.32 -5.75
CA HIS A 380 11.28 27.17 -5.48
C HIS A 380 12.08 28.40 -5.86
N PHE A 381 11.51 29.31 -6.63
CA PHE A 381 12.24 30.44 -7.20
C PHE A 381 11.53 31.74 -6.85
N GLY A 382 12.32 32.78 -6.56
CA GLY A 382 11.80 34.09 -6.26
C GLY A 382 11.76 34.45 -4.78
N ARG A 383 12.45 33.71 -3.93
CA ARG A 383 12.45 33.95 -2.50
C ARG A 383 13.88 34.06 -2.01
N ASP A 384 14.21 35.17 -1.35
CA ASP A 384 15.58 35.49 -1.00
C ASP A 384 16.18 34.53 0.02
N SER A 385 15.38 33.66 0.63
CA SER A 385 15.88 32.75 1.65
C SER A 385 16.80 31.68 1.10
N PHE A 386 16.96 31.60 -0.23
CA PHE A 386 17.64 30.47 -0.84
C PHE A 386 18.91 30.93 -1.56
N PRO A 387 19.96 30.10 -1.56
CA PRO A 387 21.24 30.52 -2.16
C PRO A 387 21.16 30.77 -3.65
N TRP A 388 20.40 29.95 -4.38
CA TRP A 388 20.26 30.16 -5.82
C TRP A 388 19.50 31.43 -6.16
N GLU A 389 18.98 32.15 -5.17
CA GLU A 389 18.32 33.43 -5.38
C GLU A 389 19.20 34.62 -5.04
N VAL A 390 20.43 34.38 -4.59
CA VAL A 390 21.39 35.44 -4.33
C VAL A 390 22.25 35.61 -5.58
N PRO A 391 22.18 36.75 -6.28
CA PRO A 391 22.93 36.89 -7.53
C PRO A 391 24.43 36.85 -7.28
N LYS A 392 25.14 36.31 -8.26
CA LYS A 392 26.59 36.23 -8.21
C LYS A 392 27.20 37.45 -8.87
N LYS A 393 28.13 38.11 -8.18
CA LYS A 393 28.89 39.19 -8.79
C LYS A 393 29.68 38.64 -9.97
N LEU A 394 29.36 39.12 -11.17
CA LEU A 394 29.96 38.60 -12.38
C LEU A 394 31.27 39.32 -12.69
N LYS A 395 32.23 38.55 -13.19
CA LYS A 395 33.54 39.08 -13.59
C LYS A 395 33.79 38.70 -15.05
N TYR A 396 34.10 39.71 -15.86
CA TYR A 396 34.40 39.49 -17.28
C TYR A 396 35.17 40.66 -17.86
N ALA B 12 34.27 30.19 -35.09
CA ALA B 12 33.95 31.46 -34.44
C ALA B 12 32.81 32.16 -35.18
N PHE B 13 32.87 32.12 -36.51
CA PHE B 13 31.72 32.53 -37.31
C PHE B 13 30.54 31.60 -37.08
N ILE B 14 30.81 30.30 -36.97
CA ILE B 14 29.77 29.34 -36.62
C ILE B 14 29.31 29.54 -35.18
N GLU B 15 30.25 29.84 -34.27
CA GLU B 15 29.86 29.96 -32.86
C GLU B 15 28.95 31.16 -32.61
N GLU B 16 29.09 32.23 -33.40
CA GLU B 16 28.30 33.44 -33.15
C GLU B 16 26.89 33.36 -33.68
N GLY B 17 26.62 32.52 -34.67
CA GLY B 17 25.29 32.43 -35.25
C GLY B 17 24.67 31.06 -35.12
N THR B 18 24.89 30.40 -33.98
CA THR B 18 24.46 29.03 -33.78
C THR B 18 24.14 28.83 -32.30
N PHE B 19 23.12 28.02 -32.03
CA PHE B 19 22.79 27.63 -30.66
C PHE B 19 22.53 26.13 -30.62
N LEU B 20 22.47 25.59 -29.41
CA LEU B 20 22.17 24.20 -29.17
C LEU B 20 20.85 24.06 -28.44
N PHE B 21 20.15 22.96 -28.69
CA PHE B 21 18.93 22.65 -27.97
C PHE B 21 18.84 21.14 -27.76
N THR B 22 18.41 20.74 -26.57
CA THR B 22 18.40 19.35 -26.16
C THR B 22 16.99 18.95 -25.73
N SER B 23 16.56 17.77 -26.20
CA SER B 23 15.32 17.17 -25.77
C SER B 23 15.57 15.71 -25.41
N GLU B 24 14.66 15.13 -24.64
CA GLU B 24 14.79 13.75 -24.19
C GLU B 24 13.47 13.01 -24.41
N SER B 25 13.58 11.68 -24.39
CA SER B 25 12.42 10.80 -24.43
C SER B 25 12.80 9.52 -23.72
N VAL B 26 11.78 8.71 -23.40
CA VAL B 26 11.98 7.44 -22.71
C VAL B 26 11.12 6.38 -23.39
N GLY B 27 11.50 5.12 -23.16
CA GLY B 27 10.79 3.99 -23.73
C GLY B 27 9.59 3.57 -22.90
N GLU B 28 8.91 2.53 -23.39
CA GLU B 28 7.72 2.04 -22.72
C GLU B 28 8.03 1.44 -21.36
N GLY B 29 9.21 0.84 -21.21
CA GLY B 29 9.59 0.23 -19.94
C GLY B 29 10.02 1.19 -18.87
N HIS B 30 10.22 2.46 -19.19
CA HIS B 30 10.54 3.45 -18.18
C HIS B 30 9.40 3.50 -17.16
N PRO B 31 9.70 3.49 -15.86
CA PRO B 31 8.62 3.37 -14.87
C PRO B 31 7.57 4.47 -14.95
N ASP B 32 7.96 5.69 -15.29
CA ASP B 32 6.98 6.75 -15.46
C ASP B 32 6.05 6.47 -16.64
N LYS B 33 6.62 5.96 -17.75
CA LYS B 33 5.81 5.68 -18.93
C LYS B 33 4.94 4.44 -18.73
N ILE B 34 5.40 3.49 -17.91
CA ILE B 34 4.54 2.36 -17.55
C ILE B 34 3.24 2.85 -16.95
N CYS B 35 3.33 3.83 -16.05
CA CYS B 35 2.14 4.36 -15.39
C CYS B 35 1.25 5.12 -16.35
N ASP B 36 1.84 5.97 -17.20
CA ASP B 36 1.07 6.64 -18.23
C ASP B 36 0.34 5.63 -19.12
N GLN B 37 1.03 4.55 -19.48
CA GLN B 37 0.43 3.53 -20.34
C GLN B 37 -0.74 2.84 -19.64
N ILE B 38 -0.54 2.45 -18.39
CA ILE B 38 -1.60 1.76 -17.65
C ILE B 38 -2.76 2.70 -17.37
N SER B 39 -2.48 3.97 -17.06
CA SER B 39 -3.55 4.92 -16.77
C SER B 39 -4.42 5.16 -17.99
N ASP B 40 -3.82 5.20 -19.19
CA ASP B 40 -4.63 5.37 -20.39
C ASP B 40 -5.27 4.07 -20.84
N ALA B 41 -4.67 2.92 -20.50
CA ALA B 41 -5.33 1.64 -20.75
C ALA B 41 -6.59 1.52 -19.90
N VAL B 42 -6.54 2.02 -18.66
CA VAL B 42 -7.74 2.08 -17.83
C VAL B 42 -8.77 2.99 -18.46
N LEU B 43 -8.32 4.14 -18.98
CA LEU B 43 -9.23 5.07 -19.66
C LEU B 43 -9.87 4.43 -20.88
N ASP B 44 -9.06 3.75 -21.71
CA ASP B 44 -9.59 3.11 -22.89
C ASP B 44 -10.56 1.98 -22.52
N ALA B 45 -10.28 1.27 -21.43
CA ALA B 45 -11.15 0.18 -21.03
C ALA B 45 -12.54 0.68 -20.67
N HIS B 46 -12.62 1.78 -19.91
CA HIS B 46 -13.91 2.34 -19.55
C HIS B 46 -14.63 2.94 -20.77
N LEU B 47 -13.87 3.58 -21.67
CA LEU B 47 -14.49 4.24 -22.81
C LEU B 47 -15.10 3.23 -23.78
N GLN B 48 -14.55 2.03 -23.86
CA GLN B 48 -15.10 1.02 -24.77
C GLN B 48 -16.54 0.67 -24.41
N GLN B 49 -16.83 0.54 -23.12
CA GLN B 49 -18.18 0.22 -22.67
C GLN B 49 -19.02 1.46 -22.40
N ASP B 50 -18.41 2.50 -21.83
CA ASP B 50 -19.11 3.74 -21.50
C ASP B 50 -18.37 4.91 -22.14
N PRO B 51 -18.84 5.41 -23.29
CA PRO B 51 -18.17 6.55 -23.92
C PRO B 51 -18.31 7.86 -23.16
N ASP B 52 -19.18 7.93 -22.15
CA ASP B 52 -19.33 9.12 -21.32
C ASP B 52 -18.68 8.95 -19.95
N ALA B 53 -17.75 8.01 -19.82
CA ALA B 53 -17.11 7.76 -18.54
C ALA B 53 -16.19 8.92 -18.16
N LYS B 54 -16.23 9.28 -16.88
CA LYS B 54 -15.32 10.28 -16.31
C LYS B 54 -14.21 9.53 -15.59
N VAL B 55 -12.96 9.79 -15.98
CA VAL B 55 -11.81 9.03 -15.50
C VAL B 55 -10.72 9.99 -15.06
N ALA B 56 -10.15 9.73 -13.87
CA ALA B 56 -8.98 10.45 -13.35
C ALA B 56 -8.14 9.41 -12.62
N CYS B 57 -7.37 8.63 -13.39
CA CYS B 57 -6.70 7.43 -12.89
C CYS B 57 -5.20 7.69 -12.79
N GLU B 58 -4.67 7.56 -11.57
CA GLU B 58 -3.24 7.67 -11.33
C GLU B 58 -2.66 6.29 -11.08
N THR B 59 -1.49 6.03 -11.66
CA THR B 59 -0.80 4.76 -11.52
C THR B 59 0.55 4.98 -10.84
N VAL B 60 0.92 4.06 -9.96
CA VAL B 60 2.18 4.11 -9.22
C VAL B 60 2.89 2.78 -9.39
N ALA B 61 4.17 2.81 -9.74
CA ALA B 61 4.93 1.61 -10.03
C ALA B 61 6.18 1.57 -9.17
N LYS B 62 6.34 0.48 -8.43
CA LYS B 62 7.55 0.19 -7.68
C LYS B 62 7.74 -1.31 -7.71
N THR B 63 8.84 -1.78 -7.11
CA THR B 63 9.22 -3.20 -7.11
C THR B 63 8.03 -4.11 -6.86
N GLY B 64 7.61 -4.81 -7.90
CA GLY B 64 6.52 -5.77 -7.81
C GLY B 64 5.15 -5.19 -7.52
N MET B 65 4.96 -3.88 -7.68
CA MET B 65 3.70 -3.24 -7.31
C MET B 65 3.21 -2.33 -8.43
N ILE B 66 1.94 -2.48 -8.79
CA ILE B 66 1.20 -1.49 -9.57
C ILE B 66 0.02 -1.05 -8.73
N LEU B 67 -0.07 0.24 -8.46
CA LEU B 67 -1.13 0.81 -7.64
C LEU B 67 -1.97 1.77 -8.47
N LEU B 68 -3.28 1.55 -8.47
CA LEU B 68 -4.23 2.42 -9.16
C LEU B 68 -4.98 3.25 -8.13
N ALA B 69 -5.02 4.57 -8.34
CA ALA B 69 -5.72 5.47 -7.44
C ALA B 69 -6.34 6.59 -8.24
N GLY B 70 -7.49 7.06 -7.78
CA GLY B 70 -8.18 8.17 -8.42
C GLY B 70 -9.68 7.96 -8.37
N GLU B 71 -10.37 8.74 -9.20
CA GLU B 71 -11.82 8.78 -9.20
C GLU B 71 -12.34 8.43 -10.59
N ILE B 72 -13.37 7.61 -10.64
CA ILE B 72 -13.97 7.17 -11.90
C ILE B 72 -15.48 7.18 -11.75
N THR B 73 -16.16 7.82 -12.69
CA THR B 73 -17.62 7.81 -12.76
C THR B 73 -18.00 7.17 -14.09
N SER B 74 -18.44 5.92 -14.05
CA SER B 74 -18.60 5.14 -15.27
C SER B 74 -19.63 4.05 -15.06
N ARG B 75 -20.25 3.63 -16.16
CA ARG B 75 -21.14 2.48 -16.19
C ARG B 75 -20.42 1.19 -16.49
N ALA B 76 -19.15 1.25 -16.88
CA ALA B 76 -18.43 0.07 -17.35
C ALA B 76 -17.99 -0.80 -16.19
N ALA B 77 -17.85 -2.10 -16.47
CA ALA B 77 -17.28 -3.07 -15.55
C ALA B 77 -15.94 -3.50 -16.13
N VAL B 78 -14.84 -3.04 -15.51
CA VAL B 78 -13.50 -3.21 -16.04
C VAL B 78 -12.73 -4.16 -15.12
N ASP B 79 -12.14 -5.19 -15.72
CA ASP B 79 -11.28 -6.13 -15.01
C ASP B 79 -9.89 -5.51 -14.90
N TYR B 80 -9.60 -4.87 -13.77
CA TYR B 80 -8.35 -4.16 -13.63
C TYR B 80 -7.15 -5.10 -13.61
N GLN B 81 -7.32 -6.32 -13.09
CA GLN B 81 -6.25 -7.29 -13.12
C GLN B 81 -5.82 -7.60 -14.56
N LYS B 82 -6.81 -7.82 -15.43
CA LYS B 82 -6.49 -8.13 -16.83
C LYS B 82 -5.90 -6.92 -17.54
N VAL B 83 -6.47 -5.73 -17.32
CA VAL B 83 -6.01 -4.54 -18.03
C VAL B 83 -4.57 -4.21 -17.63
N VAL B 84 -4.27 -4.26 -16.33
CA VAL B 84 -2.92 -3.95 -15.87
C VAL B 84 -1.92 -4.99 -16.37
N ARG B 85 -2.21 -6.27 -16.13
CA ARG B 85 -1.25 -7.32 -16.43
C ARG B 85 -1.02 -7.48 -17.93
N GLU B 86 -2.03 -7.17 -18.75
CA GLU B 86 -1.82 -7.25 -20.19
C GLU B 86 -1.03 -6.05 -20.71
N ALA B 87 -1.15 -4.89 -20.06
CA ALA B 87 -0.33 -3.74 -20.43
C ALA B 87 1.13 -4.00 -20.08
N VAL B 88 1.40 -4.55 -18.90
CA VAL B 88 2.76 -4.87 -18.50
C VAL B 88 3.33 -5.97 -19.38
N LYS B 89 2.49 -6.95 -19.75
CA LYS B 89 2.93 -7.99 -20.67
C LYS B 89 3.31 -7.39 -22.02
N HIS B 90 2.47 -6.48 -22.53
CA HIS B 90 2.76 -5.82 -23.80
C HIS B 90 4.07 -5.04 -23.73
N ILE B 91 4.33 -4.39 -22.59
CA ILE B 91 5.56 -3.63 -22.42
C ILE B 91 6.78 -4.54 -22.46
N GLY B 92 6.66 -5.76 -21.92
CA GLY B 92 7.73 -6.73 -22.04
C GLY B 92 8.31 -7.25 -20.75
N TYR B 93 7.68 -6.92 -19.62
CA TYR B 93 8.15 -7.37 -18.31
C TYR B 93 7.39 -8.65 -17.95
N ASP B 94 8.02 -9.80 -18.18
CA ASP B 94 7.36 -11.09 -18.02
C ASP B 94 8.19 -12.10 -17.24
N ASP B 95 9.14 -11.64 -16.42
CA ASP B 95 9.95 -12.57 -15.66
C ASP B 95 10.71 -11.82 -14.57
N SER B 96 10.97 -12.52 -13.46
CA SER B 96 11.73 -11.92 -12.38
C SER B 96 13.17 -11.62 -12.76
N SER B 97 13.71 -12.29 -13.79
CA SER B 97 15.04 -11.97 -14.27
C SER B 97 15.11 -10.62 -14.94
N LYS B 98 13.97 -9.98 -15.21
CA LYS B 98 13.93 -8.65 -15.79
C LYS B 98 13.48 -7.60 -14.79
N GLY B 99 13.29 -7.98 -13.52
CA GLY B 99 12.93 -7.05 -12.47
C GLY B 99 11.45 -6.83 -12.28
N PHE B 100 10.60 -7.40 -13.14
CA PHE B 100 9.16 -7.19 -13.06
C PHE B 100 8.48 -8.24 -13.93
N ASP B 101 7.37 -8.79 -13.43
CA ASP B 101 6.66 -9.86 -14.12
C ASP B 101 5.16 -9.63 -14.00
N TYR B 102 4.48 -9.52 -15.13
CA TYR B 102 3.05 -9.29 -15.13
C TYR B 102 2.27 -10.45 -14.50
N LYS B 103 2.85 -11.66 -14.50
CA LYS B 103 2.14 -12.80 -13.96
C LYS B 103 2.07 -12.76 -12.44
N THR B 104 3.07 -12.19 -11.78
CA THR B 104 3.21 -12.31 -10.34
C THR B 104 3.24 -10.98 -9.59
N CYS B 105 3.14 -9.85 -10.27
CA CYS B 105 3.21 -8.57 -9.58
C CYS B 105 1.93 -8.31 -8.79
N ASN B 106 2.07 -7.51 -7.74
CA ASN B 106 0.92 -7.10 -6.94
C ASN B 106 0.20 -5.95 -7.63
N VAL B 107 -1.11 -6.08 -7.78
CA VAL B 107 -1.95 -5.03 -8.36
C VAL B 107 -2.90 -4.56 -7.27
N LEU B 108 -2.69 -3.33 -6.81
CA LEU B 108 -3.52 -2.72 -5.77
C LEU B 108 -4.47 -1.72 -6.41
N VAL B 109 -5.76 -1.89 -6.18
CA VAL B 109 -6.80 -1.05 -6.78
C VAL B 109 -7.39 -0.19 -5.67
N ALA B 110 -7.10 1.11 -5.71
CA ALA B 110 -7.63 2.08 -4.75
C ALA B 110 -8.57 3.08 -5.41
N LEU B 111 -9.15 2.72 -6.55
CA LEU B 111 -10.04 3.63 -7.26
C LEU B 111 -11.37 3.75 -6.54
N GLU B 112 -11.94 4.95 -6.57
CA GLU B 112 -13.27 5.22 -6.03
C GLU B 112 -14.21 5.37 -7.22
N GLN B 113 -14.87 4.28 -7.60
CA GLN B 113 -15.76 4.28 -8.75
C GLN B 113 -17.19 4.59 -8.33
N GLN B 114 -17.84 5.47 -9.09
CA GLN B 114 -19.22 5.88 -8.84
C GLN B 114 -20.04 5.64 -10.09
N SER B 115 -21.24 5.08 -9.90
CA SER B 115 -22.08 4.89 -11.08
C SER B 115 -22.90 6.14 -11.35
N PRO B 116 -23.05 6.56 -12.62
CA PRO B 116 -23.82 7.77 -12.93
C PRO B 116 -25.32 7.58 -12.76
N GLU B 129 -21.15 22.29 -28.12
CA GLU B 129 -21.63 22.16 -26.75
C GLU B 129 -21.25 23.39 -25.93
N ASP B 130 -22.06 23.71 -24.94
CA ASP B 130 -21.86 24.91 -24.12
C ASP B 130 -21.15 24.60 -22.81
N ILE B 131 -20.41 23.49 -22.74
CA ILE B 131 -19.67 23.14 -21.54
C ILE B 131 -18.59 24.18 -21.32
N GLY B 132 -18.66 24.89 -20.18
CA GLY B 132 -17.70 25.92 -19.88
C GLY B 132 -16.38 25.35 -19.37
N ALA B 133 -15.39 26.24 -19.31
CA ALA B 133 -14.07 25.86 -18.84
C ALA B 133 -14.07 25.74 -17.32
N GLY B 134 -13.64 24.59 -16.82
CA GLY B 134 -13.57 24.37 -15.39
C GLY B 134 -12.40 25.05 -14.70
N ASP B 135 -11.46 25.60 -15.47
CA ASP B 135 -10.29 26.27 -14.91
C ASP B 135 -9.97 27.50 -15.76
N GLN B 136 -9.44 28.52 -15.09
CA GLN B 136 -8.88 29.70 -15.78
C GLN B 136 -7.47 29.32 -16.19
N GLY B 137 -7.35 28.71 -17.37
CA GLY B 137 -6.11 28.07 -17.79
C GLY B 137 -5.57 28.62 -19.11
N LEU B 138 -4.32 28.25 -19.37
CA LEU B 138 -3.61 28.57 -20.61
C LEU B 138 -3.24 27.29 -21.32
N MET B 139 -3.55 27.21 -22.61
CA MET B 139 -3.19 26.08 -23.44
C MET B 139 -2.27 26.55 -24.56
N PHE B 140 -1.24 25.78 -24.84
CA PHE B 140 -0.24 26.12 -25.84
C PHE B 140 -0.23 25.08 -26.95
N GLY B 141 -0.21 25.56 -28.19
CA GLY B 141 0.04 24.72 -29.34
C GLY B 141 1.28 25.21 -30.06
N TYR B 142 2.06 24.29 -30.60
CA TYR B 142 3.33 24.62 -31.23
C TYR B 142 3.54 23.77 -32.47
N ALA B 143 4.21 24.35 -33.45
CA ALA B 143 4.53 23.65 -34.69
C ALA B 143 5.72 24.33 -35.35
N THR B 144 6.51 23.53 -36.06
CA THR B 144 7.69 24.03 -36.76
C THR B 144 7.91 23.19 -38.01
N ASP B 145 8.30 23.85 -39.10
CA ASP B 145 8.47 23.18 -40.38
C ASP B 145 9.81 22.47 -40.52
N GLU B 146 10.55 22.29 -39.42
CA GLU B 146 11.87 21.66 -39.50
C GLU B 146 11.79 20.16 -39.77
N THR B 147 10.66 19.53 -39.48
CA THR B 147 10.46 18.12 -39.76
C THR B 147 9.10 17.93 -40.44
N GLU B 148 8.93 16.74 -41.02
CA GLU B 148 7.68 16.44 -41.73
C GLU B 148 6.50 16.40 -40.76
N GLU B 149 6.72 15.91 -39.54
CA GLU B 149 5.67 15.83 -38.53
C GLU B 149 5.43 17.15 -37.82
N CYS B 150 6.06 18.24 -38.27
CA CYS B 150 5.86 19.58 -37.71
C CYS B 150 6.23 19.64 -36.24
N MET B 151 7.36 19.04 -35.89
CA MET B 151 7.83 18.97 -34.52
C MET B 151 9.32 19.23 -34.49
N PRO B 152 9.87 19.64 -33.34
CA PRO B 152 11.31 19.85 -33.26
C PRO B 152 12.08 18.56 -33.51
N LEU B 153 13.19 18.68 -34.24
CA LEU B 153 14.00 17.50 -34.56
C LEU B 153 14.53 16.83 -33.30
N THR B 154 14.81 17.60 -32.26
CA THR B 154 15.32 17.04 -31.01
C THR B 154 14.36 16.00 -30.44
N ILE B 155 13.08 16.36 -30.30
CA ILE B 155 12.13 15.45 -29.68
C ILE B 155 11.71 14.35 -30.66
N VAL B 156 11.70 14.63 -31.95
CA VAL B 156 11.34 13.60 -32.93
C VAL B 156 12.39 12.50 -32.95
N LEU B 157 13.66 12.88 -33.06
CA LEU B 157 14.73 11.88 -33.06
C LEU B 157 14.75 11.10 -31.75
N ALA B 158 14.60 11.80 -30.62
CA ALA B 158 14.58 11.13 -29.33
C ALA B 158 13.45 10.13 -29.24
N HIS B 159 12.27 10.49 -29.76
CA HIS B 159 11.14 9.56 -29.76
C HIS B 159 11.45 8.33 -30.59
N LYS B 160 11.87 8.52 -31.83
CA LYS B 160 12.06 7.39 -32.74
C LYS B 160 13.21 6.48 -32.30
N LEU B 161 14.20 7.03 -31.59
CA LEU B 161 15.28 6.18 -31.08
C LEU B 161 14.76 5.17 -30.07
N ASN B 162 13.87 5.61 -29.16
CA ASN B 162 13.23 4.67 -28.25
C ASN B 162 12.38 3.65 -29.00
N ALA B 163 11.64 4.12 -30.01
CA ALA B 163 10.78 3.23 -30.77
C ALA B 163 11.60 2.16 -31.49
N LYS B 164 12.73 2.55 -32.08
CA LYS B 164 13.58 1.58 -32.76
C LYS B 164 14.12 0.54 -31.80
N LEU B 165 14.40 0.94 -30.56
CA LEU B 165 14.85 -0.01 -29.55
C LEU B 165 13.78 -1.07 -29.28
N ALA B 166 12.54 -0.63 -29.05
CA ALA B 166 11.45 -1.57 -28.82
C ALA B 166 11.18 -2.44 -30.05
N GLU B 167 11.43 -1.90 -31.25
CA GLU B 167 11.21 -2.67 -32.46
C GLU B 167 12.24 -3.80 -32.59
N LEU B 168 13.51 -3.49 -32.34
CA LEU B 168 14.54 -4.52 -32.44
C LEU B 168 14.47 -5.50 -31.27
N ARG B 169 13.97 -5.05 -30.12
CA ARG B 169 13.79 -5.97 -29.00
C ARG B 169 12.67 -6.97 -29.27
N ARG B 170 11.55 -6.50 -29.82
CA ARG B 170 10.37 -7.36 -29.97
C ARG B 170 10.46 -8.32 -31.14
N ASN B 171 11.29 -8.05 -32.15
CA ASN B 171 11.42 -8.96 -33.29
C ASN B 171 12.67 -9.82 -33.22
N GLY B 172 13.35 -9.84 -32.06
CA GLY B 172 14.48 -10.72 -31.87
C GLY B 172 15.79 -10.26 -32.49
N THR B 173 15.84 -9.07 -33.09
CA THR B 173 17.08 -8.58 -33.67
C THR B 173 18.14 -8.39 -32.59
N LEU B 174 17.80 -7.67 -31.52
CA LEU B 174 18.68 -7.46 -30.38
C LEU B 174 17.99 -8.08 -29.16
N PRO B 175 18.06 -9.40 -29.01
CA PRO B 175 17.30 -10.07 -27.94
C PRO B 175 17.79 -9.74 -26.54
N TRP B 176 18.98 -9.13 -26.40
CA TRP B 176 19.46 -8.74 -25.08
C TRP B 176 18.82 -7.46 -24.57
N LEU B 177 18.01 -6.78 -25.38
CA LEU B 177 17.36 -5.55 -24.97
C LEU B 177 16.26 -5.83 -23.94
N ARG B 178 15.95 -4.80 -23.16
CA ARG B 178 14.94 -4.84 -22.12
C ARG B 178 14.12 -3.57 -22.21
N PRO B 179 12.89 -3.58 -21.67
CA PRO B 179 11.94 -2.50 -22.01
C PRO B 179 12.35 -1.10 -21.56
N ASP B 180 13.08 -0.97 -20.46
CA ASP B 180 13.40 0.35 -19.91
C ASP B 180 14.49 1.02 -20.73
N SER B 181 14.25 2.26 -21.16
CA SER B 181 15.25 2.99 -21.94
C SER B 181 15.00 4.48 -21.84
N LYS B 182 16.06 5.25 -22.11
CA LYS B 182 16.01 6.71 -22.15
C LYS B 182 16.93 7.20 -23.27
N THR B 183 16.51 8.26 -23.95
CA THR B 183 17.31 8.86 -25.01
C THR B 183 17.32 10.37 -24.85
N GLN B 184 18.35 11.01 -25.42
CA GLN B 184 18.49 12.45 -25.34
C GLN B 184 19.28 12.93 -26.55
N VAL B 185 18.74 13.92 -27.25
CA VAL B 185 19.31 14.39 -28.52
C VAL B 185 19.54 15.89 -28.44
N THR B 186 20.75 16.31 -28.80
CA THR B 186 21.11 17.72 -28.86
C THR B 186 21.40 18.08 -30.32
N VAL B 187 20.64 19.04 -30.85
CA VAL B 187 20.74 19.45 -32.25
C VAL B 187 21.38 20.83 -32.31
N GLN B 188 22.31 21.00 -33.24
CA GLN B 188 22.93 22.29 -33.50
C GLN B 188 22.10 23.03 -34.53
N TYR B 189 21.62 24.22 -34.17
CA TYR B 189 20.63 24.95 -34.96
C TYR B 189 21.21 26.23 -35.54
N MET B 190 20.58 26.69 -36.62
CA MET B 190 20.81 28.02 -37.19
C MET B 190 19.48 28.73 -37.33
N GLN B 191 19.45 30.00 -36.96
CA GLN B 191 18.25 30.81 -37.16
C GLN B 191 18.08 31.13 -38.64
N ASP B 192 16.81 31.20 -39.07
CA ASP B 192 16.52 31.45 -40.48
C ASP B 192 15.18 32.23 -40.55
N ARG B 193 15.28 33.56 -40.47
CA ARG B 193 14.15 34.46 -40.66
C ARG B 193 13.01 34.13 -39.69
N GLY B 194 13.37 34.00 -38.41
CA GLY B 194 12.44 33.63 -37.37
C GLY B 194 12.23 32.13 -37.20
N ALA B 195 12.41 31.36 -38.27
CA ALA B 195 12.36 29.91 -38.21
C ALA B 195 13.70 29.36 -37.75
N VAL B 196 13.67 28.14 -37.22
CA VAL B 196 14.89 27.46 -36.80
C VAL B 196 15.20 26.34 -37.80
N LEU B 197 16.49 26.11 -38.02
CA LEU B 197 16.95 25.22 -39.09
C LEU B 197 18.01 24.28 -38.55
N PRO B 198 17.75 22.98 -38.47
CA PRO B 198 18.73 22.05 -37.91
C PRO B 198 19.93 21.89 -38.82
N ILE B 199 21.13 22.02 -38.25
CA ILE B 199 22.37 21.89 -39.01
C ILE B 199 22.92 20.48 -38.86
N ARG B 200 23.11 20.05 -37.60
CA ARG B 200 23.71 18.75 -37.34
C ARG B 200 23.30 18.30 -35.94
N VAL B 201 23.44 17.00 -35.70
CA VAL B 201 23.21 16.43 -34.38
C VAL B 201 24.49 16.55 -33.56
N HIS B 202 24.41 17.32 -32.48
CA HIS B 202 25.60 17.60 -31.67
C HIS B 202 25.94 16.43 -30.75
N THR B 203 24.94 15.89 -30.05
CA THR B 203 25.17 14.86 -29.05
C THR B 203 23.96 13.94 -28.98
N ILE B 204 24.22 12.63 -28.86
CA ILE B 204 23.19 11.62 -28.70
C ILE B 204 23.49 10.82 -27.43
N VAL B 205 22.48 10.63 -26.59
CA VAL B 205 22.59 9.81 -25.39
C VAL B 205 21.56 8.70 -25.48
N ILE B 206 22.00 7.47 -25.24
CA ILE B 206 21.09 6.32 -25.19
C ILE B 206 21.48 5.46 -24.00
N SER B 207 20.50 5.16 -23.15
CA SER B 207 20.64 4.21 -22.05
C SER B 207 19.46 3.26 -22.11
N VAL B 208 19.73 1.97 -22.23
CA VAL B 208 18.68 0.95 -22.33
C VAL B 208 19.03 -0.21 -21.41
N GLN B 209 18.01 -0.75 -20.75
CA GLN B 209 18.19 -1.92 -19.90
C GLN B 209 18.55 -3.14 -20.74
N HIS B 210 19.36 -4.03 -20.16
CA HIS B 210 19.93 -5.14 -20.91
C HIS B 210 20.13 -6.35 -19.99
N ASP B 211 20.41 -7.50 -20.59
CA ASP B 211 20.59 -8.72 -19.81
C ASP B 211 22.00 -8.79 -19.24
N GLU B 212 22.31 -9.90 -18.59
CA GLU B 212 23.55 -10.08 -17.86
C GLU B 212 24.65 -10.75 -18.66
N GLU B 213 24.44 -11.02 -19.95
CA GLU B 213 25.43 -11.73 -20.76
C GLU B 213 26.08 -10.88 -21.84
N VAL B 214 25.32 -9.99 -22.49
CA VAL B 214 25.87 -9.21 -23.58
C VAL B 214 26.89 -8.21 -23.04
N CYS B 215 27.93 -7.96 -23.83
CA CYS B 215 29.05 -7.13 -23.40
C CYS B 215 28.86 -5.67 -23.81
N LEU B 216 29.71 -4.81 -23.27
CA LEU B 216 29.54 -3.36 -23.44
C LEU B 216 29.80 -2.94 -24.88
N ASP B 217 30.93 -3.38 -25.46
CA ASP B 217 31.27 -2.97 -26.82
C ASP B 217 30.21 -3.41 -27.82
N GLU B 218 29.69 -4.63 -27.66
CA GLU B 218 28.64 -5.11 -28.56
C GLU B 218 27.40 -4.24 -28.45
N MET B 219 27.02 -3.86 -27.24
CA MET B 219 25.84 -3.02 -27.05
C MET B 219 26.03 -1.66 -27.70
N ARG B 220 27.19 -1.03 -27.49
CA ARG B 220 27.41 0.32 -27.98
C ARG B 220 27.50 0.37 -29.50
N ASP B 221 27.99 -0.70 -30.12
CA ASP B 221 28.07 -0.72 -31.59
C ASP B 221 26.68 -0.88 -32.20
N ALA B 222 25.86 -1.78 -31.64
CA ALA B 222 24.51 -1.97 -32.15
C ALA B 222 23.66 -0.72 -31.96
N LEU B 223 23.91 0.03 -30.89
CA LEU B 223 23.18 1.28 -30.68
C LEU B 223 23.55 2.32 -31.73
N LYS B 224 24.81 2.33 -32.18
CA LYS B 224 25.21 3.30 -33.20
C LYS B 224 24.83 2.83 -34.60
N GLU B 225 25.09 1.56 -34.91
CA GLU B 225 24.91 1.07 -36.27
C GLU B 225 23.44 0.73 -36.56
N LYS B 226 22.81 -0.04 -35.67
CA LYS B 226 21.48 -0.57 -35.94
C LYS B 226 20.34 0.26 -35.36
N VAL B 227 20.64 1.22 -34.49
CA VAL B 227 19.62 2.09 -33.88
C VAL B 227 19.75 3.52 -34.39
N ILE B 228 20.90 4.17 -34.13
CA ILE B 228 21.05 5.58 -34.46
C ILE B 228 21.03 5.78 -35.97
N LYS B 229 21.88 5.05 -36.70
CA LYS B 229 21.97 5.24 -38.14
C LYS B 229 20.71 4.78 -38.88
N ALA B 230 19.86 3.98 -38.24
CA ALA B 230 18.59 3.59 -38.83
C ALA B 230 17.48 4.58 -38.52
N VAL B 231 17.75 5.61 -37.71
CA VAL B 231 16.76 6.59 -37.28
C VAL B 231 17.16 8.01 -37.67
N VAL B 232 18.39 8.39 -37.37
CA VAL B 232 18.87 9.75 -37.64
C VAL B 232 19.36 9.83 -39.07
N PRO B 233 18.87 10.78 -39.88
CA PRO B 233 19.38 10.92 -41.25
C PRO B 233 20.88 11.14 -41.26
N ALA B 234 21.53 10.62 -42.30
CA ALA B 234 22.99 10.65 -42.37
C ALA B 234 23.53 12.06 -42.50
N LYS B 235 22.76 12.97 -43.11
CA LYS B 235 23.23 14.35 -43.28
C LYS B 235 23.38 15.08 -41.97
N TYR B 236 22.73 14.62 -40.90
CA TYR B 236 22.85 15.24 -39.58
C TYR B 236 23.99 14.67 -38.75
N LEU B 237 24.57 13.55 -39.16
CA LEU B 237 25.65 12.90 -38.42
C LEU B 237 26.98 13.16 -39.10
N ASP B 238 27.99 13.51 -38.30
CA ASP B 238 29.34 13.73 -38.81
C ASP B 238 30.33 13.12 -37.82
N GLU B 239 31.62 13.38 -38.06
CA GLU B 239 32.69 12.83 -37.25
C GLU B 239 32.88 13.57 -35.93
N ASP B 240 32.24 14.72 -35.75
CA ASP B 240 32.29 15.44 -34.49
C ASP B 240 31.09 15.14 -33.59
N THR B 241 30.11 14.38 -34.09
CA THR B 241 28.96 14.02 -33.28
C THR B 241 29.39 13.21 -32.07
N ILE B 242 28.96 13.65 -30.89
CA ILE B 242 29.35 13.03 -29.63
C ILE B 242 28.32 11.97 -29.26
N TYR B 243 28.80 10.79 -28.89
CA TYR B 243 27.95 9.65 -28.55
C TYR B 243 28.17 9.28 -27.10
N HIS B 244 27.09 9.30 -26.31
CA HIS B 244 27.09 8.78 -24.94
C HIS B 244 26.15 7.58 -24.94
N LEU B 245 26.70 6.40 -25.23
CA LEU B 245 25.92 5.18 -25.39
C LEU B 245 26.18 4.28 -24.19
N GLN B 246 25.10 3.90 -23.49
CA GLN B 246 25.19 3.19 -22.22
C GLN B 246 26.20 3.87 -21.29
N PRO B 247 26.05 5.16 -21.00
CA PRO B 247 27.11 5.88 -20.29
C PRO B 247 27.30 5.43 -18.84
N SER B 248 26.30 4.83 -18.22
CA SER B 248 26.46 4.36 -16.85
C SER B 248 27.28 3.07 -16.77
N GLY B 249 27.54 2.42 -17.91
CA GLY B 249 28.35 1.22 -17.97
C GLY B 249 27.61 -0.07 -17.69
N ARG B 250 26.52 -0.02 -16.92
CA ARG B 250 25.79 -1.22 -16.55
C ARG B 250 24.35 -0.85 -16.24
N PHE B 251 23.41 -1.36 -17.03
CA PHE B 251 21.98 -1.08 -16.89
C PHE B 251 21.24 -2.43 -16.90
N VAL B 252 21.46 -3.22 -15.84
CA VAL B 252 20.76 -4.49 -15.70
C VAL B 252 19.48 -4.32 -14.87
N ILE B 253 19.60 -3.66 -13.73
CA ILE B 253 18.43 -3.34 -12.91
C ILE B 253 17.72 -2.14 -13.53
N GLY B 254 16.43 -2.30 -13.78
CA GLY B 254 15.65 -1.23 -14.38
C GLY B 254 14.18 -1.32 -14.04
N GLY B 255 13.35 -0.63 -14.82
CA GLY B 255 11.91 -0.62 -14.61
C GLY B 255 11.55 -0.10 -13.24
N PRO B 256 10.40 -0.54 -12.72
CA PRO B 256 9.98 -0.09 -11.38
C PRO B 256 10.95 -0.48 -10.27
N GLN B 257 11.71 -1.56 -10.44
CA GLN B 257 12.63 -1.98 -9.38
C GLN B 257 13.74 -0.95 -9.16
N GLY B 258 14.32 -0.44 -10.25
CA GLY B 258 15.39 0.53 -10.12
C GLY B 258 14.94 1.95 -9.88
N ASP B 259 13.66 2.26 -10.14
CA ASP B 259 13.16 3.62 -10.01
C ASP B 259 11.63 3.64 -9.89
N ALA B 260 11.10 4.26 -8.85
CA ALA B 260 9.66 4.38 -8.72
C ALA B 260 9.10 5.26 -9.82
N GLY B 261 7.93 4.89 -10.32
CA GLY B 261 7.30 5.61 -11.43
C GLY B 261 5.90 6.07 -11.09
N LEU B 262 5.55 7.25 -11.60
CA LEU B 262 4.25 7.84 -11.36
C LEU B 262 3.65 8.33 -12.69
N THR B 263 2.32 8.35 -12.74
CA THR B 263 1.63 8.92 -13.89
C THR B 263 1.90 10.43 -13.97
N GLY B 264 2.13 10.91 -15.19
CA GLY B 264 2.26 12.33 -15.40
C GLY B 264 3.58 12.93 -14.97
N ARG B 265 4.67 12.16 -15.02
CA ARG B 265 6.00 12.65 -14.69
C ARG B 265 6.89 12.79 -15.92
N LYS B 266 6.28 12.84 -17.11
CA LYS B 266 7.01 12.97 -18.37
C LYS B 266 6.25 13.89 -19.32
N ILE B 267 5.71 14.99 -18.79
CA ILE B 267 4.84 15.85 -19.57
C ILE B 267 5.58 16.62 -20.66
N ILE B 268 6.88 16.83 -20.49
CA ILE B 268 7.65 17.50 -21.54
C ILE B 268 8.04 16.52 -22.64
N VAL B 269 8.37 15.28 -22.25
CA VAL B 269 8.49 14.20 -23.22
C VAL B 269 7.19 14.03 -23.99
N ASP B 270 6.05 14.19 -23.29
CA ASP B 270 4.75 14.00 -23.93
C ASP B 270 4.41 15.11 -24.92
N THR B 271 5.06 16.26 -24.85
CA THR B 271 4.64 17.41 -25.63
C THR B 271 5.75 17.79 -26.61
N TYR B 272 6.54 18.83 -26.33
CA TYR B 272 7.42 19.41 -27.33
C TYR B 272 8.90 19.35 -26.94
N GLY B 273 9.26 18.55 -25.95
CA GLY B 273 10.66 18.38 -25.60
C GLY B 273 11.38 19.64 -25.17
N GLY B 274 10.65 20.59 -24.57
CA GLY B 274 11.22 21.83 -24.13
C GLY B 274 10.89 23.03 -24.99
N TRP B 275 10.54 22.80 -26.25
CA TRP B 275 10.14 23.87 -27.15
C TRP B 275 8.72 24.34 -26.82
N GLY B 276 8.35 25.47 -27.40
CA GLY B 276 7.00 25.99 -27.19
C GLY B 276 6.79 26.43 -25.76
N ALA B 277 5.68 26.00 -25.18
CA ALA B 277 5.37 26.30 -23.78
C ALA B 277 4.45 25.21 -23.24
N HIS B 278 4.35 25.15 -21.92
CA HIS B 278 3.53 24.15 -21.25
C HIS B 278 2.82 24.78 -20.06
N GLY B 279 1.53 24.47 -19.91
CA GLY B 279 0.73 25.04 -18.85
C GLY B 279 0.90 24.34 -17.51
N GLY B 280 1.02 23.03 -17.52
CA GLY B 280 1.28 22.30 -16.28
C GLY B 280 0.58 20.96 -16.12
N GLY B 281 -0.52 20.75 -16.83
CA GLY B 281 -1.32 19.55 -16.63
C GLY B 281 -0.79 18.37 -17.43
N ALA B 282 -0.91 17.19 -16.84
CA ALA B 282 -0.56 15.94 -17.49
C ALA B 282 -1.74 15.41 -18.31
N PHE B 283 -1.46 14.48 -19.21
CA PHE B 283 -2.45 13.97 -20.15
C PHE B 283 -3.05 12.64 -19.73
N SER B 284 -2.21 11.66 -19.40
CA SER B 284 -2.68 10.29 -19.24
C SER B 284 -3.55 10.13 -17.99
N GLY B 285 -4.52 9.23 -18.08
CA GLY B 285 -5.44 8.96 -16.99
C GLY B 285 -6.65 9.86 -16.93
N LYS B 286 -6.71 10.90 -17.76
CA LYS B 286 -7.81 11.85 -17.77
C LYS B 286 -8.66 11.65 -19.03
N ASP B 287 -9.97 11.68 -18.86
CA ASP B 287 -10.86 11.57 -20.00
C ASP B 287 -10.92 12.91 -20.74
N TYR B 288 -11.67 12.93 -21.85
CA TYR B 288 -11.68 14.08 -22.75
C TYR B 288 -12.34 15.31 -22.15
N THR B 289 -13.16 15.15 -21.11
CA THR B 289 -13.79 16.33 -20.51
C THR B 289 -12.80 17.17 -19.70
N LYS B 290 -11.56 16.71 -19.53
CA LYS B 290 -10.52 17.52 -18.93
C LYS B 290 -9.96 18.45 -20.00
N VAL B 291 -10.18 19.76 -19.82
CA VAL B 291 -9.84 20.74 -20.85
C VAL B 291 -8.34 20.72 -21.14
N ASP B 292 -7.52 20.59 -20.10
CA ASP B 292 -6.07 20.66 -20.30
C ASP B 292 -5.53 19.48 -21.10
N ARG B 293 -6.37 18.48 -21.43
CA ARG B 293 -5.99 17.45 -22.38
C ARG B 293 -6.62 17.68 -23.75
N SER B 294 -7.95 17.83 -23.81
CA SER B 294 -8.62 17.97 -25.09
C SER B 294 -8.24 19.30 -25.76
N ALA B 295 -8.20 20.39 -24.99
CA ALA B 295 -7.85 21.67 -25.59
C ALA B 295 -6.38 21.75 -25.97
N ALA B 296 -5.52 21.10 -25.18
CA ALA B 296 -4.11 21.01 -25.57
C ALA B 296 -3.97 20.33 -26.93
N TYR B 297 -4.73 19.25 -27.15
CA TYR B 297 -4.73 18.61 -28.46
C TYR B 297 -5.23 19.55 -29.55
N ALA B 298 -6.26 20.33 -29.25
CA ALA B 298 -6.81 21.26 -30.24
C ALA B 298 -5.84 22.42 -30.51
N ALA B 299 -5.07 22.84 -29.50
CA ALA B 299 -4.08 23.89 -29.72
C ALA B 299 -2.99 23.42 -30.67
N ARG B 300 -2.51 22.18 -30.48
CA ARG B 300 -1.59 21.59 -31.45
C ARG B 300 -2.22 21.49 -32.82
N TRP B 301 -3.52 21.13 -32.88
CA TRP B 301 -4.23 21.02 -34.14
C TRP B 301 -4.21 22.34 -34.90
N VAL B 302 -4.36 23.45 -34.19
CA VAL B 302 -4.38 24.76 -34.84
C VAL B 302 -3.00 25.14 -35.34
N ALA B 303 -1.98 24.97 -34.50
CA ALA B 303 -0.62 25.35 -34.88
C ALA B 303 -0.13 24.55 -36.07
N LYS B 304 -0.37 23.24 -36.07
CA LYS B 304 0.09 22.39 -37.17
C LYS B 304 -0.63 22.75 -38.47
N SER B 305 -1.91 23.13 -38.38
CA SER B 305 -2.64 23.52 -39.59
C SER B 305 -2.12 24.83 -40.15
N LEU B 306 -1.66 25.75 -39.30
CA LEU B 306 -1.11 27.01 -39.77
C LEU B 306 0.20 26.77 -40.53
N VAL B 307 1.06 25.90 -40.01
CA VAL B 307 2.34 25.65 -40.67
C VAL B 307 2.14 24.83 -41.94
N LYS B 308 1.38 23.74 -41.85
CA LYS B 308 1.15 22.90 -43.02
C LYS B 308 0.42 23.65 -44.12
N GLY B 309 -0.42 24.62 -43.75
CA GLY B 309 -1.10 25.46 -44.70
C GLY B 309 -0.26 26.56 -45.30
N GLY B 310 1.03 26.62 -44.98
CA GLY B 310 1.91 27.63 -45.50
C GLY B 310 1.77 29.00 -44.87
N LEU B 311 0.90 29.17 -43.87
CA LEU B 311 0.76 30.47 -43.23
C LEU B 311 1.99 30.80 -42.37
N CYS B 312 2.65 29.79 -41.83
CA CYS B 312 3.80 30.00 -40.96
C CYS B 312 4.81 28.89 -41.18
N ARG B 313 6.06 29.19 -40.81
CA ARG B 313 7.09 28.16 -40.69
C ARG B 313 7.28 27.71 -39.26
N ARG B 314 6.74 28.45 -38.29
CA ARG B 314 6.98 28.24 -36.88
C ARG B 314 6.03 29.13 -36.10
N VAL B 315 5.22 28.56 -35.20
CA VAL B 315 4.16 29.30 -34.56
C VAL B 315 3.86 28.71 -33.19
N LEU B 316 3.51 29.58 -32.25
CA LEU B 316 2.99 29.20 -30.94
C LEU B 316 1.57 29.73 -30.81
N VAL B 317 0.61 28.83 -30.62
CA VAL B 317 -0.77 29.20 -30.41
C VAL B 317 -1.04 29.20 -28.91
N GLN B 318 -1.49 30.33 -28.38
CA GLN B 318 -1.70 30.53 -26.96
C GLN B 318 -3.17 30.82 -26.72
N VAL B 319 -3.88 29.86 -26.14
CA VAL B 319 -5.33 29.93 -25.96
C VAL B 319 -5.63 30.11 -24.47
N SER B 320 -6.39 31.15 -24.15
CA SER B 320 -6.81 31.45 -22.78
C SER B 320 -8.28 31.09 -22.62
N TYR B 321 -8.61 30.40 -21.52
CA TYR B 321 -9.98 30.05 -21.19
C TYR B 321 -10.38 30.74 -19.91
N ALA B 322 -11.48 31.49 -19.96
CA ALA B 322 -12.06 32.10 -18.76
C ALA B 322 -13.01 31.12 -18.10
N ILE B 323 -13.01 31.11 -16.76
CA ILE B 323 -13.78 30.11 -16.03
C ILE B 323 -15.26 30.28 -16.34
N GLY B 324 -15.94 29.15 -16.55
CA GLY B 324 -17.35 29.17 -16.89
C GLY B 324 -17.64 29.40 -18.36
N VAL B 325 -16.81 30.19 -19.02
CA VAL B 325 -17.03 30.55 -20.41
C VAL B 325 -16.54 29.42 -21.31
N SER B 326 -17.32 29.14 -22.36
CA SER B 326 -17.00 28.06 -23.30
C SER B 326 -16.03 28.53 -24.38
N HIS B 327 -16.31 29.65 -25.02
CA HIS B 327 -15.41 30.17 -26.04
C HIS B 327 -14.11 30.67 -25.40
N PRO B 328 -12.99 30.58 -26.11
CA PRO B 328 -11.73 31.11 -25.57
C PRO B 328 -11.84 32.60 -25.26
N LEU B 329 -11.28 32.99 -24.12
CA LEU B 329 -11.31 34.40 -23.73
C LEU B 329 -10.34 35.22 -24.58
N SER B 330 -9.24 34.62 -25.03
CA SER B 330 -8.24 35.33 -25.80
C SER B 330 -7.33 34.32 -26.48
N ILE B 331 -6.89 34.63 -27.68
CA ILE B 331 -5.96 33.80 -28.44
C ILE B 331 -4.84 34.69 -28.95
N SER B 332 -3.61 34.33 -28.62
CA SER B 332 -2.43 35.00 -29.15
C SER B 332 -1.68 34.06 -30.09
N ILE B 333 -1.18 34.61 -31.18
CA ILE B 333 -0.47 33.84 -32.20
C ILE B 333 0.93 34.44 -32.35
N PHE B 334 1.94 33.67 -31.98
CA PHE B 334 3.35 34.09 -32.09
C PHE B 334 3.96 33.31 -33.25
N HIS B 335 4.07 33.96 -34.40
CA HIS B 335 4.63 33.35 -35.60
C HIS B 335 6.11 33.63 -35.78
N TYR B 336 6.75 34.32 -34.83
CA TYR B 336 8.18 34.62 -34.84
C TYR B 336 8.61 35.36 -36.10
N GLY B 337 7.68 36.05 -36.77
CA GLY B 337 8.01 36.73 -38.00
C GLY B 337 8.20 35.82 -39.20
N THR B 338 7.65 34.62 -39.16
CA THR B 338 7.73 33.68 -40.27
C THR B 338 6.48 33.68 -41.14
N SER B 339 5.54 34.57 -40.87
CA SER B 339 4.29 34.65 -41.62
C SER B 339 4.28 35.91 -42.46
N GLN B 340 3.76 35.79 -43.69
CA GLN B 340 3.57 36.98 -44.53
C GLN B 340 2.38 37.80 -44.07
N LYS B 341 1.50 37.23 -43.25
CA LYS B 341 0.36 37.92 -42.69
C LYS B 341 0.65 38.36 -41.26
N SER B 342 -0.22 39.23 -40.73
CA SER B 342 -0.06 39.74 -39.39
C SER B 342 -0.76 38.81 -38.39
N GLU B 343 -0.55 39.10 -37.09
CA GLU B 343 -1.15 38.27 -36.05
C GLU B 343 -2.67 38.37 -36.08
N ARG B 344 -3.21 39.59 -36.26
CA ARG B 344 -4.66 39.74 -36.32
C ARG B 344 -5.24 39.06 -37.54
N GLU B 345 -4.50 39.02 -38.66
CA GLU B 345 -4.95 38.27 -39.82
C GLU B 345 -4.94 36.78 -39.54
N LEU B 346 -3.85 36.28 -38.95
CA LEU B 346 -3.80 34.87 -38.57
C LEU B 346 -4.90 34.52 -37.58
N LEU B 347 -5.19 35.43 -36.65
CA LEU B 347 -6.26 35.18 -35.68
C LEU B 347 -7.61 35.06 -36.37
N GLU B 348 -7.89 35.97 -37.31
CA GLU B 348 -9.15 35.91 -38.04
C GLU B 348 -9.26 34.63 -38.85
N ILE B 349 -8.14 34.11 -39.36
CA ILE B 349 -8.17 32.85 -40.08
C ILE B 349 -8.48 31.70 -39.13
N VAL B 350 -7.90 31.73 -37.93
CA VAL B 350 -8.13 30.67 -36.95
C VAL B 350 -9.60 30.64 -36.53
N LYS B 351 -10.18 31.82 -36.26
CA LYS B 351 -11.55 31.85 -35.80
C LYS B 351 -12.54 31.51 -36.91
N LYS B 352 -12.16 31.74 -38.17
CA LYS B 352 -13.01 31.30 -39.27
C LYS B 352 -12.95 29.78 -39.47
N ASN B 353 -11.87 29.14 -39.03
CA ASN B 353 -11.64 27.73 -39.32
C ASN B 353 -11.64 26.82 -38.09
N PHE B 354 -11.82 27.37 -36.89
CA PHE B 354 -11.75 26.55 -35.69
C PHE B 354 -12.80 26.98 -34.69
N ASP B 355 -13.43 25.98 -34.06
CA ASP B 355 -14.34 26.18 -32.93
C ASP B 355 -13.66 25.55 -31.72
N LEU B 356 -12.98 26.38 -30.93
CA LEU B 356 -12.16 25.89 -29.83
C LEU B 356 -12.93 25.80 -28.51
N ARG B 357 -14.24 25.65 -28.56
CA ARG B 357 -14.97 25.38 -27.33
C ARG B 357 -14.77 23.92 -26.92
N PRO B 358 -14.63 23.66 -25.62
CA PRO B 358 -14.27 22.28 -25.19
C PRO B 358 -15.23 21.22 -25.68
N GLY B 359 -16.54 21.45 -25.56
CA GLY B 359 -17.50 20.47 -26.02
C GLY B 359 -17.47 20.25 -27.51
N VAL B 360 -17.18 21.30 -28.28
CA VAL B 360 -17.10 21.17 -29.73
C VAL B 360 -15.80 20.48 -30.14
N ILE B 361 -14.71 20.76 -29.41
CA ILE B 361 -13.44 20.10 -29.69
C ILE B 361 -13.59 18.59 -29.61
N VAL B 362 -14.33 18.10 -28.61
CA VAL B 362 -14.50 16.67 -28.42
C VAL B 362 -15.17 16.04 -29.62
N ARG B 363 -16.19 16.69 -30.17
CA ARG B 363 -16.91 16.13 -31.31
C ARG B 363 -16.07 16.21 -32.59
N ASP B 364 -15.45 17.37 -32.84
CA ASP B 364 -14.69 17.55 -34.07
C ASP B 364 -13.49 16.62 -34.14
N LEU B 365 -12.86 16.33 -32.99
CA LEU B 365 -11.71 15.43 -32.95
C LEU B 365 -12.09 14.00 -32.59
N ASP B 366 -13.38 13.71 -32.41
CA ASP B 366 -13.87 12.35 -32.17
C ASP B 366 -13.21 11.74 -30.93
N LEU B 367 -13.19 12.52 -29.86
CA LEU B 367 -12.37 12.20 -28.68
C LEU B 367 -13.00 11.18 -27.75
N LYS B 368 -14.24 10.74 -28.01
CA LYS B 368 -14.85 9.72 -27.16
C LYS B 368 -14.44 8.30 -27.54
N LYS B 369 -13.50 8.15 -28.47
CA LYS B 369 -13.01 6.84 -28.85
C LYS B 369 -11.89 6.39 -27.91
N PRO B 370 -11.74 5.08 -27.69
CA PRO B 370 -10.63 4.57 -26.86
C PRO B 370 -9.31 4.56 -27.62
N ILE B 371 -8.75 5.77 -27.79
CA ILE B 371 -7.58 5.98 -28.64
C ILE B 371 -6.37 6.45 -27.84
N TYR B 372 -6.40 6.35 -26.52
CA TYR B 372 -5.47 7.09 -25.68
C TYR B 372 -4.26 6.30 -25.23
N GLN B 373 -4.34 4.96 -25.16
CA GLN B 373 -3.16 4.20 -24.77
C GLN B 373 -2.02 4.39 -25.76
N ARG B 374 -2.34 4.57 -27.05
CA ARG B 374 -1.30 4.81 -28.06
C ARG B 374 -0.58 6.13 -27.82
N THR B 375 -1.25 7.11 -27.21
CA THR B 375 -0.61 8.40 -26.95
C THR B 375 0.36 8.35 -25.78
N ALA B 376 0.18 7.39 -24.87
CA ALA B 376 0.92 7.38 -23.61
C ALA B 376 2.38 7.00 -23.77
N ALA B 377 2.89 6.85 -24.99
CA ALA B 377 4.30 6.61 -25.22
C ALA B 377 4.67 7.17 -26.59
N TYR B 378 5.94 7.56 -26.72
CA TYR B 378 6.52 8.10 -27.95
C TYR B 378 5.91 9.44 -28.34
N GLY B 379 5.30 10.16 -27.40
CA GLY B 379 4.81 11.50 -27.67
C GLY B 379 3.36 11.58 -28.08
N HIS B 380 2.66 12.60 -27.57
CA HIS B 380 1.28 12.85 -27.98
C HIS B 380 1.20 13.65 -29.27
N PHE B 381 2.28 14.35 -29.65
CA PHE B 381 2.29 15.23 -30.80
C PHE B 381 3.34 14.74 -31.80
N GLY B 382 2.97 14.70 -33.08
CA GLY B 382 3.90 14.38 -34.14
C GLY B 382 3.70 13.05 -34.83
N ARG B 383 2.56 12.38 -34.65
CA ARG B 383 2.30 11.10 -35.29
C ARG B 383 0.98 11.18 -36.05
N ASP B 384 1.00 10.71 -37.30
CA ASP B 384 -0.14 10.85 -38.19
C ASP B 384 -1.40 10.19 -37.68
N SER B 385 -1.28 9.19 -36.80
CA SER B 385 -2.41 8.37 -36.38
C SER B 385 -3.30 9.03 -35.32
N PHE B 386 -3.29 10.37 -35.22
CA PHE B 386 -4.09 11.06 -34.22
C PHE B 386 -4.94 12.14 -34.88
N PRO B 387 -6.18 12.33 -34.43
CA PRO B 387 -7.05 13.31 -35.08
C PRO B 387 -6.51 14.72 -35.05
N TRP B 388 -5.86 15.13 -33.97
CA TRP B 388 -5.29 16.47 -33.87
C TRP B 388 -4.03 16.63 -34.71
N GLU B 389 -3.47 15.54 -35.25
CA GLU B 389 -2.30 15.61 -36.10
C GLU B 389 -2.65 15.60 -37.58
N VAL B 390 -3.94 15.60 -37.92
CA VAL B 390 -4.39 15.72 -39.30
C VAL B 390 -4.69 17.19 -39.56
N PRO B 391 -3.83 17.91 -40.30
CA PRO B 391 -4.03 19.35 -40.45
C PRO B 391 -5.30 19.66 -41.23
N LYS B 392 -6.03 20.67 -40.76
CA LYS B 392 -7.23 21.12 -41.44
C LYS B 392 -6.87 22.09 -42.56
N LYS B 393 -7.49 21.91 -43.71
CA LYS B 393 -7.29 22.83 -44.82
C LYS B 393 -8.09 24.11 -44.55
N LEU B 394 -7.40 25.25 -44.62
CA LEU B 394 -7.94 26.51 -44.13
C LEU B 394 -8.58 27.29 -45.27
N LYS B 395 -9.81 27.76 -45.03
CA LYS B 395 -10.54 28.58 -45.97
C LYS B 395 -10.42 30.04 -45.56
N TYR B 396 -9.95 30.89 -46.48
CA TYR B 396 -9.83 32.32 -46.22
C TYR B 396 -9.60 33.09 -47.52
N ILE C 14 -12.56 -54.96 18.49
CA ILE C 14 -12.93 -54.80 17.09
C ILE C 14 -12.81 -53.35 16.67
N GLU C 15 -13.75 -52.90 15.83
CA GLU C 15 -13.90 -51.49 15.51
C GLU C 15 -14.57 -50.71 16.63
N GLU C 16 -14.95 -51.37 17.72
CA GLU C 16 -15.64 -50.73 18.84
C GLU C 16 -14.70 -50.28 19.95
N GLY C 17 -13.46 -50.77 19.97
CA GLY C 17 -12.48 -50.36 20.94
C GLY C 17 -11.40 -49.43 20.41
N THR C 18 -11.49 -49.01 19.16
CA THR C 18 -10.50 -48.12 18.55
C THR C 18 -11.20 -46.95 17.88
N PHE C 19 -10.55 -45.78 17.93
CA PHE C 19 -11.05 -44.59 17.28
C PHE C 19 -9.95 -43.98 16.42
N LEU C 20 -10.37 -43.14 15.48
CA LEU C 20 -9.46 -42.46 14.56
C LEU C 20 -9.33 -40.99 14.95
N PHE C 21 -8.14 -40.44 14.77
CA PHE C 21 -7.91 -39.01 14.96
C PHE C 21 -6.94 -38.52 13.90
N THR C 22 -7.16 -37.30 13.42
CA THR C 22 -6.41 -36.75 12.30
C THR C 22 -5.86 -35.38 12.67
N SER C 23 -4.61 -35.14 12.30
CA SER C 23 -3.98 -33.83 12.44
C SER C 23 -3.24 -33.50 11.16
N GLU C 24 -3.10 -32.20 10.88
CA GLU C 24 -2.46 -31.72 9.66
C GLU C 24 -1.28 -30.83 10.01
N SER C 25 -0.40 -30.65 9.02
CA SER C 25 0.72 -29.74 9.13
C SER C 25 1.02 -29.20 7.74
N VAL C 26 1.71 -28.05 7.70
CA VAL C 26 2.04 -27.38 6.45
C VAL C 26 3.51 -27.00 6.47
N GLY C 27 4.10 -26.93 5.28
CA GLY C 27 5.50 -26.57 5.16
C GLY C 27 5.72 -25.07 5.23
N GLU C 28 7.00 -24.69 5.15
CA GLU C 28 7.35 -23.28 5.23
C GLU C 28 6.75 -22.48 4.08
N GLY C 29 6.54 -23.13 2.93
CA GLY C 29 6.04 -22.42 1.75
C GLY C 29 4.56 -22.12 1.75
N HIS C 30 3.80 -22.67 2.70
CA HIS C 30 2.39 -22.34 2.80
C HIS C 30 2.24 -20.86 3.13
N PRO C 31 1.32 -20.15 2.46
CA PRO C 31 1.24 -18.68 2.67
C PRO C 31 1.00 -18.29 4.12
N ASP C 32 0.24 -19.08 4.87
CA ASP C 32 0.02 -18.77 6.29
C ASP C 32 1.31 -18.90 7.09
N LYS C 33 2.09 -19.95 6.84
CA LYS C 33 3.34 -20.12 7.57
C LYS C 33 4.41 -19.14 7.12
N ILE C 34 4.36 -18.71 5.86
CA ILE C 34 5.26 -17.65 5.41
C ILE C 34 5.09 -16.41 6.28
N CYS C 35 3.85 -15.98 6.47
CA CYS C 35 3.58 -14.82 7.33
C CYS C 35 4.02 -15.07 8.76
N ASP C 36 3.79 -16.29 9.27
CA ASP C 36 4.25 -16.62 10.62
C ASP C 36 5.76 -16.50 10.73
N GLN C 37 6.50 -17.04 9.76
CA GLN C 37 7.96 -17.00 9.85
C GLN C 37 8.50 -15.60 9.64
N ILE C 38 7.88 -14.83 8.74
CA ILE C 38 8.30 -13.45 8.54
C ILE C 38 8.04 -12.62 9.79
N SER C 39 6.90 -12.84 10.44
CA SER C 39 6.59 -12.11 11.66
C SER C 39 7.61 -12.39 12.76
N ASP C 40 8.03 -13.64 12.91
CA ASP C 40 9.02 -13.98 13.91
C ASP C 40 10.43 -13.58 13.48
N ALA C 41 10.68 -13.51 12.17
CA ALA C 41 11.95 -12.96 11.71
C ALA C 41 12.07 -11.49 12.07
N VAL C 42 10.98 -10.73 11.91
CA VAL C 42 10.95 -9.35 12.35
C VAL C 42 11.13 -9.27 13.86
N LEU C 43 10.45 -10.15 14.59
CA LEU C 43 10.57 -10.17 16.05
C LEU C 43 12.01 -10.48 16.47
N ASP C 44 12.61 -11.50 15.89
CA ASP C 44 14.00 -11.84 16.20
C ASP C 44 14.92 -10.66 15.91
N ALA C 45 14.68 -9.96 14.80
CA ALA C 45 15.55 -8.85 14.42
C ALA C 45 15.55 -7.75 15.47
N HIS C 46 14.38 -7.46 16.05
CA HIS C 46 14.32 -6.44 17.11
C HIS C 46 14.97 -6.94 18.39
N LEU C 47 14.76 -8.21 18.75
CA LEU C 47 15.34 -8.75 19.97
C LEU C 47 16.85 -8.83 19.89
N GLN C 48 17.40 -9.01 18.68
CA GLN C 48 18.84 -9.07 18.51
C GLN C 48 19.51 -7.78 18.99
N GLN C 49 18.84 -6.65 18.87
CA GLN C 49 19.37 -5.35 19.32
C GLN C 49 18.73 -4.87 20.62
N ASP C 50 17.43 -5.08 20.80
CA ASP C 50 16.71 -4.62 21.97
C ASP C 50 15.97 -5.79 22.61
N PRO C 51 16.50 -6.37 23.69
CA PRO C 51 15.80 -7.49 24.34
C PRO C 51 14.45 -7.10 24.92
N ASP C 52 14.20 -5.83 25.19
CA ASP C 52 12.94 -5.36 25.75
C ASP C 52 12.00 -4.81 24.70
N ALA C 53 12.22 -5.15 23.42
CA ALA C 53 11.40 -4.63 22.35
C ALA C 53 9.97 -5.17 22.44
N LYS C 54 9.00 -4.28 22.35
CA LYS C 54 7.59 -4.65 22.31
C LYS C 54 7.17 -4.78 20.85
N VAL C 55 6.82 -5.99 20.43
CA VAL C 55 6.57 -6.30 19.03
C VAL C 55 5.19 -6.93 18.90
N ALA C 56 4.40 -6.44 17.94
CA ALA C 56 3.12 -7.03 17.56
C ALA C 56 3.01 -6.88 16.04
N CYS C 57 3.69 -7.78 15.31
CA CYS C 57 3.84 -7.68 13.87
C CYS C 57 2.97 -8.72 13.18
N GLU C 58 2.01 -8.25 12.37
CA GLU C 58 1.17 -9.11 11.56
C GLU C 58 1.62 -9.01 10.11
N THR C 59 1.60 -10.14 9.42
CA THR C 59 2.09 -10.23 8.05
C THR C 59 1.00 -10.75 7.12
N VAL C 60 0.90 -10.14 5.95
CA VAL C 60 -0.05 -10.55 4.91
C VAL C 60 0.75 -10.92 3.67
N ALA C 61 0.32 -11.98 2.99
CA ALA C 61 1.01 -12.45 1.79
C ALA C 61 -0.01 -12.80 0.73
N LYS C 62 0.11 -12.18 -0.43
CA LYS C 62 -0.69 -12.50 -1.61
C LYS C 62 0.23 -12.44 -2.81
N THR C 63 -0.37 -12.39 -4.01
CA THR C 63 0.39 -12.33 -5.25
C THR C 63 1.39 -11.19 -5.23
N GLY C 64 2.68 -11.53 -5.15
CA GLY C 64 3.74 -10.55 -5.25
C GLY C 64 3.76 -9.49 -4.17
N MET C 65 3.20 -9.77 -3.00
CA MET C 65 3.17 -8.78 -1.93
C MET C 65 3.40 -9.42 -0.57
N ILE C 66 4.27 -8.78 0.22
CA ILE C 66 4.36 -9.01 1.66
C ILE C 66 4.05 -7.67 2.33
N LEU C 67 3.07 -7.67 3.23
CA LEU C 67 2.69 -6.46 3.96
C LEU C 67 2.90 -6.69 5.44
N LEU C 68 3.54 -5.74 6.10
CA LEU C 68 3.72 -5.75 7.54
C LEU C 68 2.80 -4.70 8.16
N ALA C 69 2.01 -5.12 9.15
CA ALA C 69 1.10 -4.22 9.84
C ALA C 69 1.09 -4.56 11.31
N GLY C 70 1.18 -3.55 12.16
CA GLY C 70 1.15 -3.79 13.59
C GLY C 70 1.82 -2.66 14.34
N GLU C 71 2.24 -2.98 15.56
CA GLU C 71 2.78 -2.02 16.51
C GLU C 71 4.12 -2.51 17.03
N ILE C 72 5.12 -1.64 17.03
CA ILE C 72 6.47 -1.97 17.49
C ILE C 72 7.02 -0.78 18.27
N THR C 73 7.41 -1.03 19.52
CA THR C 73 8.14 -0.06 20.33
C THR C 73 9.49 -0.66 20.67
N SER C 74 10.56 -0.10 20.10
CA SER C 74 11.86 -0.73 20.19
C SER C 74 12.95 0.30 19.92
N ARG C 75 14.10 0.09 20.55
CA ARG C 75 15.29 0.89 20.31
C ARG C 75 16.12 0.38 19.14
N ALA C 76 15.65 -0.65 18.44
CA ALA C 76 16.41 -1.27 17.38
C ALA C 76 16.20 -0.53 16.06
N ALA C 77 17.23 -0.57 15.21
CA ALA C 77 17.16 -0.09 13.83
C ALA C 77 17.09 -1.31 12.93
N VAL C 78 15.90 -1.59 12.40
CA VAL C 78 15.63 -2.80 11.63
C VAL C 78 15.35 -2.41 10.18
N ASP C 79 16.03 -3.07 9.25
CA ASP C 79 15.74 -2.92 7.83
C ASP C 79 14.68 -3.96 7.48
N TYR C 80 13.43 -3.51 7.42
CA TYR C 80 12.33 -4.44 7.18
C TYR C 80 12.39 -5.04 5.79
N GLN C 81 12.78 -4.23 4.79
CA GLN C 81 12.90 -4.75 3.43
C GLN C 81 13.87 -5.92 3.37
N LYS C 82 14.98 -5.83 4.08
CA LYS C 82 15.97 -6.91 4.03
C LYS C 82 15.58 -8.09 4.92
N VAL C 83 15.00 -7.81 6.09
CA VAL C 83 14.51 -8.90 6.94
C VAL C 83 13.45 -9.71 6.21
N VAL C 84 12.53 -9.04 5.52
CA VAL C 84 11.45 -9.73 4.83
C VAL C 84 12.00 -10.51 3.64
N ARG C 85 12.85 -9.88 2.83
CA ARG C 85 13.35 -10.54 1.63
C ARG C 85 14.32 -11.67 1.96
N GLU C 86 15.10 -11.53 3.04
CA GLU C 86 15.97 -12.63 3.45
C GLU C 86 15.17 -13.81 3.96
N ALA C 87 14.03 -13.54 4.63
CA ALA C 87 13.17 -14.63 5.09
C ALA C 87 12.55 -15.38 3.92
N VAL C 88 12.05 -14.64 2.92
CA VAL C 88 11.50 -15.27 1.72
C VAL C 88 12.61 -16.05 1.00
N LYS C 89 13.83 -15.50 0.99
CA LYS C 89 14.94 -16.20 0.38
C LYS C 89 15.24 -17.51 1.11
N HIS C 90 15.20 -17.48 2.45
CA HIS C 90 15.43 -18.70 3.22
C HIS C 90 14.31 -19.71 3.02
N ILE C 91 13.08 -19.23 2.85
CA ILE C 91 11.96 -20.14 2.57
C ILE C 91 12.15 -20.83 1.24
N GLY C 92 12.61 -20.09 0.22
CA GLY C 92 13.00 -20.70 -1.03
C GLY C 92 12.33 -20.15 -2.28
N TYR C 93 11.76 -18.95 -2.19
CA TYR C 93 11.05 -18.36 -3.32
C TYR C 93 11.96 -17.31 -3.96
N ASP C 94 12.55 -17.66 -5.11
CA ASP C 94 13.54 -16.80 -5.75
C ASP C 94 13.35 -16.71 -7.27
N ASP C 95 12.16 -16.99 -7.79
CA ASP C 95 11.95 -16.92 -9.23
C ASP C 95 10.46 -16.91 -9.53
N SER C 96 10.12 -16.34 -10.68
CA SER C 96 8.73 -16.34 -11.14
C SER C 96 8.22 -17.76 -11.37
N SER C 97 9.09 -18.66 -11.84
CA SER C 97 8.68 -20.03 -12.11
C SER C 97 8.17 -20.74 -10.86
N LYS C 98 8.57 -20.29 -9.67
CA LYS C 98 8.07 -20.85 -8.43
C LYS C 98 6.86 -20.10 -7.88
N GLY C 99 6.49 -18.98 -8.50
CA GLY C 99 5.33 -18.21 -8.08
C GLY C 99 5.64 -17.02 -7.21
N PHE C 100 6.89 -16.87 -6.77
CA PHE C 100 7.25 -15.79 -5.85
C PHE C 100 8.76 -15.63 -5.84
N ASP C 101 9.22 -14.38 -5.76
CA ASP C 101 10.64 -14.06 -5.79
C ASP C 101 10.94 -12.97 -4.78
N TYR C 102 11.85 -13.25 -3.85
CA TYR C 102 12.22 -12.25 -2.85
C TYR C 102 12.89 -11.04 -3.49
N LYS C 103 13.56 -11.23 -4.62
CA LYS C 103 14.26 -10.12 -5.28
C LYS C 103 13.30 -9.09 -5.82
N THR C 104 12.11 -9.51 -6.27
CA THR C 104 11.24 -8.65 -7.05
C THR C 104 9.85 -8.48 -6.45
N CYS C 105 9.56 -9.08 -5.30
CA CYS C 105 8.22 -8.93 -4.72
C CYS C 105 8.06 -7.52 -4.13
N ASN C 106 6.81 -7.17 -3.87
CA ASN C 106 6.46 -5.89 -3.27
C ASN C 106 6.40 -6.05 -1.76
N VAL C 107 7.03 -5.13 -1.04
CA VAL C 107 7.06 -5.14 0.41
C VAL C 107 6.53 -3.82 0.92
N LEU C 108 5.42 -3.87 1.67
CA LEU C 108 4.79 -2.69 2.24
C LEU C 108 4.85 -2.79 3.76
N VAL C 109 5.19 -1.67 4.41
CA VAL C 109 5.38 -1.63 5.85
C VAL C 109 4.42 -0.59 6.43
N ALA C 110 3.58 -1.03 7.35
CA ALA C 110 2.65 -0.16 8.07
C ALA C 110 2.76 -0.44 9.57
N LEU C 111 3.97 -0.28 10.09
CA LEU C 111 4.25 -0.51 11.51
C LEU C 111 4.32 0.81 12.25
N GLU C 112 3.66 0.89 13.39
CA GLU C 112 3.62 2.08 14.23
C GLU C 112 4.11 1.73 15.63
N GLN C 113 4.08 2.72 16.52
CA GLN C 113 4.44 2.47 17.91
C GLN C 113 3.33 1.71 18.62
N GLN C 114 3.71 0.98 19.67
CA GLN C 114 2.72 0.33 20.51
C GLN C 114 1.89 1.39 21.24
N SER C 115 0.59 1.13 21.38
CA SER C 115 -0.33 2.07 21.97
C SER C 115 0.16 2.54 23.34
N PRO C 116 0.25 3.84 23.57
CA PRO C 116 0.67 4.33 24.90
C PRO C 116 -0.32 3.99 26.00
N ASP C 117 -1.62 3.86 25.68
CA ASP C 117 -2.58 3.39 26.67
C ASP C 117 -2.26 1.98 27.13
N ILE C 118 -1.87 1.10 26.20
CA ILE C 118 -1.46 -0.25 26.56
C ILE C 118 -0.19 -0.22 27.40
N ALA C 119 0.72 0.70 27.07
CA ALA C 119 2.03 0.73 27.74
C ALA C 119 1.88 1.04 29.22
N GLN C 120 1.18 2.12 29.56
CA GLN C 120 1.03 2.51 30.96
C GLN C 120 0.27 1.47 31.77
N GLY C 121 -0.54 0.63 31.11
CA GLY C 121 -1.28 -0.40 31.80
C GLY C 121 -0.62 -1.75 31.90
N VAL C 122 0.50 -1.95 31.21
CA VAL C 122 1.14 -3.26 31.16
C VAL C 122 2.50 -3.23 31.82
N HIS C 123 3.41 -2.40 31.31
CA HIS C 123 4.82 -2.50 31.67
C HIS C 123 5.49 -1.21 32.14
N LEU C 124 4.92 -0.04 31.83
CA LEU C 124 5.59 1.21 32.18
C LEU C 124 5.72 1.37 33.69
N ASP C 125 6.93 1.69 34.13
CA ASP C 125 7.25 1.92 35.55
C ASP C 125 6.83 0.73 36.40
N ARG C 126 7.41 -0.42 36.10
CA ARG C 126 7.02 -1.66 36.76
C ARG C 126 8.23 -2.53 37.04
N ASN C 127 8.32 -3.03 38.27
CA ASN C 127 9.22 -4.13 38.55
C ASN C 127 8.87 -5.32 37.66
N GLU C 128 9.88 -6.04 37.18
CA GLU C 128 9.65 -7.08 36.19
C GLU C 128 8.70 -8.15 36.72
N GLU C 129 8.79 -8.48 38.01
CA GLU C 129 7.99 -9.58 38.56
C GLU C 129 6.49 -9.29 38.54
N ASP C 130 6.09 -8.03 38.42
CA ASP C 130 4.67 -7.70 38.43
C ASP C 130 4.28 -6.84 37.22
N ILE C 131 4.90 -7.07 36.07
CA ILE C 131 4.39 -6.48 34.85
C ILE C 131 3.05 -7.13 34.52
N GLY C 132 2.08 -6.32 34.13
CA GLY C 132 0.76 -6.86 33.84
C GLY C 132 0.75 -7.67 32.56
N ALA C 133 -0.25 -8.54 32.45
CA ALA C 133 -0.46 -9.26 31.21
C ALA C 133 -0.73 -8.28 30.08
N GLY C 134 -0.07 -8.49 28.94
CA GLY C 134 -0.24 -7.59 27.80
C GLY C 134 -1.64 -7.58 27.23
N ASP C 135 -2.50 -8.49 27.66
CA ASP C 135 -3.86 -8.60 27.17
C ASP C 135 -4.59 -9.61 28.05
N GLN C 136 -5.92 -9.59 27.96
CA GLN C 136 -6.68 -10.69 28.53
C GLN C 136 -6.57 -11.91 27.62
N GLY C 137 -7.10 -13.02 28.08
CA GLY C 137 -7.13 -14.22 27.26
C GLY C 137 -7.03 -15.48 28.09
N LEU C 138 -7.31 -16.59 27.42
CA LEU C 138 -7.18 -17.92 28.00
C LEU C 138 -6.23 -18.74 27.12
N MET C 139 -5.41 -19.58 27.78
CA MET C 139 -4.46 -20.40 27.06
C MET C 139 -4.50 -21.82 27.62
N PHE C 140 -4.24 -22.79 26.75
CA PHE C 140 -4.27 -24.20 27.13
C PHE C 140 -2.88 -24.82 26.96
N GLY C 141 -2.58 -25.76 27.84
CA GLY C 141 -1.39 -26.59 27.71
C GLY C 141 -1.77 -28.05 27.76
N TYR C 142 -1.08 -28.86 26.96
CA TYR C 142 -1.45 -30.25 26.80
C TYR C 142 -0.20 -31.11 26.68
N ALA C 143 -0.30 -32.35 27.17
CA ALA C 143 0.79 -33.31 27.09
C ALA C 143 0.19 -34.72 27.17
N THR C 144 0.88 -35.66 26.52
CA THR C 144 0.42 -37.05 26.47
C THR C 144 1.63 -37.96 26.29
N ASP C 145 1.64 -39.07 27.02
CA ASP C 145 2.79 -39.97 27.03
C ASP C 145 2.81 -40.95 25.86
N GLU C 146 2.11 -40.66 24.76
CA GLU C 146 2.11 -41.57 23.62
C GLU C 146 3.38 -41.47 22.80
N THR C 147 4.11 -40.36 22.90
CA THR C 147 5.42 -40.20 22.27
C THR C 147 6.41 -39.71 23.31
N GLU C 148 7.70 -39.83 22.98
CA GLU C 148 8.72 -39.28 23.87
C GLU C 148 8.74 -37.76 23.82
N GLU C 149 8.19 -37.16 22.77
CA GLU C 149 8.01 -35.71 22.71
C GLU C 149 6.84 -35.24 23.56
N CYS C 150 6.11 -36.15 24.18
CA CYS C 150 4.93 -35.84 25.00
C CYS C 150 3.85 -35.11 24.19
N MET C 151 3.79 -35.39 22.89
CA MET C 151 2.84 -34.79 21.98
C MET C 151 2.04 -35.88 21.27
N PRO C 152 0.88 -35.54 20.70
CA PRO C 152 0.12 -36.54 19.95
C PRO C 152 0.90 -37.04 18.75
N LEU C 153 0.79 -38.35 18.48
CA LEU C 153 1.51 -38.94 17.36
C LEU C 153 1.06 -38.37 16.03
N THR C 154 -0.20 -37.94 15.93
CA THR C 154 -0.72 -37.40 14.67
C THR C 154 0.02 -36.12 14.29
N ILE C 155 0.19 -35.20 15.24
CA ILE C 155 0.80 -33.92 14.92
C ILE C 155 2.32 -34.03 14.83
N VAL C 156 2.92 -34.98 15.54
CA VAL C 156 4.37 -35.16 15.46
C VAL C 156 4.77 -35.69 14.10
N LEU C 157 4.06 -36.71 13.62
CA LEU C 157 4.38 -37.30 12.32
C LEU C 157 4.10 -36.31 11.19
N ALA C 158 3.05 -35.50 11.33
CA ALA C 158 2.74 -34.50 10.31
C ALA C 158 3.81 -33.43 10.25
N HIS C 159 4.24 -32.93 11.42
CA HIS C 159 5.29 -31.92 11.46
C HIS C 159 6.61 -32.46 10.92
N LYS C 160 6.99 -33.68 11.32
CA LYS C 160 8.26 -34.23 10.88
C LYS C 160 8.27 -34.55 9.39
N LEU C 161 7.11 -34.90 8.83
CA LEU C 161 7.04 -35.15 7.39
C LEU C 161 7.33 -33.89 6.59
N ASN C 162 6.79 -32.75 7.03
CA ASN C 162 7.10 -31.49 6.36
C ASN C 162 8.56 -31.08 6.58
N ALA C 163 9.09 -31.35 7.78
CA ALA C 163 10.50 -31.06 8.03
C ALA C 163 11.40 -31.93 7.16
N LYS C 164 11.01 -33.19 6.94
CA LYS C 164 11.77 -34.07 6.07
C LYS C 164 11.76 -33.57 4.63
N LEU C 165 10.62 -33.05 4.18
CA LEU C 165 10.56 -32.47 2.84
C LEU C 165 11.52 -31.29 2.69
N ALA C 166 11.53 -30.40 3.69
CA ALA C 166 12.42 -29.25 3.63
C ALA C 166 13.88 -29.67 3.71
N GLU C 167 14.18 -30.69 4.52
CA GLU C 167 15.55 -31.18 4.61
C GLU C 167 16.01 -31.76 3.29
N LEU C 168 15.20 -32.64 2.69
CA LEU C 168 15.56 -33.25 1.42
C LEU C 168 15.61 -32.21 0.30
N ARG C 169 14.78 -31.17 0.39
CA ARG C 169 14.84 -30.10 -0.61
C ARG C 169 16.13 -29.31 -0.48
N ARG C 170 16.59 -29.09 0.75
CA ARG C 170 17.72 -28.19 0.99
C ARG C 170 19.08 -28.87 0.91
N ASN C 171 19.16 -30.18 1.15
CA ASN C 171 20.45 -30.86 1.06
C ASN C 171 20.72 -31.43 -0.33
N GLY C 172 19.81 -31.24 -1.27
CA GLY C 172 20.04 -31.60 -2.66
C GLY C 172 19.60 -32.98 -3.07
N THR C 173 19.16 -33.83 -2.13
CA THR C 173 18.76 -35.18 -2.50
C THR C 173 17.46 -35.19 -3.29
N LEU C 174 16.57 -34.22 -3.06
CA LEU C 174 15.35 -34.05 -3.83
C LEU C 174 15.27 -32.60 -4.29
N PRO C 175 16.07 -32.22 -5.29
CA PRO C 175 16.14 -30.81 -5.69
C PRO C 175 14.89 -30.32 -6.41
N TRP C 176 14.05 -31.22 -6.92
CA TRP C 176 12.83 -30.80 -7.58
C TRP C 176 11.75 -30.34 -6.61
N LEU C 177 11.98 -30.50 -5.30
CA LEU C 177 11.01 -30.04 -4.32
C LEU C 177 10.98 -28.52 -4.24
N ARG C 178 9.85 -27.98 -3.80
CA ARG C 178 9.62 -26.56 -3.65
C ARG C 178 8.98 -26.32 -2.28
N PRO C 179 9.01 -25.07 -1.78
CA PRO C 179 8.73 -24.86 -0.35
C PRO C 179 7.32 -25.22 0.08
N ASP C 180 6.30 -24.94 -0.72
CA ASP C 180 4.93 -25.15 -0.28
C ASP C 180 4.61 -26.64 -0.21
N SER C 181 4.05 -27.07 0.93
CA SER C 181 3.68 -28.47 1.11
C SER C 181 2.56 -28.54 2.13
N LYS C 182 1.94 -29.72 2.22
CA LYS C 182 0.89 -29.97 3.21
C LYS C 182 0.79 -31.47 3.46
N THR C 183 0.68 -31.83 4.73
CA THR C 183 0.56 -33.22 5.15
C THR C 183 -0.62 -33.36 6.11
N GLN C 184 -1.09 -34.60 6.26
CA GLN C 184 -2.18 -34.89 7.19
C GLN C 184 -2.12 -36.37 7.54
N VAL C 185 -2.13 -36.67 8.84
CA VAL C 185 -1.90 -38.02 9.35
C VAL C 185 -3.10 -38.43 10.18
N THR C 186 -3.59 -39.65 9.94
CA THR C 186 -4.67 -40.26 10.72
C THR C 186 -4.12 -41.50 11.42
N VAL C 187 -4.30 -41.56 12.73
CA VAL C 187 -3.81 -42.66 13.55
C VAL C 187 -5.00 -43.35 14.21
N GLN C 188 -4.97 -44.68 14.23
CA GLN C 188 -5.98 -45.47 14.91
C GLN C 188 -5.54 -45.70 16.35
N TYR C 189 -6.27 -45.11 17.29
CA TYR C 189 -5.92 -45.14 18.70
C TYR C 189 -6.74 -46.18 19.46
N MET C 190 -6.25 -46.55 20.64
CA MET C 190 -7.00 -47.34 21.61
C MET C 190 -7.03 -46.58 22.92
N GLN C 191 -8.20 -46.49 23.53
CA GLN C 191 -8.31 -45.90 24.86
C GLN C 191 -7.64 -46.79 25.90
N ASP C 192 -7.02 -46.15 26.89
CA ASP C 192 -6.29 -46.88 27.93
C ASP C 192 -6.37 -46.10 29.23
N ARG C 193 -7.51 -46.25 29.91
CA ARG C 193 -7.73 -45.68 31.24
C ARG C 193 -7.47 -44.18 31.26
N GLY C 194 -8.00 -43.49 30.24
CA GLY C 194 -7.82 -42.07 30.12
C GLY C 194 -6.76 -41.70 29.11
N ALA C 195 -5.67 -42.48 29.09
CA ALA C 195 -4.64 -42.27 28.09
C ALA C 195 -5.06 -42.89 26.76
N VAL C 196 -4.40 -42.47 25.69
CA VAL C 196 -4.64 -42.98 24.35
C VAL C 196 -3.42 -43.74 23.88
N LEU C 197 -3.65 -44.84 23.17
CA LEU C 197 -2.57 -45.71 22.70
C LEU C 197 -2.60 -45.80 21.19
N PRO C 198 -1.63 -45.20 20.49
CA PRO C 198 -1.60 -45.34 19.03
C PRO C 198 -1.25 -46.76 18.61
N ILE C 199 -2.07 -47.32 17.74
CA ILE C 199 -1.90 -48.71 17.31
C ILE C 199 -1.19 -48.74 15.97
N ARG C 200 -1.76 -48.02 15.00
CA ARG C 200 -1.23 -48.02 13.64
C ARG C 200 -1.56 -46.70 12.97
N VAL C 201 -0.77 -46.35 11.97
CA VAL C 201 -1.06 -45.20 11.13
C VAL C 201 -2.13 -45.61 10.12
N HIS C 202 -3.23 -44.89 10.10
CA HIS C 202 -4.37 -45.24 9.26
C HIS C 202 -4.25 -44.65 7.85
N THR C 203 -3.99 -43.36 7.75
CA THR C 203 -3.94 -42.69 6.45
C THR C 203 -2.86 -41.60 6.48
N ILE C 204 -2.11 -41.50 5.39
CA ILE C 204 -1.10 -40.46 5.20
C ILE C 204 -1.34 -39.81 3.85
N VAL C 205 -1.51 -38.49 3.84
CA VAL C 205 -1.64 -37.72 2.60
C VAL C 205 -0.55 -36.65 2.59
N ILE C 206 0.15 -36.52 1.47
CA ILE C 206 1.22 -35.55 1.31
C ILE C 206 1.02 -34.85 -0.02
N SER C 207 0.95 -33.52 0.02
CA SER C 207 0.93 -32.68 -1.17
C SER C 207 2.04 -31.65 -1.04
N VAL C 208 2.92 -31.59 -2.04
CA VAL C 208 4.10 -30.72 -1.97
C VAL C 208 4.32 -30.07 -3.33
N GLN C 209 4.76 -28.82 -3.31
CA GLN C 209 5.10 -28.10 -4.52
C GLN C 209 6.42 -28.64 -5.09
N HIS C 210 6.53 -28.62 -6.42
CA HIS C 210 7.66 -29.21 -7.10
C HIS C 210 7.91 -28.46 -8.41
N ASP C 211 9.06 -28.76 -9.03
CA ASP C 211 9.38 -28.13 -10.31
C ASP C 211 8.56 -28.81 -11.41
N GLU C 212 8.94 -28.58 -12.67
CA GLU C 212 8.11 -28.99 -13.79
C GLU C 212 8.60 -30.24 -14.51
N GLU C 213 9.88 -30.57 -14.39
CA GLU C 213 10.43 -31.69 -15.17
C GLU C 213 10.33 -33.03 -14.46
N VAL C 214 9.88 -33.07 -13.21
CA VAL C 214 9.73 -34.32 -12.48
C VAL C 214 8.38 -34.94 -12.84
N CYS C 215 8.33 -36.27 -12.83
CA CYS C 215 7.11 -36.99 -13.17
C CYS C 215 6.37 -37.45 -11.91
N LEU C 216 5.07 -37.71 -12.08
CA LEU C 216 4.27 -38.24 -10.98
C LEU C 216 4.82 -39.57 -10.49
N ASP C 217 5.42 -40.35 -11.39
CA ASP C 217 6.13 -41.59 -11.06
C ASP C 217 7.08 -41.42 -9.90
N GLU C 218 8.18 -40.71 -10.14
CA GLU C 218 9.25 -40.60 -9.15
C GLU C 218 8.83 -39.79 -7.93
N MET C 219 7.89 -38.85 -8.10
CA MET C 219 7.43 -38.05 -6.98
C MET C 219 6.80 -38.92 -5.90
N ARG C 220 5.80 -39.72 -6.28
CA ARG C 220 5.15 -40.60 -5.31
C ARG C 220 6.12 -41.65 -4.78
N ASP C 221 7.08 -42.07 -5.60
CA ASP C 221 8.10 -43.01 -5.14
C ASP C 221 8.98 -42.39 -4.06
N ALA C 222 9.51 -41.19 -4.34
CA ALA C 222 10.40 -40.55 -3.37
C ALA C 222 9.65 -40.13 -2.11
N LEU C 223 8.40 -39.70 -2.26
CA LEU C 223 7.59 -39.37 -1.10
C LEU C 223 7.37 -40.58 -0.20
N LYS C 224 7.33 -41.77 -0.78
CA LYS C 224 7.10 -42.98 0.00
C LYS C 224 8.39 -43.48 0.64
N GLU C 225 9.45 -43.63 -0.17
CA GLU C 225 10.68 -44.24 0.33
C GLU C 225 11.53 -43.24 1.12
N LYS C 226 11.84 -42.09 0.52
CA LYS C 226 12.78 -41.15 1.13
C LYS C 226 12.14 -40.23 2.15
N VAL C 227 10.82 -40.20 2.25
CA VAL C 227 10.15 -39.24 3.14
C VAL C 227 9.34 -39.98 4.20
N ILE C 228 8.36 -40.78 3.77
CA ILE C 228 7.46 -41.44 4.73
C ILE C 228 8.22 -42.50 5.52
N LYS C 229 8.95 -43.37 4.83
CA LYS C 229 9.68 -44.44 5.52
C LYS C 229 10.81 -43.93 6.39
N ALA C 230 11.28 -42.70 6.17
CA ALA C 230 12.36 -42.12 6.95
C ALA C 230 11.86 -41.39 8.20
N VAL C 231 10.55 -41.19 8.34
CA VAL C 231 9.98 -40.42 9.44
C VAL C 231 9.10 -41.29 10.33
N VAL C 232 8.22 -42.09 9.73
CA VAL C 232 7.25 -42.88 10.49
C VAL C 232 7.90 -44.20 10.91
N PRO C 233 7.80 -44.58 12.18
CA PRO C 233 8.32 -45.89 12.60
C PRO C 233 7.62 -47.02 11.86
N ALA C 234 8.39 -48.05 11.52
CA ALA C 234 7.84 -49.19 10.80
C ALA C 234 6.77 -49.93 11.60
N LYS C 235 6.77 -49.78 12.93
CA LYS C 235 5.73 -50.42 13.74
C LYS C 235 4.34 -49.96 13.35
N TYR C 236 4.20 -48.70 12.94
CA TYR C 236 2.89 -48.09 12.75
C TYR C 236 2.38 -48.20 11.31
N LEU C 237 3.15 -48.79 10.40
CA LEU C 237 2.76 -48.89 9.00
C LEU C 237 2.56 -50.36 8.64
N ASP C 238 1.45 -50.64 7.95
CA ASP C 238 1.14 -52.00 7.49
C ASP C 238 0.59 -51.92 6.08
N GLU C 239 0.04 -53.03 5.60
CA GLU C 239 -0.49 -53.10 4.25
C GLU C 239 -1.82 -52.38 4.10
N ASP C 240 -2.52 -52.12 5.20
CA ASP C 240 -3.80 -51.43 5.17
C ASP C 240 -3.66 -49.91 5.24
N THR C 241 -2.44 -49.39 5.39
CA THR C 241 -2.23 -47.96 5.51
C THR C 241 -2.53 -47.28 4.18
N ILE C 242 -3.47 -46.33 4.19
CA ILE C 242 -3.85 -45.62 2.98
C ILE C 242 -2.85 -44.50 2.74
N TYR C 243 -2.36 -44.38 1.50
CA TYR C 243 -1.31 -43.44 1.13
C TYR C 243 -1.83 -42.53 0.01
N HIS C 244 -2.06 -41.26 0.33
CA HIS C 244 -2.50 -40.28 -0.67
C HIS C 244 -1.31 -39.39 -1.02
N LEU C 245 -0.50 -39.85 -1.98
CA LEU C 245 0.71 -39.17 -2.39
C LEU C 245 0.39 -38.28 -3.59
N GLN C 246 0.48 -36.97 -3.39
CA GLN C 246 0.03 -35.98 -4.38
C GLN C 246 -1.38 -36.32 -4.87
N PRO C 247 -2.37 -36.34 -3.98
CA PRO C 247 -3.67 -36.93 -4.35
C PRO C 247 -4.50 -36.08 -5.29
N SER C 248 -4.29 -34.76 -5.34
CA SER C 248 -5.06 -33.87 -6.19
C SER C 248 -4.26 -33.41 -7.41
N GLY C 249 -3.41 -34.29 -7.93
CA GLY C 249 -2.58 -33.93 -9.06
C GLY C 249 -1.28 -33.29 -8.62
N ARG C 250 -0.59 -32.71 -9.59
CA ARG C 250 0.71 -32.13 -9.34
C ARG C 250 0.57 -30.65 -8.95
N PHE C 251 1.70 -30.00 -8.71
CA PHE C 251 1.76 -28.85 -7.83
C PHE C 251 2.97 -27.98 -8.19
N VAL C 252 2.90 -27.28 -9.32
CA VAL C 252 4.11 -26.62 -9.83
C VAL C 252 4.28 -25.24 -9.20
N ILE C 253 3.20 -24.48 -9.06
CA ILE C 253 3.26 -23.11 -8.57
C ILE C 253 2.50 -23.02 -7.26
N GLY C 254 3.15 -22.47 -6.24
CA GLY C 254 2.55 -22.31 -4.93
C GLY C 254 2.95 -21.01 -4.27
N GLY C 255 2.95 -21.00 -2.94
CA GLY C 255 3.24 -19.79 -2.19
C GLY C 255 2.08 -18.82 -2.24
N PRO C 256 2.37 -17.52 -2.09
CA PRO C 256 1.29 -16.52 -2.08
C PRO C 256 0.63 -16.30 -3.42
N GLN C 257 1.17 -16.83 -4.52
CA GLN C 257 0.63 -16.58 -5.85
C GLN C 257 -0.84 -16.98 -5.95
N GLY C 258 -1.71 -15.98 -6.07
CA GLY C 258 -3.14 -16.25 -6.13
C GLY C 258 -3.69 -16.95 -4.91
N ASP C 259 -3.16 -16.63 -3.73
CA ASP C 259 -3.57 -17.29 -2.50
C ASP C 259 -3.15 -16.41 -1.33
N ALA C 260 -4.12 -15.88 -0.58
CA ALA C 260 -3.83 -14.98 0.51
C ALA C 260 -3.43 -15.74 1.77
N GLY C 261 -2.41 -15.26 2.45
CA GLY C 261 -1.98 -15.83 3.71
C GLY C 261 -1.87 -14.76 4.77
N LEU C 262 -2.17 -15.15 6.00
CA LEU C 262 -2.14 -14.24 7.14
C LEU C 262 -1.40 -14.88 8.30
N THR C 263 -0.78 -14.04 9.13
CA THR C 263 -0.19 -14.52 10.36
C THR C 263 -1.26 -14.99 11.32
N GLY C 264 -0.99 -16.13 11.98
CA GLY C 264 -1.91 -16.62 12.98
C GLY C 264 -3.12 -17.34 12.46
N ARG C 265 -3.03 -17.93 11.27
CA ARG C 265 -4.12 -18.70 10.70
C ARG C 265 -3.84 -20.20 10.69
N LYS C 266 -2.87 -20.65 11.49
CA LYS C 266 -2.52 -22.05 11.61
C LYS C 266 -2.24 -22.39 13.07
N ILE C 267 -3.08 -21.89 13.98
CA ILE C 267 -2.80 -22.01 15.40
C ILE C 267 -3.00 -23.43 15.90
N ILE C 268 -3.87 -24.20 15.26
CA ILE C 268 -4.05 -25.60 15.64
C ILE C 268 -2.88 -26.44 15.14
N VAL C 269 -2.39 -26.14 13.93
CA VAL C 269 -1.16 -26.76 13.47
C VAL C 269 0.01 -26.35 14.36
N ASP C 270 0.00 -25.11 14.85
CA ASP C 270 1.07 -24.62 15.71
C ASP C 270 1.13 -25.33 17.05
N THR C 271 0.04 -25.93 17.51
CA THR C 271 -0.05 -26.41 18.88
C THR C 271 -0.22 -27.92 18.87
N TYR C 272 -1.42 -28.44 19.10
CA TYR C 272 -1.62 -29.86 19.36
C TYR C 272 -2.44 -30.57 18.29
N GLY C 273 -2.67 -29.93 17.15
CA GLY C 273 -3.32 -30.58 16.03
C GLY C 273 -4.71 -31.11 16.31
N GLY C 274 -5.50 -30.41 17.12
CA GLY C 274 -6.84 -30.81 17.44
C GLY C 274 -7.00 -31.43 18.80
N TRP C 275 -5.93 -31.96 19.38
CA TRP C 275 -5.98 -32.51 20.73
C TRP C 275 -5.98 -31.38 21.76
N GLY C 276 -6.25 -31.76 23.01
CA GLY C 276 -6.35 -30.80 24.10
C GLY C 276 -7.39 -29.73 23.89
N ALA C 277 -6.95 -28.48 23.80
CA ALA C 277 -7.85 -27.36 23.61
C ALA C 277 -7.02 -26.15 23.18
N HIS C 278 -7.71 -25.12 22.68
CA HIS C 278 -7.03 -23.90 22.27
C HIS C 278 -7.83 -22.68 22.73
N GLY C 279 -7.11 -21.64 23.14
CA GLY C 279 -7.72 -20.45 23.69
C GLY C 279 -8.06 -19.39 22.66
N GLY C 280 -7.40 -19.44 21.49
CA GLY C 280 -7.70 -18.57 20.37
C GLY C 280 -6.52 -17.74 19.89
N GLY C 281 -5.60 -17.41 20.78
CA GLY C 281 -4.52 -16.51 20.43
C GLY C 281 -3.46 -17.16 19.56
N ALA C 282 -2.84 -16.34 18.71
CA ALA C 282 -1.74 -16.77 17.88
C ALA C 282 -0.41 -16.51 18.57
N PHE C 283 0.66 -17.07 18.00
CA PHE C 283 1.99 -17.02 18.60
C PHE C 283 2.93 -16.05 17.89
N SER C 284 3.06 -16.17 16.57
CA SER C 284 4.12 -15.48 15.85
C SER C 284 3.92 -13.97 15.85
N GLY C 285 5.04 -13.24 15.89
CA GLY C 285 5.03 -11.80 15.84
C GLY C 285 4.75 -11.10 17.15
N LYS C 286 4.78 -11.82 18.27
CA LYS C 286 4.47 -11.26 19.57
C LYS C 286 5.63 -11.48 20.53
N ASP C 287 5.99 -10.45 21.27
CA ASP C 287 7.04 -10.56 22.28
C ASP C 287 6.48 -11.23 23.54
N TYR C 288 7.34 -11.33 24.57
CA TYR C 288 6.98 -12.12 25.74
C TYR C 288 5.81 -11.52 26.51
N THR C 289 5.65 -10.20 26.47
CA THR C 289 4.57 -9.57 27.23
C THR C 289 3.19 -9.94 26.71
N LYS C 290 3.09 -10.54 25.53
CA LYS C 290 1.82 -11.03 25.00
C LYS C 290 1.60 -12.44 25.53
N VAL C 291 0.74 -12.57 26.53
CA VAL C 291 0.48 -13.86 27.16
C VAL C 291 -0.17 -14.85 26.21
N ASP C 292 -0.62 -14.39 25.03
CA ASP C 292 -1.06 -15.33 24.00
C ASP C 292 0.03 -16.33 23.66
N ARG C 293 1.29 -15.95 23.83
CA ARG C 293 2.45 -16.80 23.52
C ARG C 293 3.18 -17.27 24.76
N SER C 294 3.50 -16.36 25.68
CA SER C 294 4.29 -16.73 26.85
C SER C 294 3.54 -17.68 27.76
N ALA C 295 2.27 -17.38 28.04
CA ALA C 295 1.49 -18.24 28.92
C ALA C 295 1.15 -19.57 28.27
N ALA C 296 0.97 -19.57 26.94
CA ALA C 296 0.76 -20.83 26.24
C ALA C 296 2.01 -21.69 26.28
N TYR C 297 3.19 -21.07 26.17
CA TYR C 297 4.44 -21.80 26.34
C TYR C 297 4.58 -22.32 27.77
N ALA C 298 4.16 -21.52 28.75
CA ALA C 298 4.28 -21.93 30.15
C ALA C 298 3.30 -23.05 30.49
N ALA C 299 2.10 -23.01 29.90
CA ALA C 299 1.13 -24.06 30.16
C ALA C 299 1.60 -25.40 29.60
N ARG C 300 2.20 -25.40 28.40
CA ARG C 300 2.83 -26.59 27.88
C ARG C 300 3.96 -27.05 28.80
N TRP C 301 4.74 -26.10 29.32
CA TRP C 301 5.80 -26.43 30.26
C TRP C 301 5.25 -27.15 31.49
N VAL C 302 4.13 -26.65 32.03
CA VAL C 302 3.52 -27.28 33.20
C VAL C 302 2.98 -28.65 32.86
N ALA C 303 2.27 -28.76 31.73
CA ALA C 303 1.63 -30.03 31.36
C ALA C 303 2.67 -31.10 31.07
N LYS C 304 3.75 -30.75 30.38
CA LYS C 304 4.79 -31.74 30.10
C LYS C 304 5.52 -32.16 31.37
N SER C 305 5.69 -31.24 32.32
CA SER C 305 6.32 -31.60 33.59
C SER C 305 5.45 -32.55 34.41
N LEU C 306 4.12 -32.46 34.25
CA LEU C 306 3.23 -33.36 34.99
C LEU C 306 3.30 -34.78 34.44
N VAL C 307 3.47 -34.94 33.13
CA VAL C 307 3.54 -36.26 32.53
C VAL C 307 4.91 -36.88 32.74
N LYS C 308 5.97 -36.15 32.35
CA LYS C 308 7.33 -36.64 32.55
C LYS C 308 7.66 -36.87 34.01
N GLY C 309 6.99 -36.17 34.93
CA GLY C 309 7.15 -36.40 36.35
C GLY C 309 6.39 -37.58 36.89
N GLY C 310 5.71 -38.34 36.03
CA GLY C 310 4.98 -39.51 36.46
C GLY C 310 3.65 -39.25 37.13
N LEU C 311 3.27 -37.99 37.30
CA LEU C 311 2.00 -37.68 37.96
C LEU C 311 0.81 -37.99 37.06
N CYS C 312 0.99 -37.91 35.74
CA CYS C 312 -0.09 -38.18 34.80
C CYS C 312 0.48 -38.89 33.58
N ARG C 313 -0.42 -39.50 32.82
CA ARG C 313 -0.11 -39.97 31.48
C ARG C 313 -0.57 -39.00 30.40
N ARG C 314 -1.44 -38.05 30.76
CA ARG C 314 -2.12 -37.17 29.81
C ARG C 314 -2.86 -36.10 30.60
N VAL C 315 -2.61 -34.82 30.31
CA VAL C 315 -3.15 -33.75 31.12
C VAL C 315 -3.43 -32.53 30.24
N LEU C 316 -4.45 -31.78 30.61
CA LEU C 316 -4.78 -30.49 30.01
C LEU C 316 -4.75 -29.42 31.08
N VAL C 317 -4.18 -28.27 30.75
CA VAL C 317 -4.02 -27.15 31.68
C VAL C 317 -4.59 -25.90 31.03
N GLN C 318 -5.35 -25.12 31.80
CA GLN C 318 -5.86 -23.85 31.34
C GLN C 318 -5.43 -22.74 32.29
N VAL C 319 -5.06 -21.59 31.72
CA VAL C 319 -4.78 -20.38 32.47
C VAL C 319 -5.47 -19.23 31.77
N SER C 320 -5.81 -18.19 32.55
CA SER C 320 -6.46 -17.01 32.00
C SER C 320 -5.90 -15.77 32.67
N TYR C 321 -5.94 -14.65 31.95
CA TYR C 321 -5.37 -13.40 32.43
C TYR C 321 -6.32 -12.25 32.12
N ALA C 322 -6.11 -11.14 32.82
CA ALA C 322 -6.73 -9.87 32.51
C ALA C 322 -5.63 -8.86 32.21
N ILE C 323 -5.92 -7.93 31.30
CA ILE C 323 -4.90 -6.97 30.88
C ILE C 323 -4.54 -6.09 32.06
N GLY C 324 -3.23 -5.97 32.32
CA GLY C 324 -2.73 -5.15 33.40
C GLY C 324 -2.55 -5.86 34.72
N VAL C 325 -3.07 -7.08 34.85
CA VAL C 325 -2.94 -7.86 36.08
C VAL C 325 -1.85 -8.90 35.89
N SER C 326 -1.02 -9.10 36.91
CA SER C 326 0.11 -10.02 36.82
C SER C 326 -0.29 -11.47 37.10
N HIS C 327 -0.97 -11.72 38.21
CA HIS C 327 -1.30 -13.09 38.57
C HIS C 327 -2.39 -13.64 37.65
N PRO C 328 -2.34 -14.92 37.30
CA PRO C 328 -3.40 -15.51 36.48
C PRO C 328 -4.75 -15.39 37.16
N LEU C 329 -5.80 -15.24 36.34
CA LEU C 329 -7.15 -15.20 36.87
C LEU C 329 -7.64 -16.59 37.28
N SER C 330 -7.32 -17.60 36.48
CA SER C 330 -7.77 -18.97 36.74
C SER C 330 -6.69 -19.95 36.32
N ILE C 331 -6.61 -21.06 37.04
CA ILE C 331 -5.78 -22.20 36.66
C ILE C 331 -6.60 -23.47 36.90
N SER C 332 -6.69 -24.32 35.88
CA SER C 332 -7.47 -25.54 35.97
C SER C 332 -6.67 -26.70 35.41
N ILE C 333 -6.80 -27.87 36.04
CA ILE C 333 -6.08 -29.07 35.65
C ILE C 333 -7.10 -30.18 35.39
N PHE C 334 -6.99 -30.81 34.23
CA PHE C 334 -7.77 -31.99 33.89
C PHE C 334 -6.81 -33.08 33.46
N HIS C 335 -6.82 -34.21 34.16
CA HIS C 335 -5.86 -35.28 33.91
C HIS C 335 -6.47 -36.48 33.20
N TYR C 336 -7.70 -36.36 32.68
CA TYR C 336 -8.38 -37.41 31.94
C TYR C 336 -8.49 -38.72 32.73
N GLY C 337 -8.41 -38.65 34.05
CA GLY C 337 -8.45 -39.86 34.86
C GLY C 337 -7.23 -40.73 34.74
N THR C 338 -6.05 -40.14 34.55
CA THR C 338 -4.80 -40.88 34.42
C THR C 338 -3.84 -40.60 35.57
N SER C 339 -4.37 -40.31 36.75
CA SER C 339 -3.56 -39.96 37.90
C SER C 339 -4.15 -40.54 39.17
N GLN C 340 -3.29 -41.01 40.06
CA GLN C 340 -3.72 -41.42 41.39
C GLN C 340 -4.03 -40.24 42.30
N LYS C 341 -3.63 -39.03 41.92
CA LYS C 341 -3.96 -37.82 42.64
C LYS C 341 -5.17 -37.15 42.00
N SER C 342 -5.97 -36.48 42.83
CA SER C 342 -7.11 -35.75 42.31
C SER C 342 -6.65 -34.51 41.56
N GLU C 343 -7.56 -33.97 40.74
CA GLU C 343 -7.23 -32.74 40.02
C GLU C 343 -7.06 -31.56 40.96
N ARG C 344 -7.77 -31.57 42.10
CA ARG C 344 -7.50 -30.58 43.14
C ARG C 344 -6.09 -30.76 43.71
N GLU C 345 -5.67 -32.01 43.92
CA GLU C 345 -4.31 -32.27 44.39
C GLU C 345 -3.27 -31.80 43.38
N LEU C 346 -3.54 -32.01 42.08
CA LEU C 346 -2.59 -31.61 41.07
C LEU C 346 -2.54 -30.09 40.91
N LEU C 347 -3.67 -29.41 41.14
CA LEU C 347 -3.68 -27.95 41.05
C LEU C 347 -2.78 -27.33 42.10
N GLU C 348 -2.90 -27.77 43.36
CA GLU C 348 -2.07 -27.22 44.41
C GLU C 348 -0.61 -27.62 44.26
N ILE C 349 -0.33 -28.75 43.59
CA ILE C 349 1.04 -29.07 43.24
C ILE C 349 1.58 -28.06 42.24
N VAL C 350 0.76 -27.68 41.25
CA VAL C 350 1.18 -26.69 40.26
C VAL C 350 1.35 -25.32 40.90
N LYS C 351 0.38 -24.91 41.72
CA LYS C 351 0.46 -23.62 42.39
C LYS C 351 1.71 -23.53 43.25
N LYS C 352 2.11 -24.63 43.89
CA LYS C 352 3.37 -24.64 44.62
C LYS C 352 4.55 -24.47 43.68
N ASN C 353 4.64 -25.33 42.66
CA ASN C 353 5.86 -25.45 41.88
C ASN C 353 6.02 -24.40 40.78
N PHE C 354 4.99 -23.63 40.45
CA PHE C 354 5.07 -22.73 39.31
C PHE C 354 4.57 -21.33 39.68
N ASP C 355 5.28 -20.32 39.15
CA ASP C 355 4.90 -18.92 39.24
C ASP C 355 4.61 -18.46 37.81
N LEU C 356 3.32 -18.46 37.46
CA LEU C 356 2.90 -18.20 36.08
C LEU C 356 2.60 -16.73 35.82
N ARG C 357 3.32 -15.82 36.50
CA ARG C 357 3.21 -14.41 36.15
C ARG C 357 4.05 -14.12 34.91
N PRO C 358 3.56 -13.25 34.02
CA PRO C 358 4.30 -13.02 32.76
C PRO C 358 5.70 -12.49 32.97
N GLY C 359 5.90 -11.63 33.98
CA GLY C 359 7.22 -11.11 34.27
C GLY C 359 8.15 -12.10 34.92
N VAL C 360 7.63 -13.25 35.35
CA VAL C 360 8.44 -14.34 35.88
C VAL C 360 8.63 -15.43 34.84
N ILE C 361 7.60 -15.67 34.03
CA ILE C 361 7.70 -16.65 32.96
C ILE C 361 8.83 -16.28 32.00
N VAL C 362 8.98 -14.98 31.72
CA VAL C 362 9.93 -14.53 30.70
C VAL C 362 11.34 -14.99 31.04
N ARG C 363 11.72 -14.92 32.32
CA ARG C 363 13.07 -15.32 32.69
C ARG C 363 13.20 -16.81 32.96
N ASP C 364 12.12 -17.46 33.41
CA ASP C 364 12.16 -18.91 33.57
C ASP C 364 12.29 -19.61 32.23
N LEU C 365 11.84 -18.99 31.15
CA LEU C 365 11.88 -19.59 29.82
C LEU C 365 12.75 -18.82 28.84
N ASP C 366 13.49 -17.81 29.30
CA ASP C 366 14.46 -17.10 28.45
C ASP C 366 13.77 -16.48 27.23
N LEU C 367 12.60 -15.89 27.43
CA LEU C 367 11.75 -15.48 26.31
C LEU C 367 12.21 -14.18 25.65
N LYS C 368 13.26 -13.53 26.15
CA LYS C 368 13.81 -12.36 25.47
C LYS C 368 14.83 -12.72 24.40
N LYS C 369 15.19 -13.99 24.27
CA LYS C 369 16.19 -14.42 23.31
C LYS C 369 15.59 -14.48 21.90
N PRO C 370 16.35 -14.12 20.88
CA PRO C 370 15.85 -14.15 19.49
C PRO C 370 15.79 -15.56 18.93
N ILE C 371 14.83 -16.34 19.43
CA ILE C 371 14.72 -17.76 19.15
C ILE C 371 13.42 -18.11 18.44
N TYR C 372 12.65 -17.12 18.00
CA TYR C 372 11.26 -17.35 17.62
C TYR C 372 11.08 -17.77 16.17
N GLN C 373 12.00 -17.42 15.27
CA GLN C 373 11.86 -17.86 13.89
C GLN C 373 11.97 -19.38 13.78
N ARG C 374 12.68 -20.02 14.71
CA ARG C 374 12.75 -21.48 14.74
C ARG C 374 11.38 -22.10 15.03
N THR C 375 10.56 -21.43 15.84
CA THR C 375 9.28 -21.98 16.25
C THR C 375 8.18 -21.79 15.20
N ALA C 376 8.39 -20.92 14.21
CA ALA C 376 7.31 -20.53 13.31
C ALA C 376 6.94 -21.61 12.31
N ALA C 377 7.65 -22.73 12.28
CA ALA C 377 7.29 -23.85 11.42
C ALA C 377 7.59 -25.15 12.15
N TYR C 378 6.82 -26.18 11.82
CA TYR C 378 6.94 -27.53 12.37
C TYR C 378 6.55 -27.62 13.84
N GLY C 379 5.80 -26.64 14.33
CA GLY C 379 5.26 -26.71 15.68
C GLY C 379 6.09 -26.02 16.74
N HIS C 380 5.41 -25.30 17.65
CA HIS C 380 6.07 -24.69 18.80
C HIS C 380 6.32 -25.68 19.92
N PHE C 381 5.67 -26.84 19.89
CA PHE C 381 5.76 -27.83 20.96
C PHE C 381 6.22 -29.16 20.39
N GLY C 382 7.07 -29.86 21.15
CA GLY C 382 7.55 -31.18 20.77
C GLY C 382 9.01 -31.22 20.39
N ARG C 383 9.69 -30.08 20.30
CA ARG C 383 11.11 -30.02 19.96
C ARG C 383 11.89 -29.66 21.22
N ASP C 384 12.86 -30.51 21.57
CA ASP C 384 13.63 -30.34 22.79
C ASP C 384 14.62 -29.17 22.73
N SER C 385 14.65 -28.41 21.64
CA SER C 385 15.53 -27.26 21.51
C SER C 385 15.05 -26.04 22.29
N PHE C 386 13.89 -26.12 22.94
CA PHE C 386 13.26 -24.96 23.54
C PHE C 386 13.14 -25.12 25.06
N PRO C 387 13.13 -24.01 25.80
CA PRO C 387 13.07 -24.12 27.27
C PRO C 387 11.76 -24.71 27.78
N TRP C 388 10.63 -24.37 27.17
CA TRP C 388 9.35 -24.89 27.64
C TRP C 388 9.18 -26.38 27.38
N GLU C 389 10.11 -27.01 26.67
CA GLU C 389 10.10 -28.45 26.46
C GLU C 389 11.06 -29.18 27.39
N VAL C 390 11.70 -28.48 28.31
CA VAL C 390 12.58 -29.08 29.31
C VAL C 390 11.76 -29.26 30.58
N PRO C 391 11.37 -30.48 30.94
CA PRO C 391 10.47 -30.66 32.09
C PRO C 391 11.11 -30.21 33.40
N LYS C 392 10.34 -29.47 34.18
CA LYS C 392 10.76 -29.07 35.53
C LYS C 392 10.47 -30.19 36.50
N LYS C 393 11.41 -30.45 37.40
CA LYS C 393 11.24 -31.50 38.40
C LYS C 393 10.34 -30.99 39.51
N LEU C 394 9.26 -31.72 39.78
CA LEU C 394 8.25 -31.31 40.74
C LEU C 394 8.58 -31.84 42.12
N LYS C 395 8.41 -30.99 43.12
CA LYS C 395 8.70 -31.37 44.49
C LYS C 395 7.42 -31.42 45.30
N TYR C 396 7.30 -32.46 46.11
CA TYR C 396 6.17 -32.65 47.00
C TYR C 396 6.50 -33.77 47.97
N GLY D 17 -15.63 -31.66 44.18
CA GLY D 17 -15.17 -31.88 42.82
C GLY D 17 -15.57 -30.77 41.86
N THR D 18 -15.13 -29.55 42.15
CA THR D 18 -15.42 -28.40 41.32
C THR D 18 -14.20 -28.05 40.45
N PHE D 19 -14.44 -27.18 39.47
CA PHE D 19 -13.36 -26.67 38.64
C PHE D 19 -13.79 -25.35 38.01
N LEU D 20 -12.81 -24.62 37.51
CA LEU D 20 -13.05 -23.33 36.86
C LEU D 20 -12.81 -23.46 35.36
N PHE D 21 -13.53 -22.66 34.59
CA PHE D 21 -13.32 -22.59 33.16
C PHE D 21 -13.58 -21.17 32.69
N THR D 22 -12.78 -20.72 31.72
CA THR D 22 -12.79 -19.34 31.26
C THR D 22 -13.00 -19.30 29.75
N SER D 23 -13.89 -18.41 29.32
CA SER D 23 -14.07 -18.10 27.90
C SER D 23 -14.05 -16.59 27.72
N GLU D 24 -13.82 -16.16 26.48
CA GLU D 24 -13.76 -14.74 26.16
C GLU D 24 -14.58 -14.45 24.91
N SER D 25 -14.93 -13.18 24.74
CA SER D 25 -15.63 -12.69 23.57
C SER D 25 -15.25 -11.24 23.36
N VAL D 26 -15.48 -10.75 22.14
CA VAL D 26 -15.16 -9.37 21.79
C VAL D 26 -16.35 -8.76 21.07
N GLY D 27 -16.40 -7.42 21.08
CA GLY D 27 -17.46 -6.69 20.44
C GLY D 27 -17.24 -6.53 18.95
N GLU D 28 -18.24 -5.93 18.29
CA GLU D 28 -18.15 -5.70 16.85
C GLU D 28 -16.98 -4.77 16.51
N GLY D 29 -16.59 -3.90 17.43
CA GLY D 29 -15.53 -2.95 17.17
C GLY D 29 -14.12 -3.47 17.35
N HIS D 30 -13.96 -4.67 17.90
CA HIS D 30 -12.63 -5.25 18.00
C HIS D 30 -12.05 -5.42 16.60
N PRO D 31 -10.80 -5.01 16.37
CA PRO D 31 -10.28 -4.98 14.98
C PRO D 31 -10.28 -6.32 14.29
N ASP D 32 -10.10 -7.44 15.02
CA ASP D 32 -10.23 -8.74 14.40
C ASP D 32 -11.67 -9.01 13.97
N LYS D 33 -12.64 -8.65 14.81
CA LYS D 33 -14.03 -8.86 14.46
C LYS D 33 -14.49 -7.89 13.38
N ILE D 34 -13.84 -6.73 13.28
CA ILE D 34 -14.13 -5.82 12.17
C ILE D 34 -13.82 -6.51 10.84
N CYS D 35 -12.65 -7.16 10.76
CA CYS D 35 -12.29 -7.87 9.53
C CYS D 35 -13.22 -9.05 9.27
N ASP D 36 -13.62 -9.75 10.33
CA ASP D 36 -14.57 -10.86 10.16
C ASP D 36 -15.89 -10.37 9.59
N GLN D 37 -16.38 -9.22 10.06
CA GLN D 37 -17.65 -8.70 9.56
C GLN D 37 -17.52 -8.23 8.12
N ILE D 38 -16.40 -7.58 7.78
CA ILE D 38 -16.21 -7.10 6.42
C ILE D 38 -16.05 -8.27 5.45
N SER D 39 -15.30 -9.30 5.87
CA SER D 39 -15.13 -10.47 5.01
C SER D 39 -16.46 -11.14 4.69
N ASP D 40 -17.35 -11.23 5.67
CA ASP D 40 -18.65 -11.84 5.43
C ASP D 40 -19.61 -10.87 4.76
N ALA D 41 -19.43 -9.56 4.97
CA ALA D 41 -20.23 -8.59 4.22
C ALA D 41 -19.89 -8.63 2.74
N VAL D 42 -18.61 -8.82 2.42
CA VAL D 42 -18.21 -9.01 1.03
C VAL D 42 -18.82 -10.29 0.47
N LEU D 43 -18.80 -11.36 1.26
CA LEU D 43 -19.39 -12.63 0.81
C LEU D 43 -20.88 -12.49 0.56
N ASP D 44 -21.59 -11.80 1.47
CA ASP D 44 -23.02 -11.58 1.28
C ASP D 44 -23.29 -10.79 0.01
N ALA D 45 -22.48 -9.75 -0.25
CA ALA D 45 -22.70 -8.91 -1.42
C ALA D 45 -22.59 -9.72 -2.71
N HIS D 46 -21.67 -10.70 -2.75
CA HIS D 46 -21.56 -11.54 -3.93
C HIS D 46 -22.69 -12.55 -4.00
N LEU D 47 -23.10 -13.10 -2.86
CA LEU D 47 -24.19 -14.08 -2.85
C LEU D 47 -25.53 -13.45 -3.22
N GLN D 48 -25.71 -12.15 -2.92
CA GLN D 48 -26.94 -11.47 -3.28
C GLN D 48 -27.13 -11.36 -4.79
N GLN D 49 -26.02 -11.41 -5.56
CA GLN D 49 -26.10 -11.40 -7.01
C GLN D 49 -25.72 -12.73 -7.64
N ASP D 50 -24.97 -13.57 -6.95
CA ASP D 50 -24.51 -14.85 -7.49
C ASP D 50 -24.48 -15.87 -6.35
N PRO D 51 -25.47 -16.76 -6.29
CA PRO D 51 -25.50 -17.74 -5.19
C PRO D 51 -24.47 -18.84 -5.32
N ASP D 52 -23.79 -18.95 -6.46
CA ASP D 52 -22.74 -19.93 -6.66
C ASP D 52 -21.36 -19.31 -6.73
N ALA D 53 -21.21 -18.11 -6.17
CA ALA D 53 -19.91 -17.44 -6.16
C ALA D 53 -18.95 -18.15 -5.22
N LYS D 54 -17.72 -18.35 -5.69
CA LYS D 54 -16.65 -18.86 -4.85
C LYS D 54 -15.89 -17.67 -4.26
N VAL D 55 -15.93 -17.53 -2.94
CA VAL D 55 -15.36 -16.38 -2.26
C VAL D 55 -14.37 -16.85 -1.22
N ALA D 56 -13.20 -16.20 -1.18
CA ALA D 56 -12.18 -16.41 -0.16
C ALA D 56 -11.55 -15.04 0.11
N CYS D 57 -12.20 -14.27 0.98
CA CYS D 57 -11.87 -12.86 1.19
C CYS D 57 -11.27 -12.67 2.57
N GLU D 58 -9.99 -12.27 2.61
CA GLU D 58 -9.32 -11.89 3.84
C GLU D 58 -9.33 -10.37 3.98
N THR D 59 -9.43 -9.90 5.21
CA THR D 59 -9.47 -8.47 5.49
C THR D 59 -8.44 -8.12 6.54
N VAL D 60 -7.73 -7.01 6.31
CA VAL D 60 -6.69 -6.52 7.21
C VAL D 60 -7.04 -5.11 7.60
N ALA D 61 -7.02 -4.82 8.90
CA ALA D 61 -7.42 -3.51 9.42
C ALA D 61 -6.31 -2.96 10.30
N LYS D 62 -5.74 -1.84 9.89
CA LYS D 62 -4.79 -1.05 10.67
C LYS D 62 -5.26 0.40 10.63
N THR D 63 -4.51 1.28 11.31
CA THR D 63 -4.83 2.70 11.38
C THR D 63 -5.21 3.27 10.01
N GLY D 64 -6.48 3.62 9.85
CA GLY D 64 -6.96 4.26 8.65
C GLY D 64 -6.98 3.41 7.40
N MET D 65 -6.82 2.09 7.53
CA MET D 65 -6.72 1.21 6.36
C MET D 65 -7.61 -0.01 6.53
N ILE D 66 -8.38 -0.30 5.49
CA ILE D 66 -9.03 -1.60 5.31
C ILE D 66 -8.51 -2.18 4.01
N LEU D 67 -7.87 -3.34 4.08
CA LEU D 67 -7.30 -4.00 2.92
C LEU D 67 -8.03 -5.31 2.68
N LEU D 68 -8.57 -5.47 1.48
CA LEU D 68 -9.22 -6.70 1.06
C LEU D 68 -8.28 -7.50 0.17
N ALA D 69 -8.13 -8.78 0.47
CA ALA D 69 -7.27 -9.66 -0.32
C ALA D 69 -7.89 -11.04 -0.35
N GLY D 70 -7.52 -11.81 -1.37
CA GLY D 70 -8.03 -13.14 -1.56
C GLY D 70 -8.48 -13.35 -2.99
N GLU D 71 -9.22 -14.44 -3.20
CA GLU D 71 -9.62 -14.87 -4.52
C GLU D 71 -11.14 -15.02 -4.58
N ILE D 72 -11.72 -14.68 -5.72
CA ILE D 72 -13.17 -14.70 -5.91
C ILE D 72 -13.47 -15.18 -7.32
N THR D 73 -14.41 -16.12 -7.45
CA THR D 73 -14.94 -16.56 -8.73
C THR D 73 -16.44 -16.28 -8.71
N SER D 74 -16.87 -15.23 -9.41
CA SER D 74 -18.23 -14.74 -9.27
C SER D 74 -18.63 -13.99 -10.53
N ARG D 75 -19.94 -13.93 -10.75
CA ARG D 75 -20.52 -13.11 -11.80
C ARG D 75 -20.96 -11.75 -11.30
N ALA D 76 -20.84 -11.50 -10.00
CA ALA D 76 -21.34 -10.26 -9.41
C ALA D 76 -20.34 -9.12 -9.58
N ALA D 77 -20.88 -7.91 -9.65
CA ALA D 77 -20.08 -6.68 -9.61
C ALA D 77 -20.42 -5.96 -8.31
N VAL D 78 -19.48 -5.97 -7.37
CA VAL D 78 -19.70 -5.48 -6.01
C VAL D 78 -18.96 -4.16 -5.84
N ASP D 79 -19.65 -3.15 -5.32
CA ASP D 79 -19.05 -1.87 -4.96
C ASP D 79 -18.38 -2.06 -3.61
N TYR D 80 -17.10 -2.45 -3.64
CA TYR D 80 -16.38 -2.74 -2.40
C TYR D 80 -16.23 -1.50 -1.54
N GLN D 81 -16.14 -0.32 -2.15
CA GLN D 81 -15.98 0.90 -1.39
C GLN D 81 -17.15 1.11 -0.44
N LYS D 82 -18.38 1.00 -0.96
CA LYS D 82 -19.53 1.24 -0.10
C LYS D 82 -19.89 0.03 0.75
N VAL D 83 -19.57 -1.18 0.29
CA VAL D 83 -19.78 -2.37 1.13
C VAL D 83 -18.94 -2.29 2.38
N VAL D 84 -17.66 -1.92 2.23
CA VAL D 84 -16.78 -1.80 3.39
C VAL D 84 -17.17 -0.60 4.25
N ARG D 85 -17.47 0.54 3.62
CA ARG D 85 -17.66 1.77 4.38
C ARG D 85 -18.90 1.71 5.26
N GLU D 86 -20.03 1.24 4.74
CA GLU D 86 -21.22 1.17 5.58
C GLU D 86 -21.15 0.03 6.59
N ALA D 87 -20.29 -0.97 6.36
CA ALA D 87 -20.02 -1.96 7.39
C ALA D 87 -19.30 -1.33 8.58
N VAL D 88 -18.27 -0.52 8.30
CA VAL D 88 -17.60 0.23 9.35
C VAL D 88 -18.56 1.22 9.99
N LYS D 89 -19.47 1.80 9.20
CA LYS D 89 -20.45 2.72 9.75
C LYS D 89 -21.41 2.01 10.70
N HIS D 90 -21.88 0.81 10.32
CA HIS D 90 -22.78 0.06 11.20
C HIS D 90 -22.09 -0.33 12.50
N ILE D 91 -20.79 -0.61 12.45
CA ILE D 91 -20.05 -0.92 13.67
C ILE D 91 -19.95 0.31 14.57
N GLY D 92 -19.86 1.50 13.97
CA GLY D 92 -19.95 2.71 14.76
C GLY D 92 -18.75 3.64 14.70
N TYR D 93 -17.81 3.36 13.79
CA TYR D 93 -16.61 4.20 13.65
C TYR D 93 -16.90 5.26 12.60
N ASP D 94 -17.18 6.49 13.07
CA ASP D 94 -17.62 7.55 12.16
C ASP D 94 -16.96 8.90 12.46
N ASP D 95 -15.80 8.92 13.11
CA ASP D 95 -15.12 10.17 13.39
C ASP D 95 -13.68 9.86 13.80
N SER D 96 -12.78 10.81 13.49
CA SER D 96 -11.38 10.62 13.86
C SER D 96 -11.18 10.61 15.37
N SER D 97 -12.09 11.25 16.11
CA SER D 97 -11.99 11.24 17.57
C SER D 97 -12.16 9.84 18.14
N LYS D 98 -12.70 8.89 17.37
CA LYS D 98 -12.84 7.51 17.79
C LYS D 98 -11.76 6.61 17.22
N GLY D 99 -10.78 7.18 16.49
CA GLY D 99 -9.69 6.41 15.95
C GLY D 99 -9.93 5.83 14.57
N PHE D 100 -11.16 5.88 14.07
CA PHE D 100 -11.47 5.30 12.77
C PHE D 100 -12.76 5.91 12.26
N ASP D 101 -12.80 6.20 10.96
CA ASP D 101 -13.94 6.86 10.33
C ASP D 101 -14.18 6.24 8.97
N TYR D 102 -15.41 5.73 8.76
CA TYR D 102 -15.74 5.12 7.47
C TYR D 102 -15.72 6.16 6.35
N LYS D 103 -15.94 7.44 6.70
CA LYS D 103 -16.00 8.47 5.67
C LYS D 103 -14.63 8.72 5.03
N THR D 104 -13.56 8.62 5.83
CA THR D 104 -12.24 9.04 5.39
C THR D 104 -11.20 7.94 5.39
N CYS D 105 -11.56 6.70 5.70
CA CYS D 105 -10.55 5.65 5.76
C CYS D 105 -10.14 5.21 4.35
N ASN D 106 -8.96 4.61 4.27
CA ASN D 106 -8.44 4.09 3.02
C ASN D 106 -8.94 2.67 2.80
N VAL D 107 -9.51 2.42 1.63
CA VAL D 107 -10.02 1.10 1.26
C VAL D 107 -9.19 0.61 0.08
N LEU D 108 -8.37 -0.41 0.32
CA LEU D 108 -7.52 -1.01 -0.70
C LEU D 108 -8.08 -2.38 -1.09
N VAL D 109 -8.30 -2.57 -2.38
CA VAL D 109 -8.85 -3.82 -2.90
C VAL D 109 -7.73 -4.54 -3.65
N ALA D 110 -7.33 -5.71 -3.13
CA ALA D 110 -6.33 -6.55 -3.77
C ALA D 110 -6.92 -7.90 -4.16
N LEU D 111 -8.24 -8.02 -4.21
CA LEU D 111 -8.88 -9.25 -4.60
C LEU D 111 -8.61 -9.58 -6.06
N GLU D 112 -8.62 -10.87 -6.38
CA GLU D 112 -8.43 -11.36 -7.74
C GLU D 112 -9.71 -12.09 -8.14
N GLN D 113 -10.58 -11.40 -8.87
CA GLN D 113 -11.88 -11.94 -9.24
C GLN D 113 -11.84 -12.49 -10.67
N GLN D 114 -12.35 -13.70 -10.84
CA GLN D 114 -12.54 -14.31 -12.14
C GLN D 114 -14.01 -14.65 -12.32
N SER D 115 -14.35 -15.08 -13.54
CA SER D 115 -15.73 -15.45 -13.86
C SER D 115 -15.85 -16.96 -14.04
N PRO D 116 -17.02 -17.53 -13.75
CA PRO D 116 -17.26 -18.98 -13.93
C PRO D 116 -17.51 -19.35 -15.39
N GLN D 136 -7.92 -29.86 2.45
CA GLN D 136 -7.95 -30.82 3.54
C GLN D 136 -7.99 -30.11 4.90
N GLY D 137 -8.45 -30.84 5.91
CA GLY D 137 -8.56 -30.29 7.24
C GLY D 137 -9.60 -31.03 8.05
N LEU D 138 -9.63 -30.72 9.34
CA LEU D 138 -10.55 -31.33 10.28
C LEU D 138 -11.48 -30.28 10.88
N MET D 139 -12.70 -30.71 11.21
CA MET D 139 -13.71 -29.83 11.80
C MET D 139 -14.43 -30.57 12.92
N PHE D 140 -14.86 -29.82 13.93
CA PHE D 140 -15.53 -30.37 15.10
C PHE D 140 -16.92 -29.76 15.27
N GLY D 141 -17.70 -30.41 16.12
CA GLY D 141 -19.01 -29.90 16.52
C GLY D 141 -19.28 -30.29 17.95
N TYR D 142 -20.06 -29.48 18.65
CA TYR D 142 -20.21 -29.65 20.09
C TYR D 142 -21.49 -28.99 20.57
N ALA D 143 -22.07 -29.56 21.63
CA ALA D 143 -23.23 -28.99 22.30
C ALA D 143 -23.25 -29.51 23.73
N THR D 144 -23.94 -28.79 24.60
CA THR D 144 -24.06 -29.19 26.00
C THR D 144 -25.32 -28.57 26.59
N ASP D 145 -26.02 -29.35 27.41
CA ASP D 145 -27.33 -28.95 27.92
C ASP D 145 -27.26 -28.00 29.11
N GLU D 146 -26.12 -27.36 29.37
CA GLU D 146 -26.03 -26.48 30.53
C GLU D 146 -26.78 -25.16 30.31
N THR D 147 -27.11 -24.82 29.06
CA THR D 147 -27.93 -23.66 28.76
C THR D 147 -28.88 -24.03 27.63
N GLU D 148 -29.95 -23.24 27.49
CA GLU D 148 -30.95 -23.55 26.47
C GLU D 148 -30.39 -23.42 25.06
N GLU D 149 -29.40 -22.55 24.86
CA GLU D 149 -28.73 -22.45 23.57
C GLU D 149 -27.88 -23.68 23.26
N CYS D 150 -27.79 -24.64 24.18
CA CYS D 150 -26.91 -25.80 24.05
C CYS D 150 -25.45 -25.39 23.89
N MET D 151 -25.07 -24.31 24.56
CA MET D 151 -23.72 -23.77 24.52
C MET D 151 -23.17 -23.62 25.93
N PRO D 152 -21.85 -23.59 26.09
CA PRO D 152 -21.28 -23.39 27.43
C PRO D 152 -21.68 -22.04 28.00
N LEU D 153 -21.87 -22.00 29.33
CA LEU D 153 -22.29 -20.77 29.97
C LEU D 153 -21.23 -19.68 29.86
N THR D 154 -19.95 -20.06 29.89
CA THR D 154 -18.88 -19.06 29.84
C THR D 154 -18.92 -18.27 28.54
N ILE D 155 -18.98 -18.97 27.40
CA ILE D 155 -18.97 -18.27 26.11
C ILE D 155 -20.29 -17.53 25.89
N VAL D 156 -21.40 -18.05 26.43
CA VAL D 156 -22.69 -17.40 26.23
C VAL D 156 -22.75 -16.09 26.99
N LEU D 157 -22.33 -16.10 28.26
CA LEU D 157 -22.32 -14.87 29.04
C LEU D 157 -21.38 -13.83 28.44
N ALA D 158 -20.20 -14.26 28.00
CA ALA D 158 -19.25 -13.33 27.39
C ALA D 158 -19.81 -12.75 26.10
N HIS D 159 -20.54 -13.54 25.32
CA HIS D 159 -21.12 -13.04 24.08
C HIS D 159 -22.15 -11.95 24.36
N LYS D 160 -23.09 -12.22 25.27
CA LYS D 160 -24.18 -11.28 25.54
C LYS D 160 -23.70 -10.03 26.26
N LEU D 161 -22.55 -10.09 26.94
CA LEU D 161 -21.99 -8.89 27.56
C LEU D 161 -21.55 -7.89 26.51
N ASN D 162 -20.84 -8.36 25.48
CA ASN D 162 -20.46 -7.46 24.38
C ASN D 162 -21.69 -6.96 23.63
N ALA D 163 -22.75 -7.76 23.58
CA ALA D 163 -24.00 -7.28 22.99
C ALA D 163 -24.59 -6.16 23.83
N LYS D 164 -24.70 -6.37 25.14
CA LYS D 164 -25.24 -5.34 26.02
C LYS D 164 -24.45 -4.04 25.92
N LEU D 165 -23.12 -4.13 25.82
CA LEU D 165 -22.31 -2.94 25.64
C LEU D 165 -22.68 -2.21 24.36
N ALA D 166 -22.91 -2.96 23.27
CA ALA D 166 -23.22 -2.34 21.99
C ALA D 166 -24.57 -1.61 22.03
N GLU D 167 -25.53 -2.11 22.79
CA GLU D 167 -26.85 -1.49 22.79
C GLU D 167 -26.89 -0.28 23.71
N LEU D 168 -26.23 -0.35 24.87
CA LEU D 168 -26.13 0.83 25.73
C LEU D 168 -25.36 1.95 25.05
N ARG D 169 -24.49 1.63 24.10
CA ARG D 169 -23.85 2.64 23.28
C ARG D 169 -24.79 3.14 22.18
N ARG D 170 -25.56 2.23 21.59
CA ARG D 170 -26.41 2.55 20.44
C ARG D 170 -27.78 3.11 20.82
N ASN D 171 -28.01 3.42 22.11
CA ASN D 171 -29.27 4.08 22.47
C ASN D 171 -29.05 5.23 23.46
N GLY D 172 -27.82 5.72 23.60
CA GLY D 172 -27.54 6.92 24.37
C GLY D 172 -27.46 6.74 25.87
N THR D 173 -27.76 5.55 26.40
CA THR D 173 -27.73 5.36 27.85
C THR D 173 -26.34 5.63 28.41
N LEU D 174 -25.31 5.10 27.76
CA LEU D 174 -23.92 5.34 28.11
C LEU D 174 -23.22 5.86 26.86
N PRO D 175 -23.31 7.17 26.59
CA PRO D 175 -22.76 7.71 25.33
C PRO D 175 -21.25 7.67 25.25
N TRP D 176 -20.55 7.38 26.35
CA TRP D 176 -19.10 7.33 26.31
C TRP D 176 -18.55 6.01 25.78
N LEU D 177 -19.41 5.01 25.57
CA LEU D 177 -18.95 3.73 25.04
C LEU D 177 -18.53 3.85 23.59
N ARG D 178 -17.53 3.06 23.21
CA ARG D 178 -17.01 2.97 21.86
C ARG D 178 -17.11 1.53 21.38
N PRO D 179 -17.02 1.28 20.06
CA PRO D 179 -17.27 -0.07 19.55
C PRO D 179 -16.32 -1.14 20.05
N ASP D 180 -15.07 -0.78 20.35
CA ASP D 180 -14.05 -1.76 20.71
C ASP D 180 -14.28 -2.25 22.14
N SER D 181 -14.52 -3.55 22.30
CA SER D 181 -14.79 -4.12 23.61
C SER D 181 -14.32 -5.57 23.66
N LYS D 182 -13.95 -6.01 24.87
CA LYS D 182 -13.58 -7.39 25.14
C LYS D 182 -14.17 -7.80 26.48
N THR D 183 -14.63 -9.05 26.56
CA THR D 183 -15.19 -9.59 27.80
C THR D 183 -14.61 -10.96 28.06
N GLN D 184 -14.54 -11.33 29.34
CA GLN D 184 -14.03 -12.63 29.74
C GLN D 184 -14.79 -13.10 30.97
N VAL D 185 -15.25 -14.36 30.95
CA VAL D 185 -16.09 -14.91 32.00
C VAL D 185 -15.46 -16.20 32.50
N THR D 186 -15.36 -16.34 33.82
CA THR D 186 -14.87 -17.55 34.46
C THR D 186 -15.97 -18.07 35.38
N VAL D 187 -16.35 -19.34 35.18
CA VAL D 187 -17.47 -19.94 35.90
C VAL D 187 -16.97 -21.17 36.65
N GLN D 188 -17.43 -21.32 37.89
CA GLN D 188 -17.18 -22.52 38.68
C GLN D 188 -18.22 -23.57 38.34
N TYR D 189 -17.77 -24.79 38.08
CA TYR D 189 -18.62 -25.87 37.59
C TYR D 189 -18.69 -27.01 38.60
N MET D 190 -19.40 -28.07 38.20
CA MET D 190 -19.53 -29.27 39.00
C MET D 190 -19.55 -30.48 38.07
N GLN D 191 -18.88 -31.55 38.49
CA GLN D 191 -18.78 -32.76 37.67
C GLN D 191 -20.01 -33.63 37.87
N ASP D 192 -20.61 -34.09 36.77
CA ASP D 192 -21.79 -34.95 36.81
C ASP D 192 -21.61 -36.10 35.81
N ARG D 193 -20.66 -36.99 36.13
CA ARG D 193 -20.43 -38.21 35.34
C ARG D 193 -20.12 -37.88 33.89
N GLY D 194 -19.24 -36.91 33.69
CA GLY D 194 -18.93 -36.42 32.37
C GLY D 194 -19.81 -35.29 31.89
N ALA D 195 -20.81 -34.89 32.67
CA ALA D 195 -21.64 -33.73 32.37
C ALA D 195 -21.25 -32.59 33.30
N VAL D 196 -21.24 -31.37 32.76
CA VAL D 196 -20.81 -30.19 33.49
C VAL D 196 -22.02 -29.49 34.06
N LEU D 197 -21.86 -28.92 35.26
CA LEU D 197 -22.95 -28.28 35.98
C LEU D 197 -22.47 -26.96 36.60
N PRO D 198 -22.91 -25.82 36.08
CA PRO D 198 -22.38 -24.54 36.56
C PRO D 198 -22.92 -24.19 37.94
N ILE D 199 -22.04 -23.62 38.77
CA ILE D 199 -22.38 -23.25 40.15
C ILE D 199 -22.50 -21.73 40.30
N ARG D 200 -21.45 -20.99 39.96
CA ARG D 200 -21.44 -19.55 40.11
C ARG D 200 -20.42 -18.95 39.14
N VAL D 201 -20.47 -17.64 39.01
CA VAL D 201 -19.53 -16.90 38.17
C VAL D 201 -18.35 -16.50 39.03
N HIS D 202 -17.16 -16.97 38.65
CA HIS D 202 -15.96 -16.71 39.44
C HIS D 202 -15.40 -15.32 39.16
N THR D 203 -15.08 -15.03 37.90
CA THR D 203 -14.46 -13.77 37.53
C THR D 203 -15.09 -13.25 36.25
N ILE D 204 -15.29 -11.93 36.19
CA ILE D 204 -15.77 -11.26 34.98
C ILE D 204 -14.80 -10.14 34.63
N VAL D 205 -14.37 -10.10 33.38
CA VAL D 205 -13.53 -9.03 32.87
C VAL D 205 -14.29 -8.28 31.80
N ILE D 206 -14.23 -6.95 31.84
CA ILE D 206 -14.82 -6.10 30.80
C ILE D 206 -13.83 -5.00 30.49
N SER D 207 -13.41 -4.91 29.22
CA SER D 207 -12.58 -3.81 28.73
C SER D 207 -13.27 -3.24 27.50
N VAL D 208 -13.75 -2.01 27.60
CA VAL D 208 -14.47 -1.36 26.51
C VAL D 208 -13.84 0.00 26.25
N GLN D 209 -13.73 0.37 24.97
CA GLN D 209 -13.17 1.65 24.59
C GLN D 209 -14.13 2.78 24.96
N HIS D 210 -13.56 3.93 25.33
CA HIS D 210 -14.35 5.04 25.86
C HIS D 210 -13.75 6.36 25.40
N ASP D 211 -14.46 7.45 25.67
CA ASP D 211 -13.99 8.78 25.30
C ASP D 211 -13.10 9.34 26.42
N GLU D 212 -12.72 10.61 26.28
CA GLU D 212 -11.81 11.26 27.22
C GLU D 212 -12.53 12.11 28.25
N GLU D 213 -13.83 11.88 28.46
CA GLU D 213 -14.63 12.67 29.40
C GLU D 213 -14.85 11.94 30.72
N VAL D 214 -15.38 10.72 30.66
CA VAL D 214 -15.83 10.02 31.85
C VAL D 214 -14.64 9.44 32.61
N CYS D 215 -14.71 9.46 33.93
CA CYS D 215 -13.68 8.89 34.78
C CYS D 215 -13.88 7.39 34.93
N LEU D 216 -12.91 6.74 35.59
CA LEU D 216 -12.96 5.29 35.75
C LEU D 216 -14.11 4.86 36.66
N ASP D 217 -14.38 5.64 37.71
CA ASP D 217 -15.38 5.22 38.69
C ASP D 217 -16.78 5.21 38.11
N GLU D 218 -17.11 6.23 37.30
CA GLU D 218 -18.41 6.22 36.63
C GLU D 218 -18.50 5.09 35.61
N MET D 219 -17.38 4.79 34.94
CA MET D 219 -17.38 3.67 34.00
C MET D 219 -17.53 2.34 34.71
N ARG D 220 -16.71 2.12 35.75
CA ARG D 220 -16.69 0.82 36.40
C ARG D 220 -18.00 0.49 37.11
N ASP D 221 -18.71 1.51 37.60
CA ASP D 221 -19.99 1.25 38.24
C ASP D 221 -21.07 0.91 37.23
N ALA D 222 -21.13 1.65 36.13
CA ALA D 222 -22.09 1.34 35.07
C ALA D 222 -21.81 -0.03 34.45
N LEU D 223 -20.55 -0.46 34.47
CA LEU D 223 -20.21 -1.77 33.91
C LEU D 223 -20.65 -2.93 34.80
N LYS D 224 -21.04 -2.67 36.05
CA LYS D 224 -21.57 -3.71 36.92
C LYS D 224 -23.09 -3.66 36.98
N GLU D 225 -23.65 -2.51 37.33
CA GLU D 225 -25.10 -2.39 37.48
C GLU D 225 -25.80 -2.42 36.12
N LYS D 226 -25.40 -1.53 35.21
CA LYS D 226 -26.08 -1.41 33.93
C LYS D 226 -25.67 -2.47 32.93
N VAL D 227 -24.53 -3.14 33.14
CA VAL D 227 -24.02 -4.09 32.17
C VAL D 227 -24.13 -5.52 32.70
N ILE D 228 -23.37 -5.84 33.73
CA ILE D 228 -23.30 -7.23 34.21
C ILE D 228 -24.62 -7.66 34.81
N LYS D 229 -25.22 -6.83 35.66
CA LYS D 229 -26.45 -7.21 36.32
C LYS D 229 -27.62 -7.34 35.36
N ALA D 230 -27.52 -6.76 34.16
CA ALA D 230 -28.56 -6.89 33.15
C ALA D 230 -28.37 -8.12 32.27
N VAL D 231 -27.22 -8.80 32.36
CA VAL D 231 -26.88 -9.92 31.50
C VAL D 231 -26.74 -11.21 32.30
N VAL D 232 -25.95 -11.18 33.36
CA VAL D 232 -25.65 -12.37 34.16
C VAL D 232 -26.75 -12.55 35.18
N PRO D 233 -27.42 -13.69 35.23
CA PRO D 233 -28.47 -13.90 36.24
C PRO D 233 -27.91 -13.77 37.65
N ALA D 234 -28.69 -13.09 38.51
CA ALA D 234 -28.23 -12.80 39.87
C ALA D 234 -27.94 -14.05 40.67
N LYS D 235 -28.50 -15.20 40.28
CA LYS D 235 -28.20 -16.43 40.98
C LYS D 235 -26.75 -16.88 40.81
N TYR D 236 -26.09 -16.42 39.75
CA TYR D 236 -24.70 -16.76 39.52
C TYR D 236 -23.72 -15.77 40.13
N LEU D 237 -24.21 -14.66 40.69
CA LEU D 237 -23.36 -13.63 41.26
C LEU D 237 -23.52 -13.62 42.78
N ASP D 238 -22.42 -13.32 43.47
CA ASP D 238 -22.41 -13.28 44.92
C ASP D 238 -21.32 -12.31 45.37
N GLU D 239 -21.07 -12.27 46.68
CA GLU D 239 -20.12 -11.32 47.25
C GLU D 239 -18.67 -11.69 46.99
N ASP D 240 -18.38 -12.95 46.64
CA ASP D 240 -17.01 -13.35 46.37
C ASP D 240 -16.57 -13.05 44.94
N THR D 241 -17.53 -12.80 44.03
CA THR D 241 -17.25 -12.62 42.61
C THR D 241 -16.22 -11.53 42.40
N ILE D 242 -15.21 -11.83 41.58
CA ILE D 242 -14.14 -10.88 41.26
C ILE D 242 -14.49 -10.15 39.98
N TYR D 243 -14.35 -8.83 39.99
CA TYR D 243 -14.61 -7.98 38.83
C TYR D 243 -13.32 -7.27 38.42
N HIS D 244 -12.91 -7.47 37.17
CA HIS D 244 -11.80 -6.73 36.57
C HIS D 244 -12.41 -5.83 35.49
N LEU D 245 -12.90 -4.66 35.91
CA LEU D 245 -13.60 -3.74 35.03
C LEU D 245 -12.67 -2.58 34.69
N GLN D 246 -12.43 -2.38 33.40
CA GLN D 246 -11.43 -1.45 32.90
C GLN D 246 -10.08 -1.63 33.62
N PRO D 247 -9.54 -2.86 33.66
CA PRO D 247 -8.31 -3.07 34.43
C PRO D 247 -7.10 -2.34 33.85
N SER D 248 -7.16 -1.96 32.58
CA SER D 248 -6.03 -1.26 31.97
C SER D 248 -5.94 0.18 32.45
N GLY D 249 -7.05 0.78 32.87
CA GLY D 249 -7.03 2.14 33.38
C GLY D 249 -7.49 3.18 32.37
N ARG D 250 -6.92 3.14 31.16
CA ARG D 250 -7.25 4.10 30.12
C ARG D 250 -7.44 3.34 28.81
N PHE D 251 -8.65 3.41 28.25
CA PHE D 251 -8.98 2.71 27.01
C PHE D 251 -9.62 3.69 26.03
N VAL D 252 -8.86 4.74 25.69
CA VAL D 252 -9.31 5.72 24.72
C VAL D 252 -8.89 5.33 23.31
N ILE D 253 -7.64 4.95 23.13
CA ILE D 253 -7.14 4.50 21.84
C ILE D 253 -7.52 3.04 21.64
N GLY D 254 -8.33 2.76 20.62
CA GLY D 254 -8.77 1.41 20.35
C GLY D 254 -8.99 1.15 18.88
N GLY D 255 -9.73 0.08 18.57
CA GLY D 255 -10.02 -0.28 17.20
C GLY D 255 -8.76 -0.62 16.42
N PRO D 256 -8.81 -0.43 15.10
CA PRO D 256 -7.63 -0.72 14.27
C PRO D 256 -6.42 0.15 14.58
N GLN D 257 -6.62 1.31 15.21
CA GLN D 257 -5.49 2.18 15.52
C GLN D 257 -4.62 1.58 16.63
N GLY D 258 -5.25 0.94 17.61
CA GLY D 258 -4.52 0.40 18.74
C GLY D 258 -3.96 -0.98 18.51
N ASP D 259 -4.51 -1.70 17.53
CA ASP D 259 -4.10 -3.07 17.26
C ASP D 259 -4.55 -3.45 15.86
N ALA D 260 -3.66 -4.09 15.12
CA ALA D 260 -4.00 -4.55 13.77
C ALA D 260 -4.98 -5.71 13.84
N GLY D 261 -5.89 -5.76 12.87
CA GLY D 261 -6.90 -6.80 12.81
C GLY D 261 -6.76 -7.63 11.56
N LEU D 262 -7.04 -8.92 11.68
CA LEU D 262 -6.98 -9.85 10.55
C LEU D 262 -8.20 -10.75 10.59
N THR D 263 -8.61 -11.22 9.42
CA THR D 263 -9.70 -12.18 9.34
C THR D 263 -9.27 -13.53 9.91
N GLY D 264 -10.16 -14.15 10.69
CA GLY D 264 -9.89 -15.48 11.20
C GLY D 264 -8.95 -15.54 12.38
N ARG D 265 -8.88 -14.47 13.18
CA ARG D 265 -8.05 -14.45 14.37
C ARG D 265 -8.87 -14.51 15.65
N LYS D 266 -10.10 -15.00 15.57
CA LYS D 266 -10.99 -15.17 16.72
C LYS D 266 -11.83 -16.42 16.54
N ILE D 267 -11.17 -17.53 16.17
CA ILE D 267 -11.90 -18.74 15.82
C ILE D 267 -12.45 -19.45 17.05
N ILE D 268 -11.88 -19.20 18.24
CA ILE D 268 -12.43 -19.78 19.45
C ILE D 268 -13.61 -18.96 19.95
N VAL D 269 -13.52 -17.63 19.83
CA VAL D 269 -14.67 -16.77 20.09
C VAL D 269 -15.81 -17.15 19.15
N ASP D 270 -15.49 -17.48 17.90
CA ASP D 270 -16.49 -17.83 16.90
C ASP D 270 -17.21 -19.14 17.20
N THR D 271 -16.64 -20.00 18.06
CA THR D 271 -17.15 -21.34 18.22
C THR D 271 -17.55 -21.56 19.67
N TYR D 272 -16.74 -22.24 20.47
CA TYR D 272 -17.19 -22.74 21.77
C TYR D 272 -16.40 -22.17 22.95
N GLY D 273 -15.59 -21.13 22.74
CA GLY D 273 -14.92 -20.48 23.85
C GLY D 273 -13.98 -21.35 24.63
N GLY D 274 -13.36 -22.34 23.98
CA GLY D 274 -12.42 -23.24 24.63
C GLY D 274 -12.97 -24.62 24.87
N TRP D 275 -14.29 -24.79 24.87
CA TRP D 275 -14.88 -26.10 25.07
C TRP D 275 -14.84 -26.90 23.76
N GLY D 276 -15.09 -28.20 23.89
CA GLY D 276 -15.08 -29.07 22.72
C GLY D 276 -13.68 -29.16 22.13
N ALA D 277 -13.59 -28.94 20.82
CA ALA D 277 -12.32 -28.98 20.10
C ALA D 277 -12.43 -28.07 18.88
N HIS D 278 -11.32 -27.93 18.18
CA HIS D 278 -11.29 -27.12 16.97
C HIS D 278 -10.27 -27.68 16.00
N GLY D 279 -10.62 -27.70 14.72
CA GLY D 279 -9.76 -28.26 13.69
C GLY D 279 -8.73 -27.28 13.15
N GLY D 280 -9.06 -25.99 13.14
CA GLY D 280 -8.12 -24.98 12.71
C GLY D 280 -8.66 -23.99 11.70
N GLY D 281 -9.77 -24.31 11.06
CA GLY D 281 -10.29 -23.47 9.99
C GLY D 281 -11.08 -22.29 10.52
N ALA D 282 -10.92 -21.15 9.85
CA ALA D 282 -11.70 -19.95 10.13
C ALA D 282 -12.94 -19.92 9.24
N PHE D 283 -13.94 -19.16 9.68
CA PHE D 283 -15.24 -19.13 9.03
C PHE D 283 -15.39 -17.97 8.05
N SER D 284 -15.25 -16.73 8.53
CA SER D 284 -15.62 -15.56 7.75
C SER D 284 -14.77 -15.44 6.49
N GLY D 285 -15.39 -14.91 5.44
CA GLY D 285 -14.73 -14.73 4.17
C GLY D 285 -14.76 -15.93 3.25
N LYS D 286 -15.35 -17.04 3.67
CA LYS D 286 -15.40 -18.27 2.89
C LYS D 286 -16.85 -18.63 2.58
N ASP D 287 -17.11 -18.99 1.34
CA ASP D 287 -18.46 -19.38 0.93
C ASP D 287 -18.76 -20.81 1.41
N TYR D 288 -19.94 -21.29 1.03
CA TYR D 288 -20.42 -22.59 1.52
C TYR D 288 -19.60 -23.76 0.99
N THR D 289 -18.96 -23.61 -0.17
CA THR D 289 -18.18 -24.71 -0.72
C THR D 289 -16.98 -25.06 0.14
N LYS D 290 -16.55 -24.16 1.02
CA LYS D 290 -15.49 -24.45 1.98
C LYS D 290 -16.09 -25.26 3.13
N VAL D 291 -15.85 -26.58 3.11
CA VAL D 291 -16.30 -27.43 4.20
C VAL D 291 -15.62 -27.08 5.52
N ASP D 292 -14.60 -26.22 5.49
CA ASP D 292 -14.11 -25.58 6.70
C ASP D 292 -15.25 -24.90 7.45
N ARG D 293 -16.18 -24.31 6.71
CA ARG D 293 -17.32 -23.60 7.28
C ARG D 293 -18.62 -24.39 7.22
N SER D 294 -18.91 -25.04 6.08
CA SER D 294 -20.19 -25.71 5.92
C SER D 294 -20.27 -26.98 6.76
N ALA D 295 -19.29 -27.88 6.60
CA ALA D 295 -19.29 -29.12 7.37
C ALA D 295 -19.14 -28.85 8.86
N ALA D 296 -18.41 -27.78 9.23
CA ALA D 296 -18.35 -27.39 10.63
C ALA D 296 -19.69 -26.83 11.11
N TYR D 297 -20.49 -26.29 10.20
CA TYR D 297 -21.86 -25.93 10.55
C TYR D 297 -22.74 -27.17 10.71
N ALA D 298 -22.47 -28.22 9.92
CA ALA D 298 -23.22 -29.46 10.06
C ALA D 298 -22.81 -30.23 11.31
N ALA D 299 -21.53 -30.17 11.69
CA ALA D 299 -21.09 -30.80 12.92
C ALA D 299 -21.81 -30.21 14.12
N ARG D 300 -21.96 -28.89 14.15
CA ARG D 300 -22.79 -28.26 15.18
C ARG D 300 -24.24 -28.71 15.06
N TRP D 301 -24.73 -28.89 13.83
CA TRP D 301 -26.09 -29.37 13.63
C TRP D 301 -26.25 -30.79 14.16
N VAL D 302 -25.32 -31.67 13.83
CA VAL D 302 -25.41 -33.06 14.27
C VAL D 302 -25.24 -33.15 15.78
N ALA D 303 -24.22 -32.49 16.32
CA ALA D 303 -23.96 -32.56 17.75
C ALA D 303 -25.14 -32.03 18.56
N LYS D 304 -25.71 -30.90 18.14
CA LYS D 304 -26.89 -30.39 18.82
C LYS D 304 -28.08 -31.31 18.63
N SER D 305 -28.19 -31.95 17.45
CA SER D 305 -29.30 -32.88 17.23
C SER D 305 -29.19 -34.09 18.16
N LEU D 306 -27.98 -34.62 18.33
CA LEU D 306 -27.80 -35.80 19.19
C LEU D 306 -27.99 -35.45 20.66
N VAL D 307 -27.71 -34.21 21.05
CA VAL D 307 -27.97 -33.78 22.42
C VAL D 307 -29.42 -33.31 22.61
N LYS D 308 -30.04 -32.75 21.57
CA LYS D 308 -31.47 -32.44 21.66
C LYS D 308 -32.34 -33.68 21.46
N GLY D 309 -31.80 -34.74 20.87
CA GLY D 309 -32.55 -35.96 20.67
C GLY D 309 -32.30 -37.00 21.75
N GLY D 310 -31.95 -36.54 22.95
CA GLY D 310 -31.81 -37.44 24.07
C GLY D 310 -30.47 -38.12 24.21
N LEU D 311 -29.91 -38.55 23.09
CA LEU D 311 -28.76 -39.47 23.10
C LEU D 311 -27.66 -39.01 24.03
N CYS D 312 -27.40 -37.71 24.10
CA CYS D 312 -26.35 -37.18 24.96
C CYS D 312 -26.86 -35.94 25.69
N ARG D 313 -26.06 -35.49 26.65
CA ARG D 313 -26.24 -34.23 27.33
C ARG D 313 -25.08 -33.29 27.05
N ARG D 314 -24.08 -33.74 26.29
CA ARG D 314 -22.85 -33.05 25.99
C ARG D 314 -21.98 -34.00 25.16
N VAL D 315 -21.74 -33.69 23.89
CA VAL D 315 -21.10 -34.63 22.98
C VAL D 315 -20.30 -33.87 21.93
N LEU D 316 -19.28 -34.54 21.38
CA LEU D 316 -18.39 -33.98 20.37
C LEU D 316 -18.52 -34.78 19.09
N VAL D 317 -18.15 -34.16 17.97
CA VAL D 317 -18.18 -34.80 16.65
C VAL D 317 -16.87 -34.46 15.93
N GLN D 318 -16.36 -35.41 15.15
CA GLN D 318 -15.09 -35.26 14.45
C GLN D 318 -15.22 -35.73 13.01
N VAL D 319 -14.85 -34.88 12.06
CA VAL D 319 -14.76 -35.25 10.64
C VAL D 319 -13.55 -34.55 10.03
N SER D 320 -12.99 -35.16 8.99
CA SER D 320 -11.91 -34.54 8.22
C SER D 320 -11.98 -35.04 6.78
N TYR D 321 -11.34 -34.30 5.88
CA TYR D 321 -11.36 -34.60 4.46
C TYR D 321 -9.97 -34.42 3.89
N ALA D 322 -9.87 -34.54 2.57
CA ALA D 322 -8.60 -34.38 1.85
C ALA D 322 -8.77 -33.46 0.65
N ILE D 331 -14.07 -39.52 10.46
CA ILE D 331 -15.36 -39.54 11.13
C ILE D 331 -15.24 -40.31 12.45
N SER D 332 -15.44 -39.59 13.56
CA SER D 332 -15.35 -40.16 14.89
C SER D 332 -16.50 -39.61 15.73
N ILE D 333 -16.41 -39.83 17.05
CA ILE D 333 -17.33 -39.22 18.01
C ILE D 333 -16.88 -39.55 19.43
N PHE D 334 -16.83 -38.52 20.28
CA PHE D 334 -16.59 -38.65 21.71
C PHE D 334 -17.84 -38.20 22.44
N HIS D 335 -18.30 -39.00 23.41
CA HIS D 335 -19.52 -38.66 24.12
C HIS D 335 -19.32 -38.44 25.62
N TYR D 336 -18.07 -38.32 26.08
CA TYR D 336 -17.75 -37.88 27.44
C TYR D 336 -18.37 -38.79 28.51
N GLY D 337 -18.62 -40.04 28.16
CA GLY D 337 -19.17 -40.99 29.12
C GLY D 337 -20.59 -40.72 29.56
N THR D 338 -21.30 -39.80 28.90
CA THR D 338 -22.68 -39.49 29.25
C THR D 338 -23.66 -40.02 28.20
N SER D 339 -23.26 -41.04 27.44
CA SER D 339 -24.14 -41.69 26.48
C SER D 339 -24.54 -43.06 27.04
N GLN D 340 -25.84 -43.36 26.95
CA GLN D 340 -26.32 -44.66 27.41
C GLN D 340 -25.89 -45.79 26.47
N LYS D 341 -25.73 -45.49 25.18
CA LYS D 341 -25.36 -46.49 24.19
C LYS D 341 -23.92 -46.28 23.74
N SER D 342 -23.49 -47.09 22.78
CA SER D 342 -22.09 -47.20 22.43
C SER D 342 -21.61 -45.96 21.67
N GLU D 343 -20.28 -45.79 21.65
CA GLU D 343 -19.64 -44.70 20.92
C GLU D 343 -19.58 -44.98 19.43
N ARG D 344 -19.55 -46.24 19.03
CA ARG D 344 -19.59 -46.61 17.62
C ARG D 344 -21.01 -46.98 17.18
N GLU D 345 -21.97 -46.97 18.10
CA GLU D 345 -23.37 -47.15 17.76
C GLU D 345 -24.00 -45.86 17.27
N LEU D 346 -23.71 -44.74 17.95
CA LEU D 346 -24.16 -43.43 17.45
C LEU D 346 -23.61 -43.16 16.05
N LEU D 347 -22.34 -43.52 15.83
CA LEU D 347 -21.70 -43.30 14.53
C LEU D 347 -22.52 -43.91 13.40
N GLU D 348 -23.03 -45.12 13.59
CA GLU D 348 -23.86 -45.81 12.60
C GLU D 348 -25.03 -44.95 12.13
N GLY D 359 -21.00 -32.67 1.55
CA GLY D 359 -21.21 -31.81 0.39
C GLY D 359 -22.67 -31.49 0.15
N VAL D 360 -23.56 -32.26 0.79
CA VAL D 360 -24.99 -32.02 0.68
C VAL D 360 -25.50 -31.13 1.81
N ILE D 361 -24.62 -30.67 2.70
CA ILE D 361 -25.00 -29.75 3.77
C ILE D 361 -25.62 -28.49 3.20
N VAL D 362 -25.16 -28.07 2.00
CA VAL D 362 -25.60 -26.80 1.42
C VAL D 362 -27.10 -26.79 1.18
N ARG D 363 -27.69 -27.95 0.85
CA ARG D 363 -29.11 -27.99 0.52
C ARG D 363 -29.97 -27.96 1.78
N ASP D 364 -29.61 -28.76 2.78
CA ASP D 364 -30.45 -28.90 3.96
C ASP D 364 -30.44 -27.64 4.83
N LEU D 365 -29.36 -26.86 4.79
CA LEU D 365 -29.20 -25.72 5.68
C LEU D 365 -29.33 -24.39 4.95
N ASP D 366 -29.68 -24.40 3.66
CA ASP D 366 -29.91 -23.17 2.90
C ASP D 366 -28.69 -22.25 2.93
N LEU D 367 -27.53 -22.84 2.63
CA LEU D 367 -26.25 -22.16 2.80
C LEU D 367 -25.90 -21.23 1.64
N LYS D 368 -26.77 -21.08 0.65
CA LYS D 368 -26.52 -20.14 -0.43
C LYS D 368 -27.13 -18.77 -0.18
N LYS D 369 -27.86 -18.61 0.92
CA LYS D 369 -28.45 -17.32 1.25
C LYS D 369 -27.40 -16.39 1.86
N PRO D 370 -27.50 -15.08 1.58
CA PRO D 370 -26.56 -14.10 2.16
C PRO D 370 -26.85 -13.84 3.64
N ILE D 371 -26.48 -14.79 4.48
CA ILE D 371 -26.82 -14.77 5.90
C ILE D 371 -25.57 -14.80 6.79
N TYR D 372 -24.41 -14.45 6.24
CA TYR D 372 -23.16 -14.73 6.91
C TYR D 372 -22.59 -13.56 7.69
N GLN D 373 -22.94 -12.31 7.34
CA GLN D 373 -22.47 -11.19 8.14
C GLN D 373 -23.09 -11.19 9.53
N ARG D 374 -24.29 -11.77 9.66
CA ARG D 374 -24.89 -11.93 10.99
C ARG D 374 -24.04 -12.83 11.88
N THR D 375 -23.35 -13.80 11.29
CA THR D 375 -22.58 -14.76 12.07
C THR D 375 -21.20 -14.22 12.46
N ALA D 376 -20.73 -13.16 11.82
CA ALA D 376 -19.36 -12.71 11.99
C ALA D 376 -19.09 -12.08 13.36
N ALA D 377 -20.10 -11.91 14.20
CA ALA D 377 -19.89 -11.38 15.54
C ALA D 377 -20.88 -12.04 16.48
N TYR D 378 -20.50 -12.09 17.77
CA TYR D 378 -21.29 -12.68 18.85
C TYR D 378 -21.40 -14.20 18.73
N GLY D 379 -20.54 -14.84 17.95
CA GLY D 379 -20.51 -16.28 17.86
C GLY D 379 -21.35 -16.85 16.73
N HIS D 380 -20.85 -17.91 16.09
CA HIS D 380 -21.58 -18.56 15.02
C HIS D 380 -22.56 -19.60 15.54
N PHE D 381 -22.43 -20.01 16.79
CA PHE D 381 -23.28 -21.04 17.39
C PHE D 381 -23.94 -20.48 18.64
N GLY D 382 -25.18 -20.87 18.87
CA GLY D 382 -25.91 -20.47 20.06
C GLY D 382 -26.92 -19.35 19.86
N ARG D 383 -27.37 -19.10 18.64
CA ARG D 383 -28.39 -18.09 18.38
C ARG D 383 -29.48 -18.72 17.53
N ASP D 384 -30.74 -18.49 17.92
CA ASP D 384 -31.87 -19.20 17.31
C ASP D 384 -32.03 -18.86 15.83
N SER D 385 -31.43 -17.77 15.36
CA SER D 385 -31.72 -17.25 14.03
C SER D 385 -31.12 -18.09 12.92
N PHE D 386 -30.24 -19.06 13.23
CA PHE D 386 -29.52 -19.65 12.12
C PHE D 386 -30.01 -21.06 11.83
N PRO D 387 -29.93 -21.51 10.57
CA PRO D 387 -30.41 -22.87 10.23
C PRO D 387 -29.80 -23.96 11.08
N TRP D 388 -28.47 -24.01 11.19
CA TRP D 388 -27.81 -25.08 11.94
C TRP D 388 -28.13 -25.08 13.42
N GLU D 389 -28.76 -24.02 13.93
CA GLU D 389 -29.21 -23.98 15.32
C GLU D 389 -30.63 -24.51 15.48
N VAL D 390 -31.13 -25.26 14.49
CA VAL D 390 -32.44 -25.89 14.57
C VAL D 390 -32.24 -27.40 14.45
N PRO D 391 -32.53 -28.17 15.50
CA PRO D 391 -32.25 -29.62 15.45
C PRO D 391 -33.29 -30.37 14.65
N LYS D 392 -32.83 -31.38 13.92
CA LYS D 392 -33.72 -32.22 13.13
C LYS D 392 -34.25 -33.39 13.95
N SAM E . 15.20 6.67 -9.27
CA SAM E . 16.66 6.81 -9.27
C SAM E . 17.27 6.65 -7.88
O SAM E . 16.89 5.75 -7.13
OXT SAM E . 18.15 7.42 -7.48
CB SAM E . 17.07 8.15 -9.87
CG SAM E . 16.36 8.46 -11.18
SD SAM E . 16.70 7.17 -12.40
CE SAM E . 18.40 7.61 -12.86
C5' SAM E . 15.78 7.78 -13.82
C4' SAM E . 15.69 6.78 -14.97
O4' SAM E . 16.97 6.34 -15.37
C3' SAM E . 14.92 5.52 -14.62
O3' SAM E . 13.55 5.67 -14.93
C2' SAM E . 15.55 4.46 -15.49
O2' SAM E . 14.77 4.25 -16.63
C1' SAM E . 16.90 5.03 -15.90
N9 SAM E . 17.95 4.18 -15.32
C8 SAM E . 17.79 3.35 -14.24
N7 SAM E . 18.96 2.73 -13.99
C5 SAM E . 19.88 3.15 -14.90
C6 SAM E . 21.22 2.84 -15.09
N6 SAM E . 21.81 1.96 -14.28
N1 SAM E . 21.91 3.43 -16.11
C2 SAM E . 21.28 4.34 -16.94
N3 SAM E . 19.95 4.65 -16.74
C4 SAM E . 19.26 4.07 -15.74
C4 7U2 F . 16.78 30.64 -29.69
C5 7U2 F . 17.49 31.52 -30.42
C6 7U2 F . 18.92 31.63 -30.18
N1 7U2 F . 19.47 30.85 -29.26
N3 7U2 F . 17.44 29.89 -28.75
C2 7U2 F . 18.74 30.01 -28.55
CAA 7U2 F . 15.23 30.51 -29.91
CAE 7U2 F . 19.77 32.61 -31.00
CAJ 7U2 F . 18.65 27.99 -27.03
CAK 7U2 F . 18.06 28.27 -25.64
CAL 7U2 F . 17.91 29.11 -24.55
CAM 7U2 F . 17.30 27.86 -24.55
CAN 7U2 F . 16.77 32.36 -31.46
CAP 7U2 F . 14.72 31.18 -31.27
CAQ 7U2 F . 14.40 31.09 -28.69
CAS 7U2 F . 13.77 30.17 -27.05
CAT 7U2 F . 12.64 29.30 -26.42
CAU 7U2 F . 12.96 28.14 -25.72
CAW 7U2 F . 11.95 27.35 -25.15
CAX 7U2 F . 10.62 27.73 -25.29
CAY 7U2 F . 10.29 28.89 -26.00
CAZ 7U2 F . 11.30 29.68 -26.56
CBA 7U2 F . 14.43 28.78 -28.75
CBB 7U2 F . 14.83 29.08 -30.00
FAV 7U2 F . 14.27 27.76 -25.57
NAI 7U2 F . 19.37 29.17 -27.53
NAR 7U2 F . 13.73 30.12 -28.22
OAO 7U2 F . 15.78 31.63 -32.12
N SAM G . -1.30 -5.26 19.77
CA SAM G . -1.17 -4.90 21.18
C SAM G . 0.21 -4.33 21.49
O SAM G . 0.84 -3.69 20.65
OXT SAM G . 0.72 -4.50 22.60
CB SAM G . -1.48 -6.09 22.06
CG SAM G . -2.78 -6.79 21.67
SD SAM G . -4.21 -5.72 22.02
CE SAM G . -3.98 -5.48 23.80
C5' SAM G . -5.56 -6.92 21.97
C4' SAM G . -6.94 -6.28 22.09
O4' SAM G . -7.07 -5.59 23.32
C3' SAM G . -7.23 -5.27 21.00
O3' SAM G . -7.91 -5.87 19.93
C2' SAM G . -8.09 -4.22 21.67
O2' SAM G . -9.45 -4.44 21.35
C1' SAM G . -7.89 -4.44 23.16
N9 SAM G . -7.22 -3.25 23.71
C8 SAM G . -6.44 -2.38 22.99
N7 SAM G . -5.99 -1.42 23.82
C5 SAM G . -6.47 -1.66 25.06
C6 SAM G . -6.32 -0.99 26.27
N6 SAM G . -5.58 0.11 26.33
N1 SAM G . -6.93 -1.48 27.40
C2 SAM G . -7.70 -2.63 27.32
N3 SAM G . -7.85 -3.29 26.12
C4 SAM G . -7.25 -2.82 25.01
#